data_1UL7
#
_entry.id   1UL7
#
_cell.length_a   1.000
_cell.length_b   1.000
_cell.length_c   1.000
_cell.angle_alpha   90.00
_cell.angle_beta   90.00
_cell.angle_gamma   90.00
#
_symmetry.space_group_name_H-M   'P 1'
#
_entity_poly.entity_id   1
_entity_poly.type   'polypeptide(L)'
_entity_poly.pdbx_seq_one_letter_code
;GSSGSSGRFTWSMKTTSSMDPSDMMREIRKVLGANNCDYEQRERFLLFCVHGDGHAENLVQWEMEVCKLPRLSLNGVRFK
RISGTSIAFKNIASKIANELKL
;
_entity_poly.pdbx_strand_id   A
#
# COMPACT_ATOMS: atom_id res chain seq x y z
N GLY A 1 -2.99 34.73 -4.03
CA GLY A 1 -2.14 33.67 -4.56
C GLY A 1 -2.96 32.51 -5.11
N SER A 2 -3.24 31.53 -4.25
CA SER A 2 -4.00 30.36 -4.64
C SER A 2 -4.71 29.75 -3.45
N SER A 3 -5.83 29.08 -3.71
CA SER A 3 -6.62 28.46 -2.66
C SER A 3 -6.24 27.00 -2.49
N GLY A 4 -5.83 26.63 -1.27
CA GLY A 4 -5.43 25.27 -0.99
C GLY A 4 -6.37 24.57 -0.02
N SER A 5 -5.81 24.00 1.03
CA SER A 5 -6.60 23.29 2.03
C SER A 5 -7.49 22.23 1.37
N SER A 6 -6.93 21.51 0.41
CA SER A 6 -7.67 20.47 -0.30
C SER A 6 -7.04 19.11 -0.06
N GLY A 7 -7.84 18.19 0.50
CA GLY A 7 -7.34 16.85 0.78
C GLY A 7 -8.42 15.93 1.28
N ARG A 8 -8.84 15.00 0.44
CA ARG A 8 -9.89 14.04 0.80
C ARG A 8 -9.40 12.61 0.62
N PHE A 9 -10.06 11.68 1.30
CA PHE A 9 -9.69 10.27 1.21
C PHE A 9 -9.91 9.74 -0.20
N THR A 10 -8.87 9.16 -0.78
CA THR A 10 -8.96 8.62 -2.13
C THR A 10 -7.66 7.88 -2.51
N TRP A 11 -7.82 6.68 -3.06
CA TRP A 11 -6.66 5.89 -3.47
C TRP A 11 -6.07 6.40 -4.76
N SER A 12 -4.76 6.65 -4.75
CA SER A 12 -4.07 7.16 -5.94
C SER A 12 -2.66 6.60 -6.02
N MET A 13 -2.30 6.09 -7.19
CA MET A 13 -0.98 5.52 -7.41
C MET A 13 -0.74 5.25 -8.89
N LYS A 14 0.47 4.78 -9.21
CA LYS A 14 0.83 4.47 -10.59
C LYS A 14 1.45 3.08 -10.69
N THR A 15 1.23 2.27 -9.66
CA THR A 15 1.78 0.91 -9.64
C THR A 15 0.87 -0.05 -10.39
N THR A 16 1.42 -0.72 -11.40
CA THR A 16 0.67 -1.67 -12.20
C THR A 16 1.41 -3.00 -12.31
N SER A 17 0.71 -4.09 -12.00
CA SER A 17 1.30 -5.43 -12.08
C SER A 17 0.56 -6.30 -13.09
N SER A 18 1.30 -6.81 -14.06
CA SER A 18 0.72 -7.66 -15.10
C SER A 18 0.49 -9.08 -14.58
N MET A 19 1.22 -9.44 -13.53
CA MET A 19 1.09 -10.76 -12.94
C MET A 19 -0.22 -10.90 -12.17
N ASP A 20 -0.74 -12.11 -12.11
CA ASP A 20 -1.99 -12.37 -11.42
C ASP A 20 -1.96 -11.81 -10.00
N PRO A 21 -3.14 -11.41 -9.49
CA PRO A 21 -3.26 -10.85 -8.14
C PRO A 21 -3.02 -11.88 -7.05
N SER A 22 -3.18 -13.15 -7.40
CA SER A 22 -2.98 -14.24 -6.46
C SER A 22 -1.52 -14.38 -6.08
N ASP A 23 -0.65 -13.96 -6.98
CA ASP A 23 0.80 -14.04 -6.75
C ASP A 23 1.29 -12.81 -6.01
N MET A 24 0.53 -11.72 -6.07
CA MET A 24 0.89 -10.48 -5.41
C MET A 24 0.85 -10.64 -3.89
N MET A 25 -0.32 -11.00 -3.37
CA MET A 25 -0.48 -11.20 -1.93
C MET A 25 0.73 -11.91 -1.34
N ARG A 26 1.31 -12.82 -2.11
CA ARG A 26 2.48 -13.57 -1.65
C ARG A 26 3.70 -12.66 -1.55
N GLU A 27 4.13 -12.13 -2.69
CA GLU A 27 5.29 -11.25 -2.72
C GLU A 27 5.14 -10.12 -1.71
N ILE A 28 3.97 -9.50 -1.69
CA ILE A 28 3.70 -8.40 -0.77
C ILE A 28 4.22 -8.72 0.63
N ARG A 29 3.71 -9.80 1.22
CA ARG A 29 4.12 -10.20 2.56
C ARG A 29 5.64 -10.38 2.63
N LYS A 30 6.24 -10.77 1.51
CA LYS A 30 7.68 -10.97 1.44
C LYS A 30 8.42 -9.65 1.62
N VAL A 31 7.98 -8.63 0.91
CA VAL A 31 8.60 -7.31 0.99
C VAL A 31 8.43 -6.72 2.38
N LEU A 32 7.22 -6.79 2.91
CA LEU A 32 6.92 -6.26 4.24
C LEU A 32 7.80 -6.93 5.29
N GLY A 33 7.69 -8.25 5.38
CA GLY A 33 8.47 -9.00 6.35
C GLY A 33 9.95 -8.68 6.26
N ALA A 34 10.40 -8.25 5.09
CA ALA A 34 11.80 -7.92 4.88
C ALA A 34 12.14 -6.54 5.45
N ASN A 35 11.21 -5.60 5.29
CA ASN A 35 11.39 -4.24 5.78
C ASN A 35 10.98 -4.13 7.25
N ASN A 36 11.39 -5.11 8.04
CA ASN A 36 11.05 -5.12 9.46
C ASN A 36 9.66 -4.54 9.71
N CYS A 37 8.69 -5.00 8.91
CA CYS A 37 7.32 -4.54 9.03
C CYS A 37 6.42 -5.62 9.60
N ASP A 38 5.20 -5.25 9.96
CA ASP A 38 4.25 -6.19 10.52
C ASP A 38 2.96 -6.22 9.69
N TYR A 39 2.61 -7.39 9.18
CA TYR A 39 1.40 -7.54 8.38
C TYR A 39 0.38 -8.41 9.09
N GLU A 40 -0.90 -8.11 8.87
CA GLU A 40 -1.98 -8.86 9.50
C GLU A 40 -3.06 -9.20 8.48
N GLN A 41 -3.48 -10.46 8.46
CA GLN A 41 -4.51 -10.92 7.52
C GLN A 41 -5.88 -10.40 7.95
N ARG A 42 -6.31 -9.30 7.32
CA ARG A 42 -7.61 -8.70 7.62
C ARG A 42 -8.70 -9.30 6.74
N GLU A 43 -8.63 -9.01 5.46
CA GLU A 43 -9.63 -9.51 4.51
C GLU A 43 -9.04 -10.65 3.67
N ARG A 44 -9.83 -11.12 2.71
CA ARG A 44 -9.40 -12.21 1.84
C ARG A 44 -8.19 -11.79 1.01
N PHE A 45 -8.18 -10.53 0.60
CA PHE A 45 -7.08 -10.00 -0.21
C PHE A 45 -6.58 -8.68 0.35
N LEU A 46 -6.56 -8.57 1.68
CA LEU A 46 -6.11 -7.35 2.34
C LEU A 46 -5.17 -7.68 3.49
N LEU A 47 -4.24 -6.77 3.78
CA LEU A 47 -3.28 -6.97 4.86
C LEU A 47 -2.98 -5.65 5.56
N PHE A 48 -2.97 -5.68 6.89
CA PHE A 48 -2.70 -4.48 7.69
C PHE A 48 -1.20 -4.30 7.88
N CYS A 49 -0.64 -3.30 7.18
CA CYS A 49 0.78 -3.01 7.27
C CYS A 49 1.08 -2.11 8.46
N VAL A 50 2.07 -2.49 9.26
CA VAL A 50 2.45 -1.71 10.43
C VAL A 50 3.97 -1.57 10.53
N HIS A 51 4.46 -0.34 10.46
CA HIS A 51 5.89 -0.08 10.54
C HIS A 51 6.18 1.06 11.51
N GLY A 52 7.22 0.90 12.32
CA GLY A 52 7.59 1.92 13.28
C GLY A 52 8.90 2.59 12.95
N ASP A 53 9.02 3.09 11.72
CA ASP A 53 10.24 3.75 11.28
C ASP A 53 10.68 4.81 12.30
N GLY A 54 9.79 5.75 12.58
CA GLY A 54 10.10 6.81 13.53
C GLY A 54 9.91 6.36 14.98
N HIS A 55 9.29 7.23 15.78
CA HIS A 55 9.05 6.92 17.19
C HIS A 55 7.79 6.08 17.35
N ALA A 56 7.68 5.40 18.48
CA ALA A 56 6.53 4.56 18.77
C ALA A 56 5.22 5.36 18.69
N GLU A 57 5.28 6.59 19.20
CA GLU A 57 4.10 7.46 19.20
C GLU A 57 3.78 7.92 17.78
N ASN A 58 4.77 7.84 16.89
CA ASN A 58 4.59 8.26 15.51
C ASN A 58 4.64 7.05 14.58
N LEU A 59 3.99 5.97 14.98
CA LEU A 59 3.95 4.75 14.18
C LEU A 59 3.13 4.96 12.92
N VAL A 60 3.47 4.21 11.86
CA VAL A 60 2.76 4.31 10.59
C VAL A 60 2.00 3.02 10.29
N GLN A 61 0.73 3.16 9.92
CA GLN A 61 -0.11 2.00 9.61
C GLN A 61 -0.91 2.25 8.34
N TRP A 62 -0.70 1.41 7.33
CA TRP A 62 -1.40 1.54 6.06
C TRP A 62 -1.89 0.18 5.57
N GLU A 63 -3.00 0.19 4.83
CA GLU A 63 -3.58 -1.05 4.30
C GLU A 63 -3.08 -1.31 2.89
N MET A 64 -3.02 -2.59 2.51
CA MET A 64 -2.57 -2.98 1.19
C MET A 64 -3.51 -4.01 0.57
N GLU A 65 -4.52 -3.52 -0.15
CA GLU A 65 -5.48 -4.40 -0.79
C GLU A 65 -5.19 -4.54 -2.29
N VAL A 66 -5.43 -5.74 -2.82
CA VAL A 66 -5.19 -6.00 -4.23
C VAL A 66 -6.51 -6.10 -5.00
N CYS A 67 -6.84 -5.05 -5.75
CA CYS A 67 -8.07 -5.04 -6.52
C CYS A 67 -7.80 -4.62 -7.97
N LYS A 68 -8.80 -4.76 -8.82
CA LYS A 68 -8.66 -4.41 -10.23
C LYS A 68 -9.02 -2.94 -10.46
N LEU A 69 -8.28 -2.28 -11.33
CA LEU A 69 -8.52 -0.88 -11.64
C LEU A 69 -9.70 -0.71 -12.59
N PRO A 70 -10.49 0.34 -12.38
CA PRO A 70 -11.66 0.63 -13.20
C PRO A 70 -11.29 1.07 -14.61
N ARG A 71 -10.39 2.04 -14.70
CA ARG A 71 -9.96 2.56 -16.00
C ARG A 71 -9.00 1.57 -16.68
N LEU A 72 -8.05 1.06 -15.91
CA LEU A 72 -7.07 0.11 -16.43
C LEU A 72 -7.57 -1.31 -16.27
N SER A 73 -6.92 -2.25 -16.97
CA SER A 73 -7.30 -3.65 -16.92
C SER A 73 -6.21 -4.48 -16.25
N LEU A 74 -5.80 -4.05 -15.06
CA LEU A 74 -4.76 -4.75 -14.31
C LEU A 74 -5.02 -4.67 -12.82
N ASN A 75 -4.21 -5.38 -12.04
CA ASN A 75 -4.36 -5.39 -10.59
C ASN A 75 -3.44 -4.35 -9.94
N GLY A 76 -4.05 -3.39 -9.25
CA GLY A 76 -3.27 -2.36 -8.59
C GLY A 76 -3.38 -2.42 -7.08
N VAL A 77 -2.26 -2.20 -6.39
CA VAL A 77 -2.25 -2.22 -4.94
C VAL A 77 -2.59 -0.86 -4.35
N ARG A 78 -3.74 -0.77 -3.71
CA ARG A 78 -4.19 0.48 -3.11
C ARG A 78 -3.68 0.61 -1.67
N PHE A 79 -3.21 1.80 -1.33
CA PHE A 79 -2.69 2.06 0.01
C PHE A 79 -3.57 3.06 0.75
N LYS A 80 -4.09 2.63 1.90
CA LYS A 80 -4.95 3.49 2.71
C LYS A 80 -4.26 3.87 4.02
N ARG A 81 -3.99 5.16 4.19
CA ARG A 81 -3.34 5.65 5.40
C ARG A 81 -4.27 5.52 6.61
N ILE A 82 -3.89 4.67 7.55
CA ILE A 82 -4.68 4.46 8.75
C ILE A 82 -4.34 5.50 9.82
N SER A 83 -3.09 5.49 10.28
CA SER A 83 -2.65 6.43 11.30
C SER A 83 -1.42 7.20 10.82
N GLY A 84 -0.92 8.10 11.68
CA GLY A 84 0.25 8.89 11.33
C GLY A 84 -0.07 9.96 10.30
N THR A 85 0.71 11.03 10.32
CA THR A 85 0.52 12.14 9.39
C THR A 85 0.87 11.72 7.97
N SER A 86 0.66 12.64 7.02
CA SER A 86 0.95 12.36 5.62
C SER A 86 2.44 12.09 5.42
N ILE A 87 3.28 13.00 5.91
CA ILE A 87 4.72 12.85 5.79
C ILE A 87 5.16 11.42 6.09
N ALA A 88 4.98 11.00 7.34
CA ALA A 88 5.34 9.66 7.76
C ALA A 88 4.78 8.61 6.82
N PHE A 89 3.47 8.68 6.59
CA PHE A 89 2.81 7.73 5.69
C PHE A 89 3.54 7.62 4.37
N LYS A 90 3.57 8.72 3.62
CA LYS A 90 4.25 8.75 2.32
C LYS A 90 5.68 8.27 2.44
N ASN A 91 6.25 8.41 3.63
CA ASN A 91 7.62 7.99 3.89
C ASN A 91 7.81 6.51 3.54
N ILE A 92 7.20 5.64 4.33
CA ILE A 92 7.30 4.20 4.10
C ILE A 92 6.61 3.80 2.80
N ALA A 93 5.54 4.51 2.47
CA ALA A 93 4.80 4.24 1.25
C ALA A 93 5.71 4.25 0.03
N SER A 94 6.69 5.15 0.04
CA SER A 94 7.64 5.26 -1.06
C SER A 94 8.57 4.06 -1.11
N LYS A 95 8.61 3.31 -0.01
CA LYS A 95 9.47 2.13 0.06
C LYS A 95 8.77 0.91 -0.55
N ILE A 96 7.48 0.76 -0.25
CA ILE A 96 6.71 -0.35 -0.77
C ILE A 96 6.38 -0.16 -2.25
N ALA A 97 5.60 0.88 -2.55
CA ALA A 97 5.22 1.18 -3.93
C ALA A 97 6.39 0.96 -4.88
N ASN A 98 7.61 1.08 -4.35
CA ASN A 98 8.81 0.90 -5.16
C ASN A 98 9.36 -0.51 -4.99
N GLU A 99 9.79 -0.83 -3.77
CA GLU A 99 10.35 -2.15 -3.48
C GLU A 99 9.53 -3.24 -4.16
N LEU A 100 8.21 -3.11 -4.10
CA LEU A 100 7.31 -4.09 -4.70
C LEU A 100 7.84 -4.55 -6.05
N LYS A 101 8.59 -5.65 -6.04
CA LYS A 101 9.16 -6.20 -7.26
C LYS A 101 8.09 -6.89 -8.10
N LEU A 102 7.24 -6.09 -8.75
CA LEU A 102 6.17 -6.63 -9.58
C LEU A 102 6.20 -6.00 -10.98
N GLY A 1 -7.99 23.91 -22.11
CA GLY A 1 -9.38 24.29 -22.27
C GLY A 1 -10.07 24.55 -20.95
N SER A 2 -10.84 25.64 -20.89
CA SER A 2 -11.56 26.00 -19.68
C SER A 2 -12.69 25.02 -19.39
N SER A 3 -12.76 24.56 -18.14
CA SER A 3 -13.78 23.61 -17.74
C SER A 3 -13.98 23.64 -16.22
N GLY A 4 -15.17 23.25 -15.78
CA GLY A 4 -15.47 23.24 -14.36
C GLY A 4 -15.16 21.90 -13.72
N SER A 5 -14.20 21.89 -12.81
CA SER A 5 -13.80 20.66 -12.12
C SER A 5 -14.66 20.42 -10.89
N SER A 6 -14.48 19.27 -10.26
CA SER A 6 -15.26 18.92 -9.07
C SER A 6 -14.75 17.61 -8.46
N GLY A 7 -15.01 17.43 -7.17
CA GLY A 7 -14.58 16.23 -6.49
C GLY A 7 -13.27 16.42 -5.74
N ARG A 8 -13.25 16.03 -4.47
CA ARG A 8 -12.06 16.16 -3.66
C ARG A 8 -11.36 14.82 -3.46
N PHE A 9 -12.12 13.83 -3.00
CA PHE A 9 -11.58 12.49 -2.77
C PHE A 9 -11.35 11.77 -4.10
N THR A 10 -10.12 11.31 -4.30
CA THR A 10 -9.77 10.60 -5.53
C THR A 10 -9.11 9.27 -5.22
N TRP A 11 -8.13 9.29 -4.30
CA TRP A 11 -7.41 8.08 -3.92
C TRP A 11 -7.12 7.21 -5.14
N SER A 12 -6.49 7.81 -6.14
CA SER A 12 -6.15 7.08 -7.37
C SER A 12 -4.93 6.20 -7.15
N MET A 13 -4.58 5.43 -8.18
CA MET A 13 -3.42 4.54 -8.10
C MET A 13 -2.53 4.71 -9.33
N LYS A 14 -1.23 4.54 -9.13
CA LYS A 14 -0.27 4.67 -10.22
C LYS A 14 0.34 3.32 -10.58
N THR A 15 1.10 2.75 -9.65
CA THR A 15 1.74 1.46 -9.87
C THR A 15 0.72 0.41 -10.28
N THR A 16 1.03 -0.35 -11.33
CA THR A 16 0.14 -1.39 -11.82
C THR A 16 0.91 -2.67 -12.12
N SER A 17 0.22 -3.80 -11.99
CA SER A 17 0.85 -5.10 -12.25
C SER A 17 -0.05 -5.97 -13.12
N SER A 18 0.47 -6.38 -14.28
CA SER A 18 -0.28 -7.21 -15.21
C SER A 18 -0.12 -8.68 -14.87
N MET A 19 -0.88 -9.16 -13.89
CA MET A 19 -0.82 -10.55 -13.48
C MET A 19 -1.97 -10.89 -12.52
N ASP A 20 -2.12 -12.17 -12.22
CA ASP A 20 -3.18 -12.62 -11.33
C ASP A 20 -3.01 -12.00 -9.94
N PRO A 21 -4.14 -11.79 -9.24
CA PRO A 21 -4.16 -11.21 -7.90
C PRO A 21 -3.57 -12.13 -6.85
N SER A 22 -3.40 -13.40 -7.23
CA SER A 22 -2.85 -14.40 -6.32
C SER A 22 -1.39 -14.10 -6.00
N ASP A 23 -0.57 -14.07 -7.05
CA ASP A 23 0.86 -13.80 -6.88
C ASP A 23 1.08 -12.45 -6.22
N MET A 24 0.23 -11.48 -6.56
CA MET A 24 0.33 -10.13 -6.00
C MET A 24 0.39 -10.19 -4.47
N MET A 25 -0.24 -11.21 -3.90
CA MET A 25 -0.27 -11.37 -2.46
C MET A 25 1.05 -11.99 -1.95
N ARG A 26 1.64 -12.86 -2.77
CA ARG A 26 2.89 -13.52 -2.40
C ARG A 26 4.03 -12.51 -2.38
N GLU A 27 3.97 -11.52 -3.26
CA GLU A 27 5.01 -10.50 -3.34
C GLU A 27 4.87 -9.51 -2.20
N ILE A 28 3.74 -8.82 -2.15
CA ILE A 28 3.48 -7.83 -1.11
C ILE A 28 4.08 -8.27 0.22
N ARG A 29 3.55 -9.38 0.77
CA ARG A 29 4.03 -9.90 2.03
C ARG A 29 5.54 -10.09 2.01
N LYS A 30 6.08 -10.41 0.84
CA LYS A 30 7.51 -10.62 0.68
C LYS A 30 8.28 -9.33 0.95
N VAL A 31 7.86 -8.25 0.31
CA VAL A 31 8.51 -6.95 0.48
C VAL A 31 8.29 -6.42 1.88
N LEU A 32 7.07 -6.55 2.39
CA LEU A 32 6.74 -6.08 3.73
C LEU A 32 7.66 -6.69 4.77
N GLY A 33 8.07 -7.94 4.54
CA GLY A 33 8.95 -8.63 5.46
C GLY A 33 10.38 -8.14 5.36
N ALA A 34 10.77 -7.71 4.15
CA ALA A 34 12.13 -7.22 3.93
C ALA A 34 12.40 -5.96 4.73
N ASN A 35 11.39 -5.08 4.82
CA ASN A 35 11.52 -3.83 5.55
C ASN A 35 11.26 -4.06 7.04
N ASN A 36 11.00 -5.31 7.41
CA ASN A 36 10.73 -5.65 8.80
C ASN A 36 9.43 -5.00 9.28
N CYS A 37 8.41 -5.04 8.44
CA CYS A 37 7.12 -4.46 8.77
C CYS A 37 6.16 -5.53 9.29
N ASP A 38 5.05 -5.10 9.87
CA ASP A 38 4.05 -6.02 10.40
C ASP A 38 2.80 -6.03 9.54
N TYR A 39 2.52 -7.17 8.93
CA TYR A 39 1.34 -7.30 8.07
C TYR A 39 0.41 -8.39 8.58
N GLU A 40 -0.83 -8.01 8.85
CA GLU A 40 -1.83 -8.96 9.36
C GLU A 40 -2.97 -9.13 8.36
N GLN A 41 -3.66 -10.26 8.44
CA GLN A 41 -4.77 -10.54 7.54
C GLN A 41 -6.03 -9.82 8.00
N ARG A 42 -6.40 -8.77 7.27
CA ARG A 42 -7.57 -7.98 7.61
C ARG A 42 -8.81 -8.55 6.92
N GLU A 43 -8.89 -8.37 5.60
CA GLU A 43 -10.03 -8.86 4.83
C GLU A 43 -9.59 -9.99 3.88
N ARG A 44 -10.54 -10.47 3.09
CA ARG A 44 -10.26 -11.55 2.15
C ARG A 44 -8.95 -11.29 1.40
N PHE A 45 -8.78 -10.06 0.91
CA PHE A 45 -7.58 -9.68 0.18
C PHE A 45 -7.03 -8.35 0.69
N LEU A 46 -7.16 -8.13 1.99
CA LEU A 46 -6.67 -6.90 2.61
C LEU A 46 -5.81 -7.21 3.82
N LEU A 47 -4.63 -6.61 3.88
CA LEU A 47 -3.71 -6.81 4.99
C LEU A 47 -3.41 -5.50 5.70
N PHE A 48 -3.19 -5.57 7.01
CA PHE A 48 -2.89 -4.38 7.81
C PHE A 48 -1.39 -4.21 7.97
N CYS A 49 -0.82 -3.23 7.26
CA CYS A 49 0.61 -2.97 7.32
C CYS A 49 0.93 -2.00 8.46
N VAL A 50 2.00 -2.30 9.19
CA VAL A 50 2.42 -1.47 10.31
C VAL A 50 3.93 -1.29 10.33
N HIS A 51 4.38 -0.04 10.42
CA HIS A 51 5.79 0.27 10.45
C HIS A 51 6.10 1.36 11.47
N GLY A 52 7.35 1.42 11.92
CA GLY A 52 7.74 2.43 12.90
C GLY A 52 9.14 2.96 12.64
N ASP A 53 9.26 3.86 11.68
CA ASP A 53 10.55 4.44 11.33
C ASP A 53 10.82 5.69 12.17
N GLY A 54 10.08 5.82 13.27
CA GLY A 54 10.25 6.97 14.15
C GLY A 54 9.98 6.64 15.60
N HIS A 55 9.06 7.40 16.21
CA HIS A 55 8.70 7.19 17.60
C HIS A 55 7.32 6.56 17.73
N ALA A 56 6.95 6.15 18.94
CA ALA A 56 5.66 5.54 19.18
C ALA A 56 4.53 6.55 18.97
N GLU A 57 4.67 7.73 19.57
CA GLU A 57 3.66 8.78 19.45
C GLU A 57 3.38 9.08 17.98
N ASN A 58 4.31 8.70 17.11
CA ASN A 58 4.15 8.93 15.68
C ASN A 58 4.35 7.64 14.89
N LEU A 59 3.53 6.65 15.18
CA LEU A 59 3.62 5.36 14.49
C LEU A 59 2.85 5.38 13.18
N VAL A 60 3.36 4.65 12.19
CA VAL A 60 2.71 4.59 10.88
C VAL A 60 1.94 3.27 10.72
N GLN A 61 0.66 3.39 10.36
CA GLN A 61 -0.18 2.21 10.16
C GLN A 61 -1.04 2.36 8.91
N TRP A 62 -0.81 1.48 7.94
CA TRP A 62 -1.57 1.51 6.69
C TRP A 62 -1.91 0.10 6.22
N GLU A 63 -2.89 -0.01 5.33
CA GLU A 63 -3.30 -1.31 4.81
C GLU A 63 -3.03 -1.39 3.30
N MET A 64 -3.19 -2.59 2.75
CA MET A 64 -2.96 -2.81 1.33
C MET A 64 -3.94 -3.83 0.77
N GLU A 65 -4.89 -3.36 -0.04
CA GLU A 65 -5.89 -4.24 -0.63
C GLU A 65 -5.53 -4.56 -2.07
N VAL A 66 -5.77 -5.81 -2.48
CA VAL A 66 -5.48 -6.25 -3.83
C VAL A 66 -6.76 -6.64 -4.57
N CYS A 67 -6.99 -6.01 -5.71
CA CYS A 67 -8.18 -6.30 -6.52
C CYS A 67 -8.06 -5.65 -7.90
N LYS A 68 -8.82 -6.18 -8.86
CA LYS A 68 -8.81 -5.66 -10.22
C LYS A 68 -9.31 -4.22 -10.25
N LEU A 69 -8.39 -3.28 -10.40
CA LEU A 69 -8.74 -1.86 -10.45
C LEU A 69 -10.08 -1.66 -11.13
N PRO A 70 -10.86 -0.68 -10.63
CA PRO A 70 -12.18 -0.36 -11.18
C PRO A 70 -12.10 0.27 -12.56
N ARG A 71 -11.14 1.17 -12.75
CA ARG A 71 -10.95 1.83 -14.03
C ARG A 71 -10.25 0.92 -15.03
N LEU A 72 -9.14 0.32 -14.60
CA LEU A 72 -8.38 -0.58 -15.46
C LEU A 72 -8.66 -2.03 -15.10
N SER A 73 -8.60 -2.91 -16.10
CA SER A 73 -8.84 -4.33 -15.89
C SER A 73 -7.57 -5.04 -15.45
N LEU A 74 -6.78 -4.36 -14.63
CA LEU A 74 -5.53 -4.92 -14.12
C LEU A 74 -5.57 -5.07 -12.61
N ASN A 75 -4.60 -5.80 -12.06
CA ASN A 75 -4.52 -6.02 -10.63
C ASN A 75 -3.42 -5.16 -10.00
N GLY A 76 -3.79 -3.98 -9.53
CA GLY A 76 -2.83 -3.09 -8.92
C GLY A 76 -2.79 -3.22 -7.40
N VAL A 77 -2.21 -2.24 -6.74
CA VAL A 77 -2.09 -2.25 -5.29
C VAL A 77 -2.71 -0.99 -4.68
N ARG A 78 -3.49 -1.18 -3.62
CA ARG A 78 -4.14 -0.06 -2.95
C ARG A 78 -3.43 0.28 -1.64
N PHE A 79 -3.42 1.56 -1.30
CA PHE A 79 -2.76 2.02 -0.08
C PHE A 79 -3.69 2.91 0.74
N LYS A 80 -4.29 2.36 1.78
CA LYS A 80 -5.20 3.10 2.63
C LYS A 80 -4.51 3.50 3.93
N ARG A 81 -4.59 4.79 4.27
CA ARG A 81 -3.99 5.31 5.49
C ARG A 81 -4.95 5.21 6.66
N ILE A 82 -4.41 4.99 7.85
CA ILE A 82 -5.23 4.88 9.06
C ILE A 82 -4.75 5.84 10.14
N SER A 83 -3.49 5.70 10.53
CA SER A 83 -2.90 6.55 11.56
C SER A 83 -1.59 7.18 11.08
N GLY A 84 -1.00 8.02 11.91
CA GLY A 84 0.24 8.67 11.55
C GLY A 84 0.05 9.81 10.58
N THR A 85 0.91 10.81 10.66
CA THR A 85 0.82 11.97 9.78
C THR A 85 1.06 11.58 8.32
N SER A 86 0.69 12.47 7.41
CA SER A 86 0.86 12.22 5.99
C SER A 86 2.32 11.93 5.66
N ILE A 87 3.18 12.91 5.91
CA ILE A 87 4.61 12.76 5.64
C ILE A 87 5.12 11.40 6.08
N ALA A 88 4.78 11.02 7.32
CA ALA A 88 5.19 9.73 7.86
C ALA A 88 4.60 8.58 7.05
N PHE A 89 3.41 8.79 6.52
CA PHE A 89 2.72 7.76 5.73
C PHE A 89 3.40 7.59 4.38
N LYS A 90 3.72 8.71 3.73
CA LYS A 90 4.37 8.68 2.42
C LYS A 90 5.85 8.28 2.56
N ASN A 91 6.37 8.40 3.77
CA ASN A 91 7.77 8.06 4.03
C ASN A 91 7.98 6.55 3.95
N ILE A 92 6.98 5.80 4.38
CA ILE A 92 7.05 4.33 4.35
C ILE A 92 6.60 3.79 3.00
N ALA A 93 5.73 4.53 2.33
CA ALA A 93 5.22 4.12 1.02
C ALA A 93 6.36 3.94 0.03
N SER A 94 7.40 4.76 0.15
CA SER A 94 8.56 4.69 -0.74
C SER A 94 9.29 3.37 -0.57
N LYS A 95 9.41 2.91 0.68
CA LYS A 95 10.09 1.66 0.97
C LYS A 95 9.42 0.49 0.24
N ILE A 96 8.09 0.51 0.21
CA ILE A 96 7.33 -0.55 -0.46
C ILE A 96 7.31 -0.33 -1.96
N ALA A 97 6.68 0.76 -2.39
CA ALA A 97 6.58 1.09 -3.81
C ALA A 97 7.86 0.73 -4.54
N ASN A 98 9.00 1.01 -3.92
CA ASN A 98 10.29 0.71 -4.52
C ASN A 98 10.57 -0.79 -4.50
N GLU A 99 10.86 -1.32 -3.32
CA GLU A 99 11.14 -2.75 -3.16
C GLU A 99 10.23 -3.58 -4.07
N LEU A 100 9.00 -3.13 -4.23
CA LEU A 100 8.03 -3.83 -5.07
C LEU A 100 8.66 -4.24 -6.40
N LYS A 101 8.86 -5.54 -6.59
CA LYS A 101 9.45 -6.06 -7.81
C LYS A 101 8.37 -6.55 -8.77
N LEU A 102 7.18 -5.98 -8.66
CA LEU A 102 6.06 -6.36 -9.51
C LEU A 102 6.35 -5.98 -10.96
N GLY A 1 4.07 26.48 -13.91
CA GLY A 1 4.78 25.22 -14.04
C GLY A 1 4.08 24.09 -13.29
N SER A 2 3.60 24.38 -12.09
CA SER A 2 2.92 23.38 -11.28
C SER A 2 1.47 23.78 -11.03
N SER A 3 0.57 23.28 -11.88
CA SER A 3 -0.85 23.59 -11.75
C SER A 3 -1.45 22.89 -10.53
N GLY A 4 -2.37 23.58 -9.85
CA GLY A 4 -3.01 23.00 -8.68
C GLY A 4 -4.48 22.73 -8.90
N SER A 5 -4.92 21.53 -8.55
CA SER A 5 -6.32 21.15 -8.72
C SER A 5 -6.81 20.32 -7.54
N SER A 6 -8.07 20.49 -7.18
CA SER A 6 -8.66 19.76 -6.06
C SER A 6 -8.57 18.26 -6.30
N GLY A 7 -7.57 17.62 -5.69
CA GLY A 7 -7.40 16.19 -5.85
C GLY A 7 -7.28 15.48 -4.51
N ARG A 8 -6.37 14.51 -4.45
CA ARG A 8 -6.16 13.74 -3.23
C ARG A 8 -4.68 13.46 -3.02
N PHE A 9 -4.24 13.51 -1.76
CA PHE A 9 -2.85 13.25 -1.43
C PHE A 9 -2.69 11.92 -0.71
N THR A 10 -3.63 11.61 0.17
CA THR A 10 -3.60 10.35 0.91
C THR A 10 -3.86 9.17 0.00
N TRP A 11 -5.05 9.13 -0.60
CA TRP A 11 -5.42 8.04 -1.50
C TRP A 11 -4.80 8.24 -2.88
N SER A 12 -3.77 7.46 -3.18
CA SER A 12 -3.09 7.55 -4.47
C SER A 12 -2.64 6.17 -4.94
N MET A 13 -2.61 5.99 -6.26
CA MET A 13 -2.20 4.72 -6.84
C MET A 13 -1.25 4.95 -8.02
N LYS A 14 -0.10 4.27 -7.98
CA LYS A 14 0.90 4.39 -9.03
C LYS A 14 1.39 3.02 -9.48
N THR A 15 1.94 2.26 -8.54
CA THR A 15 2.45 0.92 -8.83
C THR A 15 1.43 0.10 -9.60
N THR A 16 1.91 -0.71 -10.55
CA THR A 16 1.03 -1.54 -11.36
C THR A 16 1.72 -2.84 -11.76
N SER A 17 0.93 -3.88 -12.01
CA SER A 17 1.47 -5.17 -12.40
C SER A 17 0.42 -6.00 -13.13
N SER A 18 0.87 -6.83 -14.07
CA SER A 18 -0.04 -7.68 -14.84
C SER A 18 -0.19 -9.04 -14.18
N MET A 19 0.68 -9.33 -13.22
CA MET A 19 0.63 -10.61 -12.51
C MET A 19 -0.65 -10.73 -11.70
N ASP A 20 -1.26 -11.91 -11.76
CA ASP A 20 -2.50 -12.16 -11.03
C ASP A 20 -2.39 -11.68 -9.59
N PRO A 21 -3.54 -11.32 -9.00
CA PRO A 21 -3.60 -10.83 -7.63
C PRO A 21 -3.31 -11.92 -6.60
N SER A 22 -3.51 -13.17 -7.01
CA SER A 22 -3.28 -14.30 -6.14
C SER A 22 -1.81 -14.39 -5.72
N ASP A 23 -0.92 -14.09 -6.68
CA ASP A 23 0.52 -14.12 -6.43
C ASP A 23 0.96 -12.86 -5.70
N MET A 24 0.28 -11.75 -5.96
CA MET A 24 0.61 -10.48 -5.33
C MET A 24 0.56 -10.60 -3.80
N MET A 25 -0.44 -11.32 -3.32
CA MET A 25 -0.61 -11.51 -1.87
C MET A 25 0.59 -12.23 -1.27
N ARG A 26 1.20 -13.11 -2.07
CA ARG A 26 2.37 -13.86 -1.62
C ARG A 26 3.62 -12.99 -1.62
N GLU A 27 3.82 -12.26 -2.71
CA GLU A 27 4.98 -11.39 -2.84
C GLU A 27 4.92 -10.25 -1.83
N ILE A 28 3.82 -9.49 -1.87
CA ILE A 28 3.63 -8.37 -0.95
C ILE A 28 4.17 -8.70 0.44
N ARG A 29 3.68 -9.79 1.02
CA ARG A 29 4.11 -10.21 2.34
C ARG A 29 5.62 -10.41 2.38
N LYS A 30 6.18 -10.91 1.28
CA LYS A 30 7.61 -11.16 1.18
C LYS A 30 8.39 -9.86 1.31
N VAL A 31 7.92 -8.82 0.63
CA VAL A 31 8.57 -7.52 0.66
C VAL A 31 8.47 -6.89 2.04
N LEU A 32 7.26 -6.84 2.58
CA LEU A 32 7.04 -6.27 3.91
C LEU A 32 7.95 -6.91 4.94
N GLY A 33 7.82 -8.23 5.09
CA GLY A 33 8.65 -8.94 6.06
C GLY A 33 10.10 -8.51 6.01
N ALA A 34 10.60 -8.22 4.82
CA ALA A 34 11.98 -7.79 4.64
C ALA A 34 12.23 -6.45 5.33
N ASN A 35 11.22 -5.59 5.32
CA ASN A 35 11.33 -4.27 5.94
C ASN A 35 10.93 -4.34 7.41
N ASN A 36 11.35 -5.40 8.09
CA ASN A 36 11.04 -5.58 9.51
C ASN A 36 9.66 -5.02 9.83
N CYS A 37 8.70 -5.26 8.94
CA CYS A 37 7.34 -4.79 9.14
C CYS A 37 6.42 -5.92 9.57
N ASP A 38 5.17 -5.59 9.87
CA ASP A 38 4.20 -6.58 10.30
C ASP A 38 2.96 -6.56 9.40
N TYR A 39 2.52 -7.74 8.97
CA TYR A 39 1.36 -7.86 8.10
C TYR A 39 0.34 -8.84 8.67
N GLU A 40 -0.91 -8.40 8.75
CA GLU A 40 -1.97 -9.24 9.28
C GLU A 40 -3.11 -9.38 8.28
N GLN A 41 -3.69 -10.57 8.20
CA GLN A 41 -4.78 -10.83 7.27
C GLN A 41 -6.06 -10.14 7.73
N ARG A 42 -6.38 -9.02 7.09
CA ARG A 42 -7.57 -8.26 7.43
C ARG A 42 -8.77 -8.72 6.62
N GLU A 43 -8.77 -8.39 5.32
CA GLU A 43 -9.85 -8.77 4.43
C GLU A 43 -9.40 -9.85 3.46
N ARG A 44 -10.28 -10.22 2.53
CA ARG A 44 -9.98 -11.24 1.53
C ARG A 44 -8.58 -11.04 0.97
N PHE A 45 -8.29 -9.83 0.51
CA PHE A 45 -6.99 -9.51 -0.06
C PHE A 45 -6.38 -8.28 0.60
N LEU A 46 -6.97 -7.88 1.73
CA LEU A 46 -6.49 -6.72 2.48
C LEU A 46 -5.70 -7.15 3.70
N LEU A 47 -4.57 -6.50 3.93
CA LEU A 47 -3.72 -6.80 5.08
C LEU A 47 -3.38 -5.54 5.85
N PHE A 48 -2.98 -5.71 7.11
CA PHE A 48 -2.63 -4.58 7.96
C PHE A 48 -1.10 -4.44 8.07
N CYS A 49 -0.56 -3.44 7.40
CA CYS A 49 0.88 -3.20 7.41
C CYS A 49 1.27 -2.33 8.61
N VAL A 50 2.49 -2.53 9.10
CA VAL A 50 2.99 -1.76 10.24
C VAL A 50 4.48 -1.49 10.11
N HIS A 51 4.87 -0.26 10.39
CA HIS A 51 6.28 0.14 10.30
C HIS A 51 6.58 1.29 11.27
N GLY A 52 7.86 1.43 11.62
CA GLY A 52 8.26 2.49 12.53
C GLY A 52 9.52 3.20 12.08
N ASP A 53 9.35 4.25 11.30
CA ASP A 53 10.50 5.02 10.79
C ASP A 53 10.66 6.31 11.58
N GLY A 54 10.85 6.19 12.88
CA GLY A 54 11.02 7.36 13.73
C GLY A 54 10.76 7.06 15.20
N HIS A 55 9.72 7.67 15.75
CA HIS A 55 9.37 7.46 17.15
C HIS A 55 8.17 6.54 17.27
N ALA A 56 8.20 5.67 18.29
CA ALA A 56 7.11 4.73 18.53
C ALA A 56 5.76 5.43 18.46
N GLU A 57 5.60 6.49 19.24
CA GLU A 57 4.35 7.24 19.26
C GLU A 57 4.01 7.76 17.87
N ASN A 58 5.00 7.84 17.00
CA ASN A 58 4.80 8.32 15.64
C ASN A 58 4.86 7.17 14.64
N LEU A 59 4.33 6.02 15.05
CA LEU A 59 4.31 4.84 14.19
C LEU A 59 3.28 4.99 13.07
N VAL A 60 3.59 4.42 11.91
CA VAL A 60 2.70 4.50 10.76
C VAL A 60 1.98 3.17 10.55
N GLN A 61 0.71 3.25 10.16
CA GLN A 61 -0.09 2.06 9.92
C GLN A 61 -0.95 2.21 8.66
N TRP A 62 -0.65 1.42 7.64
CA TRP A 62 -1.40 1.48 6.39
C TRP A 62 -1.74 0.07 5.91
N GLU A 63 -2.91 -0.06 5.28
CA GLU A 63 -3.36 -1.34 4.76
C GLU A 63 -3.07 -1.46 3.27
N MET A 64 -3.16 -2.69 2.75
CA MET A 64 -2.92 -2.93 1.34
C MET A 64 -3.86 -4.01 0.80
N GLU A 65 -4.69 -3.63 -0.17
CA GLU A 65 -5.63 -4.56 -0.77
C GLU A 65 -5.41 -4.68 -2.27
N VAL A 66 -5.22 -5.91 -2.74
CA VAL A 66 -4.99 -6.17 -4.15
C VAL A 66 -6.30 -6.16 -4.94
N CYS A 67 -6.33 -5.42 -6.03
CA CYS A 67 -7.52 -5.32 -6.87
C CYS A 67 -7.16 -4.87 -8.28
N LYS A 68 -8.12 -4.98 -9.18
CA LYS A 68 -7.91 -4.58 -10.57
C LYS A 68 -8.34 -3.14 -10.81
N LEU A 69 -7.48 -2.37 -11.46
CA LEU A 69 -7.78 -0.97 -11.75
C LEU A 69 -8.84 -0.85 -12.84
N PRO A 70 -9.75 0.13 -12.67
CA PRO A 70 -10.83 0.38 -13.64
C PRO A 70 -10.31 0.95 -14.95
N ARG A 71 -9.51 2.01 -14.85
CA ARG A 71 -8.95 2.66 -16.03
C ARG A 71 -7.96 1.74 -16.73
N LEU A 72 -6.86 1.44 -16.05
CA LEU A 72 -5.82 0.58 -16.60
C LEU A 72 -6.30 -0.88 -16.67
N SER A 73 -5.68 -1.67 -17.54
CA SER A 73 -6.05 -3.07 -17.69
C SER A 73 -5.05 -3.96 -16.96
N LEU A 74 -4.76 -3.63 -15.71
CA LEU A 74 -3.84 -4.40 -14.90
C LEU A 74 -4.25 -4.38 -13.43
N ASN A 75 -3.58 -5.20 -12.63
CA ASN A 75 -3.87 -5.28 -11.20
C ASN A 75 -3.04 -4.27 -10.42
N GLY A 76 -3.71 -3.44 -9.63
CA GLY A 76 -3.02 -2.43 -8.85
C GLY A 76 -3.27 -2.59 -7.35
N VAL A 77 -2.30 -2.15 -6.55
CA VAL A 77 -2.41 -2.26 -5.10
C VAL A 77 -3.15 -1.06 -4.52
N ARG A 78 -3.97 -1.31 -3.50
CA ARG A 78 -4.74 -0.25 -2.86
C ARG A 78 -4.11 0.14 -1.53
N PHE A 79 -3.59 1.36 -1.48
CA PHE A 79 -2.96 1.86 -0.26
C PHE A 79 -3.93 2.70 0.56
N LYS A 80 -4.07 2.36 1.83
CA LYS A 80 -4.98 3.08 2.72
C LYS A 80 -4.28 3.45 4.02
N ARG A 81 -4.35 4.73 4.38
CA ARG A 81 -3.72 5.22 5.60
C ARG A 81 -4.60 4.95 6.82
N ILE A 82 -3.98 4.82 7.98
CA ILE A 82 -4.71 4.56 9.21
C ILE A 82 -4.24 5.48 10.34
N SER A 83 -2.93 5.52 10.54
CA SER A 83 -2.35 6.36 11.59
C SER A 83 -1.11 7.08 11.07
N GLY A 84 -0.62 8.04 11.86
CA GLY A 84 0.56 8.79 11.48
C GLY A 84 0.24 9.93 10.53
N THR A 85 1.05 10.98 10.58
CA THR A 85 0.85 12.15 9.73
C THR A 85 1.17 11.82 8.28
N SER A 86 0.50 12.52 7.36
CA SER A 86 0.71 12.30 5.94
C SER A 86 2.17 11.97 5.64
N ILE A 87 3.05 12.94 5.86
CA ILE A 87 4.47 12.74 5.64
C ILE A 87 4.92 11.34 6.05
N ALA A 88 4.70 11.02 7.33
CA ALA A 88 5.08 9.72 7.86
C ALA A 88 4.48 8.59 7.02
N PHE A 89 3.28 8.82 6.51
CA PHE A 89 2.59 7.82 5.69
C PHE A 89 3.23 7.73 4.30
N LYS A 90 3.64 8.88 3.77
CA LYS A 90 4.26 8.94 2.45
C LYS A 90 5.72 8.48 2.51
N ASN A 91 6.32 8.62 3.69
CA ASN A 91 7.70 8.21 3.89
C ASN A 91 7.87 6.71 3.70
N ILE A 92 6.95 5.94 4.26
CA ILE A 92 7.00 4.48 4.15
C ILE A 92 6.36 4.02 2.85
N ALA A 93 5.48 4.85 2.29
CA ALA A 93 4.81 4.52 1.05
C ALA A 93 5.78 4.55 -0.14
N SER A 94 6.72 5.49 -0.10
CA SER A 94 7.70 5.63 -1.16
C SER A 94 8.61 4.40 -1.22
N LYS A 95 8.62 3.62 -0.14
CA LYS A 95 9.44 2.43 -0.08
C LYS A 95 8.73 1.23 -0.72
N ILE A 96 7.62 0.82 -0.13
CA ILE A 96 6.84 -0.30 -0.66
C ILE A 96 6.65 -0.18 -2.16
N ALA A 97 6.23 1.00 -2.61
CA ALA A 97 6.01 1.25 -4.02
C ALA A 97 7.20 0.78 -4.85
N ASN A 98 8.38 1.31 -4.53
CA ASN A 98 9.60 0.95 -5.24
C ASN A 98 9.99 -0.50 -4.96
N GLU A 99 10.30 -0.78 -3.69
CA GLU A 99 10.69 -2.13 -3.29
C GLU A 99 9.86 -3.19 -4.03
N LEU A 100 8.55 -3.01 -4.01
CA LEU A 100 7.64 -3.95 -4.67
C LEU A 100 8.21 -4.39 -6.01
N LYS A 101 8.79 -5.59 -6.04
CA LYS A 101 9.37 -6.13 -7.27
C LYS A 101 8.28 -6.58 -8.24
N LEU A 102 7.53 -5.63 -8.76
CA LEU A 102 6.46 -5.93 -9.71
C LEU A 102 6.58 -5.09 -10.97
N GLY A 1 1.13 20.02 -1.79
CA GLY A 1 2.03 20.50 -0.76
C GLY A 1 1.36 21.47 0.19
N SER A 2 0.86 22.57 -0.34
CA SER A 2 0.20 23.58 0.47
C SER A 2 -1.32 23.38 0.45
N SER A 3 -1.75 22.12 0.56
CA SER A 3 -3.17 21.80 0.55
C SER A 3 -3.41 20.41 1.15
N GLY A 4 -4.40 20.31 2.03
CA GLY A 4 -4.72 19.05 2.66
C GLY A 4 -5.63 18.19 1.80
N SER A 5 -5.85 16.95 2.24
CA SER A 5 -6.70 16.03 1.49
C SER A 5 -8.15 16.51 1.49
N SER A 6 -8.77 16.48 0.32
CA SER A 6 -10.15 16.92 0.16
C SER A 6 -10.77 16.34 -1.11
N GLY A 7 -11.87 15.62 -0.95
CA GLY A 7 -12.54 15.03 -2.08
C GLY A 7 -12.90 13.57 -1.85
N ARG A 8 -13.68 13.01 -2.77
CA ARG A 8 -14.10 11.61 -2.66
C ARG A 8 -12.92 10.71 -2.33
N PHE A 9 -13.09 9.84 -1.33
CA PHE A 9 -12.04 8.93 -0.91
C PHE A 9 -12.14 7.60 -1.67
N THR A 10 -11.38 7.48 -2.75
CA THR A 10 -11.39 6.27 -3.55
C THR A 10 -9.97 5.86 -3.94
N TRP A 11 -9.82 4.61 -4.35
CA TRP A 11 -8.51 4.09 -4.75
C TRP A 11 -7.83 5.03 -5.73
N SER A 12 -6.59 5.40 -5.43
CA SER A 12 -5.83 6.30 -6.28
C SER A 12 -4.33 6.13 -6.07
N MET A 13 -3.65 5.61 -7.09
CA MET A 13 -2.21 5.40 -7.01
C MET A 13 -1.59 5.34 -8.39
N LYS A 14 -0.26 5.46 -8.45
CA LYS A 14 0.45 5.43 -9.73
C LYS A 14 1.24 4.13 -9.86
N THR A 15 0.72 3.06 -9.26
CA THR A 15 1.37 1.76 -9.33
C THR A 15 0.51 0.75 -10.07
N THR A 16 1.16 -0.14 -10.83
CA THR A 16 0.44 -1.16 -11.59
C THR A 16 1.23 -2.46 -11.61
N SER A 17 0.51 -3.58 -11.71
CA SER A 17 1.13 -4.89 -11.74
C SER A 17 0.37 -5.84 -12.67
N SER A 18 1.10 -6.49 -13.57
CA SER A 18 0.49 -7.42 -14.51
C SER A 18 0.22 -8.77 -13.86
N MET A 19 1.23 -9.31 -13.19
CA MET A 19 1.10 -10.59 -12.51
C MET A 19 -0.28 -10.74 -11.88
N ASP A 20 -0.75 -11.98 -11.80
CA ASP A 20 -2.06 -12.26 -11.21
C ASP A 20 -2.10 -11.83 -9.74
N PRO A 21 -3.32 -11.63 -9.23
CA PRO A 21 -3.53 -11.22 -7.84
C PRO A 21 -3.17 -12.31 -6.84
N SER A 22 -3.05 -13.54 -7.35
CA SER A 22 -2.72 -14.68 -6.51
C SER A 22 -1.25 -14.67 -6.11
N ASP A 23 -0.43 -14.02 -6.94
CA ASP A 23 1.00 -13.93 -6.69
C ASP A 23 1.32 -12.67 -5.89
N MET A 24 0.55 -11.62 -6.11
CA MET A 24 0.76 -10.35 -5.41
C MET A 24 0.71 -10.55 -3.90
N MET A 25 -0.44 -11.01 -3.41
CA MET A 25 -0.62 -11.24 -1.98
C MET A 25 0.66 -11.79 -1.35
N ARG A 26 1.26 -12.77 -2.01
CA ARG A 26 2.49 -13.38 -1.52
C ARG A 26 3.61 -12.35 -1.44
N GLU A 27 3.93 -11.74 -2.58
CA GLU A 27 4.99 -10.74 -2.65
C GLU A 27 4.76 -9.64 -1.62
N ILE A 28 3.57 -9.02 -1.67
CA ILE A 28 3.23 -7.95 -0.75
C ILE A 28 3.77 -8.23 0.65
N ARG A 29 3.92 -9.52 0.97
CA ARG A 29 4.43 -9.92 2.28
C ARG A 29 5.94 -10.12 2.22
N LYS A 30 6.41 -10.75 1.16
CA LYS A 30 7.83 -11.02 0.98
C LYS A 30 8.64 -9.72 1.05
N VAL A 31 7.97 -8.60 0.79
CA VAL A 31 8.62 -7.30 0.81
C VAL A 31 8.49 -6.65 2.19
N LEU A 32 7.30 -6.72 2.75
CA LEU A 32 7.04 -6.13 4.07
C LEU A 32 7.96 -6.73 5.12
N GLY A 33 7.75 -8.01 5.42
CA GLY A 33 8.58 -8.69 6.41
C GLY A 33 10.05 -8.38 6.23
N ALA A 34 10.46 -8.07 5.01
CA ALA A 34 11.85 -7.75 4.72
C ALA A 34 12.24 -6.40 5.32
N ASN A 35 11.34 -5.43 5.21
CA ASN A 35 11.61 -4.10 5.74
C ASN A 35 11.21 -4.01 7.21
N ASN A 36 11.15 -5.16 7.87
CA ASN A 36 10.79 -5.23 9.28
C ASN A 36 9.36 -4.71 9.50
N CYS A 37 8.51 -4.94 8.52
CA CYS A 37 7.11 -4.50 8.60
C CYS A 37 6.24 -5.60 9.18
N ASP A 38 5.12 -5.20 9.78
CA ASP A 38 4.19 -6.15 10.38
C ASP A 38 2.89 -6.22 9.57
N TYR A 39 2.63 -7.38 8.98
CA TYR A 39 1.42 -7.57 8.19
C TYR A 39 0.46 -8.53 8.88
N GLU A 40 -0.84 -8.38 8.58
CA GLU A 40 -1.86 -9.23 9.17
C GLU A 40 -2.90 -9.62 8.14
N GLN A 41 -3.60 -10.72 8.40
CA GLN A 41 -4.63 -11.21 7.49
C GLN A 41 -5.98 -10.57 7.80
N ARG A 42 -6.28 -9.46 7.13
CA ARG A 42 -7.54 -8.76 7.34
C ARG A 42 -8.67 -9.40 6.53
N GLU A 43 -8.67 -9.17 5.23
CA GLU A 43 -9.68 -9.72 4.35
C GLU A 43 -9.07 -10.69 3.36
N ARG A 44 -9.92 -11.35 2.57
CA ARG A 44 -9.47 -12.32 1.58
C ARG A 44 -8.24 -11.80 0.84
N PHE A 45 -8.35 -10.60 0.28
CA PHE A 45 -7.24 -9.99 -0.46
C PHE A 45 -6.84 -8.67 0.17
N LEU A 46 -6.96 -8.58 1.49
CA LEU A 46 -6.62 -7.35 2.21
C LEU A 46 -5.79 -7.67 3.45
N LEU A 47 -4.78 -6.85 3.71
CA LEU A 47 -3.92 -7.05 4.87
C LEU A 47 -3.63 -5.71 5.56
N PHE A 48 -3.18 -5.79 6.81
CA PHE A 48 -2.86 -4.59 7.58
C PHE A 48 -1.37 -4.52 7.88
N CYS A 49 -0.71 -3.49 7.35
CA CYS A 49 0.72 -3.30 7.55
C CYS A 49 0.98 -2.35 8.71
N VAL A 50 2.11 -2.54 9.39
CA VAL A 50 2.48 -1.69 10.52
C VAL A 50 3.99 -1.49 10.59
N HIS A 51 4.42 -0.24 10.54
CA HIS A 51 5.84 0.08 10.61
C HIS A 51 6.08 1.35 11.41
N GLY A 52 7.19 1.39 12.14
CA GLY A 52 7.51 2.56 12.94
C GLY A 52 8.87 3.14 12.60
N ASP A 53 9.04 3.51 11.34
CA ASP A 53 10.30 4.09 10.88
C ASP A 53 10.86 5.07 11.92
N GLY A 54 9.95 5.79 12.58
CA GLY A 54 10.38 6.75 13.58
C GLY A 54 10.19 6.23 14.99
N HIS A 55 9.51 7.02 15.83
CA HIS A 55 9.27 6.62 17.21
C HIS A 55 7.91 5.95 17.36
N ALA A 56 7.69 5.30 18.50
CA ALA A 56 6.42 4.62 18.77
C ALA A 56 5.24 5.55 18.54
N GLU A 57 5.28 6.71 19.19
CA GLU A 57 4.20 7.69 19.06
C GLU A 57 4.13 8.23 17.64
N ASN A 58 5.11 7.87 16.82
CA ASN A 58 5.16 8.32 15.43
C ASN A 58 5.07 7.15 14.47
N LEU A 59 4.44 6.06 14.92
CA LEU A 59 4.28 4.87 14.09
C LEU A 59 3.32 5.12 12.95
N VAL A 60 3.50 4.38 11.85
CA VAL A 60 2.65 4.53 10.68
C VAL A 60 1.96 3.20 10.34
N GLN A 61 0.64 3.27 10.14
CA GLN A 61 -0.13 2.08 9.81
C GLN A 61 -0.89 2.27 8.50
N TRP A 62 -0.85 1.26 7.64
CA TRP A 62 -1.54 1.31 6.35
C TRP A 62 -1.97 -0.08 5.90
N GLU A 63 -3.06 -0.14 5.15
CA GLU A 63 -3.58 -1.40 4.66
C GLU A 63 -3.09 -1.68 3.24
N MET A 64 -3.35 -2.89 2.76
CA MET A 64 -2.92 -3.28 1.41
C MET A 64 -3.92 -4.26 0.80
N GLU A 65 -4.57 -3.84 -0.29
CA GLU A 65 -5.54 -4.67 -0.98
C GLU A 65 -5.25 -4.74 -2.48
N VAL A 66 -5.49 -5.90 -3.07
CA VAL A 66 -5.26 -6.09 -4.49
C VAL A 66 -6.55 -5.96 -5.29
N CYS A 67 -6.75 -4.79 -5.88
CA CYS A 67 -7.95 -4.53 -6.67
C CYS A 67 -7.60 -4.33 -8.14
N LYS A 68 -8.62 -4.34 -8.99
CA LYS A 68 -8.44 -4.16 -10.43
C LYS A 68 -8.96 -2.80 -10.88
N LEU A 69 -8.40 -2.29 -11.97
CA LEU A 69 -8.81 -1.00 -12.52
C LEU A 69 -9.77 -1.18 -13.69
N PRO A 70 -10.79 -0.32 -13.76
CA PRO A 70 -11.79 -0.37 -14.83
C PRO A 70 -11.23 0.04 -16.17
N ARG A 71 -10.40 1.07 -16.17
CA ARG A 71 -9.78 1.58 -17.39
C ARG A 71 -8.75 0.58 -17.93
N LEU A 72 -7.91 0.07 -17.04
CA LEU A 72 -6.88 -0.89 -17.43
C LEU A 72 -7.38 -2.32 -17.25
N SER A 73 -6.51 -3.28 -17.54
CA SER A 73 -6.86 -4.70 -17.42
C SER A 73 -5.92 -5.40 -16.45
N LEU A 74 -5.29 -4.62 -15.57
CA LEU A 74 -4.37 -5.18 -14.59
C LEU A 74 -4.83 -4.87 -13.17
N ASN A 75 -4.16 -5.47 -12.19
CA ASN A 75 -4.51 -5.26 -10.79
C ASN A 75 -3.46 -4.40 -10.09
N GLY A 76 -3.93 -3.49 -9.25
CA GLY A 76 -3.01 -2.61 -8.53
C GLY A 76 -3.15 -2.74 -7.02
N VAL A 77 -2.14 -2.27 -6.30
CA VAL A 77 -2.15 -2.33 -4.85
C VAL A 77 -2.91 -1.15 -4.25
N ARG A 78 -3.55 -1.39 -3.11
CA ARG A 78 -4.33 -0.35 -2.43
C ARG A 78 -3.56 0.18 -1.22
N PHE A 79 -3.09 1.41 -1.32
CA PHE A 79 -2.34 2.04 -0.24
C PHE A 79 -3.24 2.98 0.57
N LYS A 80 -3.69 2.51 1.73
CA LYS A 80 -4.55 3.30 2.60
C LYS A 80 -3.85 3.63 3.91
N ARG A 81 -3.82 4.92 4.24
CA ARG A 81 -3.18 5.37 5.46
C ARG A 81 -4.14 5.29 6.65
N ILE A 82 -3.61 4.95 7.82
CA ILE A 82 -4.42 4.85 9.02
C ILE A 82 -3.99 5.86 10.07
N SER A 83 -2.70 5.87 10.37
CA SER A 83 -2.16 6.80 11.37
C SER A 83 -0.92 7.50 10.84
N GLY A 84 -0.48 8.55 11.55
CA GLY A 84 0.70 9.29 11.12
C GLY A 84 0.36 10.39 10.14
N THR A 85 1.27 11.34 9.98
CA THR A 85 1.06 12.46 9.06
C THR A 85 1.43 12.06 7.64
N SER A 86 0.92 12.83 6.67
CA SER A 86 1.19 12.55 5.27
C SER A 86 2.67 12.22 5.05
N ILE A 87 3.55 13.08 5.54
CA ILE A 87 4.98 12.87 5.40
C ILE A 87 5.38 11.49 5.90
N ALA A 88 4.98 11.16 7.12
CA ALA A 88 5.30 9.86 7.71
C ALA A 88 4.74 8.72 6.86
N PHE A 89 3.49 8.89 6.41
CA PHE A 89 2.83 7.87 5.60
C PHE A 89 3.60 7.64 4.29
N LYS A 90 3.67 8.68 3.47
CA LYS A 90 4.37 8.59 2.19
C LYS A 90 5.80 8.13 2.39
N ASN A 91 6.40 8.50 3.53
CA ASN A 91 7.77 8.11 3.83
C ASN A 91 7.93 6.60 3.79
N ILE A 92 6.97 5.90 4.38
CA ILE A 92 7.01 4.44 4.41
C ILE A 92 6.43 3.84 3.12
N ALA A 93 5.41 4.51 2.58
CA ALA A 93 4.77 4.05 1.36
C ALA A 93 5.77 4.00 0.21
N SER A 94 6.61 5.02 0.11
CA SER A 94 7.61 5.10 -0.95
C SER A 94 8.53 3.88 -0.92
N LYS A 95 8.56 3.19 0.22
CA LYS A 95 9.39 2.01 0.38
C LYS A 95 8.73 0.79 -0.25
N ILE A 96 7.42 0.65 -0.03
CA ILE A 96 6.67 -0.48 -0.58
C ILE A 96 6.35 -0.24 -2.05
N ALA A 97 5.53 0.76 -2.33
CA ALA A 97 5.15 1.08 -3.70
C ALA A 97 6.34 0.95 -4.64
N ASN A 98 7.53 1.26 -4.14
CA ASN A 98 8.74 1.19 -4.94
C ASN A 98 9.29 -0.24 -4.96
N GLU A 99 9.77 -0.70 -3.80
CA GLU A 99 10.32 -2.04 -3.68
C GLU A 99 9.49 -3.05 -4.49
N LEU A 100 8.17 -2.95 -4.35
CA LEU A 100 7.26 -3.85 -5.05
C LEU A 100 7.80 -4.18 -6.44
N LYS A 101 8.44 -5.34 -6.56
CA LYS A 101 8.99 -5.78 -7.83
C LYS A 101 7.89 -6.29 -8.75
N LEU A 102 6.83 -5.52 -8.88
CA LEU A 102 5.70 -5.89 -9.74
C LEU A 102 5.83 -5.25 -11.12
N GLY A 1 -7.85 25.38 -10.75
CA GLY A 1 -7.66 25.13 -9.33
C GLY A 1 -6.21 25.25 -8.90
N SER A 2 -5.93 26.21 -8.03
CA SER A 2 -4.57 26.44 -7.56
C SER A 2 -4.47 26.14 -6.06
N SER A 3 -5.61 25.91 -5.43
CA SER A 3 -5.66 25.62 -4.01
C SER A 3 -6.53 24.40 -3.73
N GLY A 4 -5.99 23.47 -2.93
CA GLY A 4 -6.73 22.27 -2.61
C GLY A 4 -7.15 22.22 -1.16
N SER A 5 -8.24 22.91 -0.83
CA SER A 5 -8.74 22.95 0.54
C SER A 5 -9.25 21.58 0.98
N SER A 6 -10.30 21.11 0.32
CA SER A 6 -10.90 19.81 0.63
C SER A 6 -11.76 19.31 -0.53
N GLY A 7 -11.46 18.11 -0.99
CA GLY A 7 -12.21 17.53 -2.10
C GLY A 7 -12.65 16.11 -1.81
N ARG A 8 -13.31 15.49 -2.79
CA ARG A 8 -13.80 14.12 -2.64
C ARG A 8 -12.64 13.13 -2.74
N PHE A 9 -12.76 12.02 -2.00
CA PHE A 9 -11.72 11.00 -2.02
C PHE A 9 -12.03 9.92 -3.05
N THR A 10 -11.01 9.53 -3.81
CA THR A 10 -11.17 8.50 -4.83
C THR A 10 -10.11 7.42 -4.70
N TRP A 11 -10.22 6.39 -5.53
CA TRP A 11 -9.26 5.29 -5.51
C TRP A 11 -8.24 5.42 -6.64
N SER A 12 -7.54 6.55 -6.67
CA SER A 12 -6.54 6.81 -7.69
C SER A 12 -5.22 6.13 -7.34
N MET A 13 -4.43 5.84 -8.37
CA MET A 13 -3.14 5.18 -8.17
C MET A 13 -2.33 5.16 -9.47
N LYS A 14 -1.01 5.16 -9.34
CA LYS A 14 -0.13 5.14 -10.50
C LYS A 14 0.42 3.74 -10.74
N THR A 15 1.09 3.19 -9.74
CA THR A 15 1.67 1.86 -9.84
C THR A 15 0.61 0.82 -10.20
N THR A 16 0.79 0.18 -11.36
CA THR A 16 -0.15 -0.82 -11.82
C THR A 16 0.57 -2.12 -12.18
N SER A 17 -0.12 -3.25 -11.96
CA SER A 17 0.46 -4.56 -12.26
C SER A 17 -0.50 -5.39 -13.09
N SER A 18 -0.08 -5.73 -14.31
CA SER A 18 -0.90 -6.53 -15.22
C SER A 18 -0.59 -8.01 -15.06
N MET A 19 -1.06 -8.61 -13.98
CA MET A 19 -0.83 -10.02 -13.71
C MET A 19 -1.80 -10.54 -12.66
N ASP A 20 -1.72 -11.84 -12.37
CA ASP A 20 -2.59 -12.47 -11.39
C ASP A 20 -2.36 -11.87 -10.01
N PRO A 21 -3.47 -11.68 -9.26
CA PRO A 21 -3.41 -11.11 -7.91
C PRO A 21 -2.77 -12.05 -6.90
N SER A 22 -2.85 -13.36 -7.18
CA SER A 22 -2.28 -14.36 -6.29
C SER A 22 -0.77 -14.21 -6.21
N ASP A 23 -0.17 -13.66 -7.26
CA ASP A 23 1.28 -13.45 -7.30
C ASP A 23 1.66 -12.18 -6.57
N MET A 24 0.71 -11.26 -6.45
CA MET A 24 0.95 -9.99 -5.76
C MET A 24 0.95 -10.18 -4.25
N MET A 25 -0.14 -10.74 -3.73
CA MET A 25 -0.27 -10.98 -2.30
C MET A 25 0.98 -11.64 -1.74
N ARG A 26 1.59 -12.51 -2.55
CA ARG A 26 2.80 -13.22 -2.14
C ARG A 26 3.95 -12.25 -1.87
N GLU A 27 4.31 -11.48 -2.89
CA GLU A 27 5.39 -10.50 -2.77
C GLU A 27 5.08 -9.49 -1.68
N ILE A 28 3.84 -9.00 -1.66
CA ILE A 28 3.41 -8.02 -0.67
C ILE A 28 3.69 -8.51 0.75
N ARG A 29 3.57 -9.82 0.95
CA ARG A 29 3.81 -10.41 2.25
C ARG A 29 5.31 -10.59 2.51
N LYS A 30 6.07 -10.78 1.43
CA LYS A 30 7.52 -10.96 1.53
C LYS A 30 8.21 -9.63 1.78
N VAL A 31 8.04 -8.69 0.84
CA VAL A 31 8.65 -7.37 0.96
C VAL A 31 8.43 -6.78 2.35
N LEU A 32 7.17 -6.76 2.78
CA LEU A 32 6.82 -6.22 4.09
C LEU A 32 7.69 -6.84 5.18
N GLY A 33 7.55 -8.14 5.39
CA GLY A 33 8.34 -8.83 6.40
C GLY A 33 9.79 -8.39 6.39
N ALA A 34 10.34 -8.20 5.19
CA ALA A 34 11.73 -7.79 5.05
C ALA A 34 11.97 -6.45 5.73
N ASN A 35 11.01 -5.54 5.60
CA ASN A 35 11.13 -4.22 6.20
C ASN A 35 10.59 -4.22 7.63
N ASN A 36 10.92 -5.27 8.38
CA ASN A 36 10.48 -5.40 9.76
C ASN A 36 9.04 -4.95 9.91
N CYS A 37 8.28 -5.05 8.83
CA CYS A 37 6.87 -4.65 8.84
C CYS A 37 5.98 -5.81 9.30
N ASP A 38 4.93 -5.48 10.04
CA ASP A 38 4.01 -6.48 10.54
C ASP A 38 2.72 -6.50 9.72
N TYR A 39 2.49 -7.60 9.01
CA TYR A 39 1.29 -7.74 8.18
C TYR A 39 0.31 -8.72 8.80
N GLU A 40 -0.97 -8.37 8.77
CA GLU A 40 -2.01 -9.23 9.32
C GLU A 40 -3.14 -9.44 8.31
N GLN A 41 -3.59 -10.69 8.21
CA GLN A 41 -4.66 -11.03 7.29
C GLN A 41 -6.02 -10.63 7.84
N ARG A 42 -6.53 -9.48 7.38
CA ARG A 42 -7.81 -8.98 7.85
C ARG A 42 -8.95 -9.57 7.02
N GLU A 43 -8.95 -9.27 5.72
CA GLU A 43 -9.98 -9.76 4.82
C GLU A 43 -9.40 -10.75 3.81
N ARG A 44 -10.23 -11.19 2.87
CA ARG A 44 -9.80 -12.14 1.84
C ARG A 44 -8.63 -11.57 1.04
N PHE A 45 -8.72 -10.28 0.72
CA PHE A 45 -7.67 -9.61 -0.05
C PHE A 45 -7.26 -8.30 0.61
N LEU A 46 -7.05 -8.34 1.92
CA LEU A 46 -6.66 -7.15 2.68
C LEU A 46 -5.63 -7.51 3.75
N LEU A 47 -4.69 -6.59 3.99
CA LEU A 47 -3.66 -6.80 5.00
C LEU A 47 -3.45 -5.55 5.84
N PHE A 48 -2.85 -5.72 7.01
CA PHE A 48 -2.58 -4.60 7.91
C PHE A 48 -1.08 -4.39 8.10
N CYS A 49 -0.51 -3.49 7.33
CA CYS A 49 0.91 -3.20 7.41
C CYS A 49 1.21 -2.28 8.59
N VAL A 50 2.37 -2.46 9.21
CA VAL A 50 2.78 -1.65 10.35
C VAL A 50 4.29 -1.44 10.37
N HIS A 51 4.70 -0.18 10.46
CA HIS A 51 6.12 0.16 10.50
C HIS A 51 6.38 1.32 11.44
N GLY A 52 7.62 1.43 11.93
CA GLY A 52 7.97 2.50 12.84
C GLY A 52 9.32 3.11 12.51
N ASP A 53 9.33 4.09 11.63
CA ASP A 53 10.57 4.77 11.24
C ASP A 53 10.78 6.04 12.05
N GLY A 54 10.73 5.92 13.37
CA GLY A 54 10.91 7.07 14.23
C GLY A 54 10.50 6.80 15.66
N HIS A 55 9.54 7.58 16.16
CA HIS A 55 9.06 7.43 17.52
C HIS A 55 7.75 6.65 17.54
N ALA A 56 7.45 6.03 18.68
CA ALA A 56 6.22 5.25 18.83
C ALA A 56 5.00 6.06 18.39
N GLU A 57 4.90 7.28 18.90
CA GLU A 57 3.79 8.16 18.56
C GLU A 57 3.78 8.49 17.07
N ASN A 58 4.92 8.30 16.43
CA ASN A 58 5.07 8.57 15.00
C ASN A 58 5.02 7.29 14.19
N LEU A 59 4.22 6.33 14.65
CA LEU A 59 4.09 5.05 13.97
C LEU A 59 3.21 5.18 12.73
N VAL A 60 3.49 4.36 11.71
CA VAL A 60 2.72 4.38 10.48
C VAL A 60 1.98 3.07 10.27
N GLN A 61 0.69 3.17 9.96
CA GLN A 61 -0.14 1.99 9.73
C GLN A 61 -1.01 2.16 8.49
N TRP A 62 -0.87 1.25 7.54
CA TRP A 62 -1.64 1.30 6.31
C TRP A 62 -2.02 -0.10 5.84
N GLU A 63 -3.16 -0.20 5.16
CA GLU A 63 -3.64 -1.49 4.66
C GLU A 63 -3.28 -1.68 3.19
N MET A 64 -3.54 -2.87 2.67
CA MET A 64 -3.24 -3.18 1.28
C MET A 64 -4.21 -4.23 0.74
N GLU A 65 -4.85 -3.92 -0.39
CA GLU A 65 -5.79 -4.84 -1.00
C GLU A 65 -5.65 -4.83 -2.53
N VAL A 66 -5.62 -6.01 -3.13
CA VAL A 66 -5.49 -6.14 -4.57
C VAL A 66 -6.85 -6.38 -5.22
N CYS A 67 -7.18 -5.55 -6.21
CA CYS A 67 -8.45 -5.67 -6.92
C CYS A 67 -8.44 -4.84 -8.19
N LYS A 68 -9.16 -5.31 -9.21
CA LYS A 68 -9.24 -4.61 -10.48
C LYS A 68 -9.70 -3.17 -10.29
N LEU A 69 -8.85 -2.22 -10.65
CA LEU A 69 -9.17 -0.81 -10.52
C LEU A 69 -10.45 -0.47 -11.27
N PRO A 70 -11.28 0.40 -10.67
CA PRO A 70 -12.55 0.82 -11.27
C PRO A 70 -12.35 1.72 -12.49
N ARG A 71 -11.16 2.30 -12.60
CA ARG A 71 -10.83 3.18 -13.71
C ARG A 71 -10.09 2.42 -14.80
N LEU A 72 -9.00 1.77 -14.42
CA LEU A 72 -8.19 1.00 -15.37
C LEU A 72 -8.62 -0.47 -15.39
N SER A 73 -8.24 -1.17 -16.45
CA SER A 73 -8.59 -2.58 -16.59
C SER A 73 -7.44 -3.47 -16.12
N LEU A 74 -6.79 -3.06 -15.03
CA LEU A 74 -5.68 -3.82 -14.48
C LEU A 74 -5.85 -4.01 -12.97
N ASN A 75 -4.88 -4.69 -12.36
CA ASN A 75 -4.93 -4.95 -10.93
C ASN A 75 -3.82 -4.17 -10.21
N GLY A 76 -4.21 -3.13 -9.48
CA GLY A 76 -3.26 -2.32 -8.75
C GLY A 76 -3.32 -2.54 -7.25
N VAL A 77 -2.34 -2.02 -6.53
CA VAL A 77 -2.30 -2.15 -5.08
C VAL A 77 -2.96 -0.97 -4.39
N ARG A 78 -3.67 -1.24 -3.31
CA ARG A 78 -4.35 -0.20 -2.55
C ARG A 78 -3.55 0.22 -1.33
N PHE A 79 -3.56 1.52 -1.04
CA PHE A 79 -2.82 2.05 0.10
C PHE A 79 -3.70 2.95 0.95
N LYS A 80 -4.27 2.39 2.02
CA LYS A 80 -5.14 3.15 2.91
C LYS A 80 -4.36 3.67 4.12
N ARG A 81 -4.57 4.94 4.44
CA ARG A 81 -3.90 5.55 5.58
C ARG A 81 -4.73 5.42 6.86
N ILE A 82 -4.12 4.85 7.89
CA ILE A 82 -4.81 4.66 9.17
C ILE A 82 -4.38 5.71 10.18
N SER A 83 -3.08 5.76 10.45
CA SER A 83 -2.52 6.71 11.41
C SER A 83 -1.27 7.38 10.86
N GLY A 84 -0.71 8.30 11.63
CA GLY A 84 0.49 9.00 11.19
C GLY A 84 0.19 10.13 10.23
N THR A 85 1.07 11.14 10.20
CA THR A 85 0.89 12.27 9.32
C THR A 85 1.00 11.87 7.86
N SER A 86 0.77 12.82 6.96
CA SER A 86 0.85 12.56 5.53
C SER A 86 2.31 12.41 5.09
N ILE A 87 3.20 13.09 5.79
CA ILE A 87 4.63 13.03 5.47
C ILE A 87 5.20 11.63 5.73
N ALA A 88 5.29 11.27 7.00
CA ALA A 88 5.81 9.97 7.39
C ALA A 88 5.07 8.84 6.66
N PHE A 89 3.87 9.14 6.20
CA PHE A 89 3.06 8.16 5.49
C PHE A 89 3.57 7.95 4.06
N LYS A 90 3.86 9.06 3.37
CA LYS A 90 4.36 9.00 2.01
C LYS A 90 5.79 8.48 1.98
N ASN A 91 6.50 8.65 3.09
CA ASN A 91 7.88 8.19 3.19
C ASN A 91 7.95 6.67 3.24
N ILE A 92 7.47 6.09 4.34
CA ILE A 92 7.46 4.64 4.50
C ILE A 92 6.85 3.95 3.29
N ALA A 93 5.90 4.63 2.65
CA ALA A 93 5.23 4.07 1.48
C ALA A 93 6.20 3.92 0.31
N SER A 94 7.05 4.92 0.14
CA SER A 94 8.03 4.90 -0.95
C SER A 94 8.95 3.69 -0.83
N LYS A 95 8.99 3.09 0.35
CA LYS A 95 9.82 1.92 0.60
C LYS A 95 9.15 0.66 0.09
N ILE A 96 7.82 0.66 0.06
CA ILE A 96 7.06 -0.49 -0.41
C ILE A 96 6.93 -0.47 -1.93
N ALA A 97 6.21 0.51 -2.45
CA ALA A 97 6.01 0.65 -3.89
C ALA A 97 7.31 0.34 -4.64
N ASN A 98 8.38 1.00 -4.26
CA ASN A 98 9.67 0.81 -4.90
C ASN A 98 10.11 -0.65 -4.82
N GLU A 99 10.16 -1.18 -3.60
CA GLU A 99 10.55 -2.57 -3.38
C GLU A 99 9.77 -3.51 -4.29
N LEU A 100 8.44 -3.39 -4.24
CA LEU A 100 7.57 -4.24 -5.06
C LEU A 100 8.16 -4.44 -6.45
N LYS A 101 8.36 -5.71 -6.81
CA LYS A 101 8.91 -6.04 -8.12
C LYS A 101 7.82 -6.47 -9.09
N LEU A 102 6.99 -5.51 -9.50
CA LEU A 102 5.89 -5.79 -10.43
C LEU A 102 6.11 -5.07 -11.75
N GLY A 1 0.94 28.81 -1.51
CA GLY A 1 0.80 28.94 -2.94
C GLY A 1 -0.60 29.35 -3.35
N SER A 2 -0.99 29.00 -4.56
CA SER A 2 -2.32 29.35 -5.07
C SER A 2 -3.40 28.84 -4.14
N SER A 3 -4.12 29.77 -3.51
CA SER A 3 -5.19 29.41 -2.59
C SER A 3 -6.51 29.22 -3.33
N GLY A 4 -7.07 28.02 -3.22
CA GLY A 4 -8.33 27.73 -3.89
C GLY A 4 -8.35 26.33 -4.48
N SER A 5 -8.30 26.24 -5.81
CA SER A 5 -8.33 24.96 -6.49
C SER A 5 -7.54 23.91 -5.71
N SER A 6 -7.96 22.65 -5.85
CA SER A 6 -7.29 21.55 -5.16
C SER A 6 -7.36 20.27 -5.98
N GLY A 7 -6.21 19.82 -6.47
CA GLY A 7 -6.15 18.61 -7.26
C GLY A 7 -6.77 17.42 -6.55
N ARG A 8 -7.62 16.68 -7.25
CA ARG A 8 -8.28 15.51 -6.67
C ARG A 8 -7.33 14.32 -6.63
N PHE A 9 -6.98 13.89 -5.43
CA PHE A 9 -6.08 12.75 -5.25
C PHE A 9 -6.84 11.44 -5.26
N THR A 10 -6.79 10.73 -6.38
CA THR A 10 -7.47 9.46 -6.52
C THR A 10 -6.88 8.40 -5.60
N TRP A 11 -7.56 7.28 -5.47
CA TRP A 11 -7.09 6.19 -4.62
C TRP A 11 -6.30 5.17 -5.43
N SER A 12 -5.12 5.59 -5.88
CA SER A 12 -4.26 4.71 -6.67
C SER A 12 -2.84 5.29 -6.76
N MET A 13 -1.98 4.60 -7.50
CA MET A 13 -0.60 5.04 -7.67
C MET A 13 0.03 4.41 -8.92
N LYS A 14 1.28 4.75 -9.18
CA LYS A 14 2.00 4.22 -10.34
C LYS A 14 2.72 2.93 -9.98
N THR A 15 2.00 1.98 -9.40
CA THR A 15 2.58 0.70 -9.01
C THR A 15 1.78 -0.46 -9.58
N THR A 16 1.34 -0.33 -10.82
CA THR A 16 0.56 -1.37 -11.48
C THR A 16 1.33 -2.69 -11.51
N SER A 17 0.59 -3.79 -11.66
CA SER A 17 1.21 -5.11 -11.70
C SER A 17 0.61 -5.95 -12.83
N SER A 18 1.47 -6.66 -13.56
CA SER A 18 1.03 -7.49 -14.67
C SER A 18 1.07 -8.97 -14.29
N MET A 19 0.41 -9.30 -13.19
CA MET A 19 0.37 -10.68 -12.72
C MET A 19 -0.92 -10.96 -11.94
N ASP A 20 -1.23 -12.23 -11.74
CA ASP A 20 -2.44 -12.62 -11.02
C ASP A 20 -2.42 -12.06 -9.60
N PRO A 21 -3.61 -11.75 -9.07
CA PRO A 21 -3.76 -11.20 -7.72
C PRO A 21 -3.44 -12.23 -6.64
N SER A 22 -3.42 -13.50 -7.03
CA SER A 22 -3.13 -14.58 -6.09
C SER A 22 -1.65 -14.59 -5.71
N ASP A 23 -0.81 -14.12 -6.62
CA ASP A 23 0.62 -14.07 -6.38
C ASP A 23 1.01 -12.78 -5.67
N MET A 24 0.36 -11.68 -6.05
CA MET A 24 0.64 -10.38 -5.45
C MET A 24 0.65 -10.47 -3.92
N MET A 25 -0.23 -11.32 -3.39
CA MET A 25 -0.31 -11.51 -1.94
C MET A 25 1.00 -12.00 -1.37
N ARG A 26 1.65 -12.92 -2.09
CA ARG A 26 2.93 -13.47 -1.65
C ARG A 26 3.99 -12.38 -1.56
N GLU A 27 4.18 -11.66 -2.65
CA GLU A 27 5.17 -10.59 -2.70
C GLU A 27 4.90 -9.56 -1.60
N ILE A 28 3.69 -9.02 -1.57
CA ILE A 28 3.32 -8.03 -0.57
C ILE A 28 3.90 -8.38 0.80
N ARG A 29 3.74 -9.64 1.19
CA ARG A 29 4.25 -10.11 2.48
C ARG A 29 5.77 -10.21 2.45
N LYS A 30 6.28 -11.04 1.56
CA LYS A 30 7.72 -11.23 1.44
C LYS A 30 8.47 -9.91 1.59
N VAL A 31 7.83 -8.83 1.17
CA VAL A 31 8.42 -7.50 1.25
C VAL A 31 8.27 -6.93 2.65
N LEU A 32 7.04 -6.92 3.15
CA LEU A 32 6.76 -6.40 4.49
C LEU A 32 7.65 -7.07 5.53
N GLY A 33 7.83 -8.37 5.40
CA GLY A 33 8.66 -9.11 6.34
C GLY A 33 10.10 -8.63 6.33
N ALA A 34 10.63 -8.36 5.14
CA ALA A 34 12.00 -7.89 5.00
C ALA A 34 12.18 -6.51 5.62
N ASN A 35 11.13 -5.68 5.54
CA ASN A 35 11.18 -4.34 6.09
C ASN A 35 10.80 -4.34 7.57
N ASN A 36 11.06 -5.47 8.24
CA ASN A 36 10.75 -5.60 9.66
C ASN A 36 9.39 -4.96 9.97
N CYS A 37 8.38 -5.34 9.21
CA CYS A 37 7.04 -4.82 9.41
C CYS A 37 6.09 -5.90 9.90
N ASP A 38 4.99 -5.49 10.51
CA ASP A 38 4.00 -6.44 11.03
C ASP A 38 2.75 -6.45 10.16
N TYR A 39 2.47 -7.59 9.54
CA TYR A 39 1.31 -7.74 8.68
C TYR A 39 0.28 -8.69 9.31
N GLU A 40 -0.99 -8.47 8.97
CA GLU A 40 -2.07 -9.31 9.49
C GLU A 40 -3.11 -9.58 8.42
N GLN A 41 -3.65 -10.80 8.42
CA GLN A 41 -4.66 -11.19 7.45
C GLN A 41 -6.02 -10.57 7.80
N ARG A 42 -6.45 -9.60 7.00
CA ARG A 42 -7.72 -8.94 7.23
C ARG A 42 -8.82 -9.54 6.35
N GLU A 43 -8.78 -9.24 5.06
CA GLU A 43 -9.76 -9.75 4.12
C GLU A 43 -9.17 -10.86 3.26
N ARG A 44 -9.95 -11.35 2.31
CA ARG A 44 -9.51 -12.41 1.42
C ARG A 44 -8.27 -11.99 0.64
N PHE A 45 -8.27 -10.73 0.19
CA PHE A 45 -7.15 -10.20 -0.58
C PHE A 45 -6.68 -8.87 0.01
N LEU A 46 -6.59 -8.82 1.34
CA LEU A 46 -6.15 -7.62 2.03
C LEU A 46 -5.25 -7.96 3.21
N LEU A 47 -4.28 -7.10 3.48
CA LEU A 47 -3.35 -7.31 4.57
C LEU A 47 -3.02 -6.00 5.28
N PHE A 48 -2.53 -6.10 6.51
CA PHE A 48 -2.18 -4.92 7.30
C PHE A 48 -0.70 -4.59 7.16
N CYS A 49 -0.37 -3.32 7.30
CA CYS A 49 1.02 -2.87 7.19
C CYS A 49 1.39 -1.96 8.37
N VAL A 50 2.46 -2.32 9.06
CA VAL A 50 2.93 -1.55 10.21
C VAL A 50 4.43 -1.35 10.17
N HIS A 51 4.87 -0.13 10.45
CA HIS A 51 6.29 0.20 10.45
C HIS A 51 6.60 1.35 11.40
N GLY A 52 7.81 1.35 11.95
CA GLY A 52 8.20 2.41 12.87
C GLY A 52 8.69 3.65 12.17
N ASP A 53 9.69 3.47 11.29
CA ASP A 53 10.25 4.59 10.55
C ASP A 53 10.51 5.78 11.47
N GLY A 54 10.90 5.50 12.71
CA GLY A 54 11.17 6.56 13.65
C GLY A 54 10.63 6.25 15.03
N HIS A 55 10.12 7.27 15.72
CA HIS A 55 9.56 7.10 17.05
C HIS A 55 8.27 6.29 17.01
N ALA A 56 7.86 5.77 18.16
CA ALA A 56 6.64 4.98 18.26
C ALA A 56 5.41 5.85 18.12
N GLU A 57 5.39 6.96 18.86
CA GLU A 57 4.26 7.89 18.83
C GLU A 57 3.98 8.34 17.40
N ASN A 58 4.93 8.10 16.51
CA ASN A 58 4.79 8.49 15.11
C ASN A 58 4.78 7.26 14.20
N LEU A 59 4.23 6.16 14.72
CA LEU A 59 4.15 4.93 13.94
C LEU A 59 3.21 5.08 12.76
N VAL A 60 3.52 4.38 11.67
CA VAL A 60 2.71 4.45 10.46
C VAL A 60 1.90 3.16 10.29
N GLN A 61 0.65 3.31 9.88
CA GLN A 61 -0.23 2.16 9.67
C GLN A 61 -1.08 2.34 8.41
N TRP A 62 -0.94 1.41 7.47
CA TRP A 62 -1.69 1.46 6.22
C TRP A 62 -1.99 0.06 5.71
N GLU A 63 -3.10 -0.07 4.97
CA GLU A 63 -3.50 -1.36 4.43
C GLU A 63 -3.13 -1.46 2.95
N MET A 64 -3.12 -2.69 2.44
CA MET A 64 -2.78 -2.92 1.04
C MET A 64 -3.59 -4.08 0.47
N GLU A 65 -4.50 -3.77 -0.45
CA GLU A 65 -5.35 -4.79 -1.07
C GLU A 65 -5.12 -4.85 -2.58
N VAL A 66 -5.30 -6.03 -3.15
CA VAL A 66 -5.13 -6.21 -4.59
C VAL A 66 -6.46 -6.25 -5.31
N CYS A 67 -6.77 -5.18 -6.03
CA CYS A 67 -8.02 -5.08 -6.78
C CYS A 67 -7.75 -4.79 -8.25
N LYS A 68 -8.79 -4.91 -9.07
CA LYS A 68 -8.68 -4.66 -10.50
C LYS A 68 -9.27 -3.30 -10.87
N LEU A 69 -8.46 -2.47 -11.51
CA LEU A 69 -8.89 -1.13 -11.92
C LEU A 69 -10.15 -1.22 -12.78
N PRO A 70 -11.10 -0.29 -12.54
CA PRO A 70 -12.35 -0.23 -13.29
C PRO A 70 -12.15 0.21 -14.73
N ARG A 71 -11.45 1.32 -14.91
CA ARG A 71 -11.17 1.86 -16.24
C ARG A 71 -10.28 0.92 -17.04
N LEU A 72 -9.22 0.42 -16.38
CA LEU A 72 -8.29 -0.48 -17.03
C LEU A 72 -8.61 -1.93 -16.68
N SER A 73 -7.80 -2.85 -17.20
CA SER A 73 -8.00 -4.28 -16.94
C SER A 73 -6.83 -4.86 -16.17
N LEU A 74 -6.13 -4.00 -15.44
CA LEU A 74 -4.98 -4.43 -14.64
C LEU A 74 -5.32 -4.42 -13.16
N ASN A 75 -4.35 -4.80 -12.34
CA ASN A 75 -4.53 -4.84 -10.88
C ASN A 75 -3.64 -3.81 -10.19
N GLY A 76 -4.20 -3.12 -9.21
CA GLY A 76 -3.44 -2.11 -8.48
C GLY A 76 -3.61 -2.23 -6.99
N VAL A 77 -2.52 -2.06 -6.25
CA VAL A 77 -2.56 -2.15 -4.79
C VAL A 77 -2.97 -0.82 -4.17
N ARG A 78 -4.11 -0.81 -3.49
CA ARG A 78 -4.62 0.39 -2.85
C ARG A 78 -3.99 0.59 -1.47
N PHE A 79 -3.61 1.82 -1.17
CA PHE A 79 -3.00 2.13 0.12
C PHE A 79 -3.92 3.00 0.96
N LYS A 80 -4.38 2.45 2.08
CA LYS A 80 -5.28 3.18 2.97
C LYS A 80 -4.51 3.73 4.17
N ARG A 81 -4.56 5.05 4.33
CA ARG A 81 -3.87 5.71 5.44
C ARG A 81 -4.68 5.61 6.73
N ILE A 82 -4.24 4.75 7.64
CA ILE A 82 -4.93 4.56 8.91
C ILE A 82 -4.60 5.69 9.88
N SER A 83 -3.35 5.74 10.33
CA SER A 83 -2.91 6.76 11.27
C SER A 83 -1.57 7.36 10.83
N GLY A 84 -1.14 8.40 11.52
CA GLY A 84 0.11 9.06 11.19
C GLY A 84 -0.05 10.13 10.14
N THR A 85 0.68 11.22 10.28
CA THR A 85 0.61 12.33 9.34
C THR A 85 0.94 11.86 7.93
N SER A 86 0.93 12.78 6.98
CA SER A 86 1.21 12.46 5.58
C SER A 86 2.72 12.46 5.32
N ILE A 87 3.47 13.10 6.21
CA ILE A 87 4.92 13.17 6.09
C ILE A 87 5.55 11.80 6.27
N ALA A 88 5.36 11.22 7.45
CA ALA A 88 5.91 9.90 7.75
C ALA A 88 5.16 8.81 6.99
N PHE A 89 3.87 9.04 6.74
CA PHE A 89 3.05 8.07 6.02
C PHE A 89 3.59 7.83 4.63
N LYS A 90 3.99 8.90 3.95
CA LYS A 90 4.53 8.81 2.59
C LYS A 90 5.94 8.22 2.62
N ASN A 91 6.73 8.65 3.59
CA ASN A 91 8.10 8.16 3.73
C ASN A 91 8.19 6.67 3.40
N ILE A 92 7.41 5.87 4.12
CA ILE A 92 7.39 4.43 3.91
C ILE A 92 6.61 4.06 2.65
N ALA A 93 5.61 4.88 2.33
CA ALA A 93 4.78 4.64 1.15
C ALA A 93 5.64 4.53 -0.10
N SER A 94 6.77 5.24 -0.10
CA SER A 94 7.68 5.23 -1.25
C SER A 94 8.57 3.99 -1.22
N LYS A 95 8.68 3.38 -0.05
CA LYS A 95 9.50 2.18 0.11
C LYS A 95 8.73 0.94 -0.32
N ILE A 96 7.42 0.96 -0.11
CA ILE A 96 6.58 -0.18 -0.48
C ILE A 96 6.29 -0.18 -1.98
N ALA A 97 5.86 0.96 -2.50
CA ALA A 97 5.56 1.08 -3.92
C ALA A 97 6.78 0.75 -4.78
N ASN A 98 7.96 1.02 -4.24
CA ASN A 98 9.21 0.75 -4.95
C ASN A 98 9.58 -0.73 -4.85
N GLU A 99 10.04 -1.13 -3.68
CA GLU A 99 10.43 -2.53 -3.44
C GLU A 99 9.53 -3.48 -4.22
N LEU A 100 8.21 -3.30 -4.07
CA LEU A 100 7.25 -4.15 -4.76
C LEU A 100 7.72 -4.47 -6.17
N LYS A 101 8.39 -5.60 -6.33
CA LYS A 101 8.89 -6.02 -7.63
C LYS A 101 7.74 -6.51 -8.51
N LEU A 102 7.02 -5.57 -9.11
CA LEU A 102 5.89 -5.90 -9.98
C LEU A 102 5.92 -5.05 -11.25
N GLY A 1 -17.26 14.15 -25.21
CA GLY A 1 -17.01 12.99 -24.37
C GLY A 1 -16.32 13.36 -23.07
N SER A 2 -16.35 12.45 -22.11
CA SER A 2 -15.73 12.68 -20.81
C SER A 2 -14.78 11.54 -20.45
N SER A 3 -13.55 11.90 -20.08
CA SER A 3 -12.55 10.91 -19.71
C SER A 3 -12.21 11.00 -18.23
N GLY A 4 -12.22 12.23 -17.70
CA GLY A 4 -11.92 12.43 -16.29
C GLY A 4 -13.11 12.95 -15.50
N SER A 5 -13.71 12.07 -14.71
CA SER A 5 -14.87 12.44 -13.90
C SER A 5 -14.75 11.88 -12.49
N SER A 6 -15.44 12.52 -11.55
CA SER A 6 -15.42 12.09 -10.16
C SER A 6 -16.22 10.81 -9.97
N GLY A 7 -15.84 10.02 -8.97
CA GLY A 7 -16.53 8.77 -8.70
C GLY A 7 -15.75 7.84 -7.80
N ARG A 8 -14.58 7.41 -8.28
CA ARG A 8 -13.73 6.50 -7.51
C ARG A 8 -12.28 6.96 -7.56
N PHE A 9 -11.93 7.89 -6.68
CA PHE A 9 -10.56 8.41 -6.62
C PHE A 9 -9.85 7.94 -5.37
N THR A 10 -9.10 6.84 -5.48
CA THR A 10 -8.37 6.29 -4.36
C THR A 10 -7.36 7.29 -3.80
N TRP A 11 -6.58 6.86 -2.83
CA TRP A 11 -5.58 7.72 -2.21
C TRP A 11 -4.40 7.95 -3.14
N SER A 12 -3.84 6.87 -3.67
CA SER A 12 -2.72 6.96 -4.59
C SER A 12 -2.37 5.59 -5.16
N MET A 13 -2.29 5.52 -6.48
CA MET A 13 -1.96 4.26 -7.16
C MET A 13 -0.81 4.46 -8.15
N LYS A 14 0.39 4.07 -7.74
CA LYS A 14 1.57 4.20 -8.59
C LYS A 14 2.30 2.87 -8.71
N THR A 15 1.57 1.84 -9.15
CA THR A 15 2.15 0.52 -9.32
C THR A 15 1.23 -0.39 -10.13
N THR A 16 1.82 -1.14 -11.07
CA THR A 16 1.06 -2.04 -11.91
C THR A 16 1.81 -3.34 -12.14
N SER A 17 1.12 -4.46 -11.93
CA SER A 17 1.73 -5.78 -12.12
C SER A 17 0.88 -6.64 -13.05
N SER A 18 1.48 -7.08 -14.15
CA SER A 18 0.78 -7.92 -15.11
C SER A 18 0.74 -9.37 -14.66
N MET A 19 0.20 -9.58 -13.46
CA MET A 19 0.10 -10.94 -12.90
C MET A 19 -1.22 -11.12 -12.16
N ASP A 20 -1.45 -12.33 -11.67
CA ASP A 20 -2.67 -12.63 -10.93
C ASP A 20 -2.64 -12.03 -9.54
N PRO A 21 -3.83 -11.75 -8.98
CA PRO A 21 -3.96 -11.16 -7.65
C PRO A 21 -3.57 -12.14 -6.54
N SER A 22 -3.90 -13.41 -6.75
CA SER A 22 -3.59 -14.44 -5.77
C SER A 22 -2.09 -14.52 -5.51
N ASP A 23 -1.30 -14.30 -6.57
CA ASP A 23 0.15 -14.35 -6.45
C ASP A 23 0.67 -13.07 -5.81
N MET A 24 0.03 -11.95 -6.10
CA MET A 24 0.44 -10.66 -5.56
C MET A 24 0.59 -10.74 -4.04
N MET A 25 -0.48 -11.14 -3.36
CA MET A 25 -0.47 -11.26 -1.91
C MET A 25 0.88 -11.79 -1.42
N ARG A 26 1.34 -12.87 -2.03
CA ARG A 26 2.62 -13.48 -1.67
C ARG A 26 3.73 -12.44 -1.68
N GLU A 27 3.86 -11.73 -2.79
CA GLU A 27 4.89 -10.71 -2.94
C GLU A 27 4.75 -9.64 -1.87
N ILE A 28 3.51 -9.25 -1.58
CA ILE A 28 3.24 -8.23 -0.57
C ILE A 28 3.83 -8.63 0.78
N ARG A 29 3.86 -9.93 1.05
CA ARG A 29 4.40 -10.44 2.30
C ARG A 29 5.92 -10.66 2.19
N LYS A 30 6.35 -11.17 1.06
CA LYS A 30 7.77 -11.43 0.82
C LYS A 30 8.57 -10.13 0.87
N VAL A 31 7.92 -9.02 0.53
CA VAL A 31 8.57 -7.73 0.54
C VAL A 31 8.49 -7.08 1.92
N LEU A 32 7.28 -6.97 2.44
CA LEU A 32 7.06 -6.37 3.76
C LEU A 32 8.02 -6.97 4.79
N GLY A 33 7.92 -8.28 4.99
CA GLY A 33 8.78 -8.96 5.95
C GLY A 33 10.23 -8.55 5.80
N ALA A 34 10.61 -8.13 4.60
CA ALA A 34 11.98 -7.71 4.33
C ALA A 34 12.26 -6.34 4.92
N ASN A 35 11.24 -5.48 4.93
CA ASN A 35 11.38 -4.13 5.46
C ASN A 35 11.05 -4.10 6.96
N ASN A 36 11.33 -5.20 7.64
CA ASN A 36 11.06 -5.30 9.07
C ASN A 36 9.73 -4.63 9.42
N CYS A 37 8.68 -4.99 8.69
CA CYS A 37 7.36 -4.44 8.94
C CYS A 37 6.40 -5.51 9.42
N ASP A 38 5.48 -5.11 10.30
CA ASP A 38 4.50 -6.04 10.86
C ASP A 38 3.20 -6.00 10.05
N TYR A 39 2.77 -7.16 9.57
CA TYR A 39 1.55 -7.25 8.78
C TYR A 39 0.60 -8.29 9.37
N GLU A 40 -0.69 -8.15 9.07
CA GLU A 40 -1.70 -9.06 9.58
C GLU A 40 -2.85 -9.23 8.57
N GLN A 41 -3.62 -10.29 8.74
CA GLN A 41 -4.74 -10.56 7.84
C GLN A 41 -5.88 -9.59 8.10
N ARG A 42 -6.39 -8.97 7.04
CA ARG A 42 -7.48 -8.01 7.14
C ARG A 42 -8.70 -8.50 6.37
N GLU A 43 -8.62 -8.45 5.04
CA GLU A 43 -9.72 -8.88 4.19
C GLU A 43 -9.27 -10.01 3.26
N ARG A 44 -10.17 -10.43 2.37
CA ARG A 44 -9.88 -11.50 1.42
C ARG A 44 -8.59 -11.19 0.65
N PHE A 45 -8.43 -9.92 0.26
CA PHE A 45 -7.25 -9.51 -0.48
C PHE A 45 -6.64 -8.24 0.12
N LEU A 46 -6.76 -8.10 1.44
CA LEU A 46 -6.23 -6.94 2.13
C LEU A 46 -5.35 -7.36 3.31
N LEU A 47 -4.31 -6.58 3.57
CA LEU A 47 -3.40 -6.87 4.68
C LEU A 47 -2.95 -5.58 5.36
N PHE A 48 -2.70 -5.67 6.66
CA PHE A 48 -2.26 -4.52 7.44
C PHE A 48 -0.75 -4.34 7.34
N CYS A 49 -0.29 -3.09 7.47
CA CYS A 49 1.12 -2.79 7.40
C CYS A 49 1.56 -1.91 8.56
N VAL A 50 2.77 -2.13 9.05
CA VAL A 50 3.30 -1.36 10.17
C VAL A 50 4.81 -1.21 10.07
N HIS A 51 5.32 -0.01 10.34
CA HIS A 51 6.74 0.25 10.29
C HIS A 51 7.14 1.34 11.29
N GLY A 52 8.40 1.33 11.70
CA GLY A 52 8.88 2.32 12.65
C GLY A 52 9.89 3.27 12.05
N ASP A 53 9.51 3.90 10.94
CA ASP A 53 10.37 4.84 10.25
C ASP A 53 10.88 5.92 11.22
N GLY A 54 9.96 6.46 12.01
CA GLY A 54 10.33 7.49 12.97
C GLY A 54 10.20 7.02 14.40
N HIS A 55 9.93 7.96 15.31
CA HIS A 55 9.78 7.63 16.72
C HIS A 55 8.53 6.80 16.96
N ALA A 56 8.43 6.22 18.15
CA ALA A 56 7.27 5.40 18.51
C ALA A 56 5.97 6.19 18.40
N GLU A 57 5.94 7.34 19.05
CA GLU A 57 4.76 8.20 19.02
C GLU A 57 4.45 8.65 17.60
N ASN A 58 5.42 8.48 16.71
CA ASN A 58 5.25 8.88 15.31
C ASN A 58 5.18 7.65 14.40
N LEU A 59 4.70 6.54 14.96
CA LEU A 59 4.58 5.30 14.19
C LEU A 59 3.62 5.48 13.02
N VAL A 60 3.80 4.66 11.98
CA VAL A 60 2.95 4.73 10.81
C VAL A 60 2.22 3.40 10.58
N GLN A 61 0.97 3.48 10.15
CA GLN A 61 0.17 2.29 9.90
C GLN A 61 -0.70 2.46 8.66
N TRP A 62 -0.66 1.48 7.77
CA TRP A 62 -1.44 1.54 6.54
C TRP A 62 -1.83 0.13 6.08
N GLU A 63 -2.82 0.06 5.20
CA GLU A 63 -3.28 -1.22 4.68
C GLU A 63 -3.13 -1.29 3.17
N MET A 64 -2.99 -2.51 2.65
CA MET A 64 -2.83 -2.71 1.21
C MET A 64 -3.81 -3.77 0.70
N GLU A 65 -4.65 -3.38 -0.25
CA GLU A 65 -5.63 -4.30 -0.81
C GLU A 65 -5.34 -4.56 -2.29
N VAL A 66 -5.73 -5.74 -2.77
CA VAL A 66 -5.51 -6.12 -4.16
C VAL A 66 -6.82 -6.14 -4.94
N CYS A 67 -6.93 -5.26 -5.93
CA CYS A 67 -8.13 -5.18 -6.75
C CYS A 67 -7.78 -4.99 -8.22
N LYS A 68 -8.72 -5.32 -9.10
CA LYS A 68 -8.51 -5.20 -10.53
C LYS A 68 -8.72 -3.75 -10.99
N LEU A 69 -7.84 -3.28 -11.86
CA LEU A 69 -7.94 -1.91 -12.38
C LEU A 69 -9.25 -1.71 -13.13
N PRO A 70 -9.83 -0.51 -12.98
CA PRO A 70 -11.09 -0.16 -13.64
C PRO A 70 -10.94 -0.01 -15.14
N ARG A 71 -9.91 0.72 -15.57
CA ARG A 71 -9.66 0.94 -16.99
C ARG A 71 -8.78 -0.18 -17.55
N LEU A 72 -7.68 -0.46 -16.88
CA LEU A 72 -6.75 -1.51 -17.32
C LEU A 72 -7.24 -2.89 -16.87
N SER A 73 -6.63 -3.93 -17.42
CA SER A 73 -7.00 -5.30 -17.09
C SER A 73 -6.12 -5.83 -15.96
N LEU A 74 -4.86 -5.43 -15.96
CA LEU A 74 -3.92 -5.87 -14.93
C LEU A 74 -4.48 -5.60 -13.54
N ASN A 75 -3.67 -5.89 -12.51
CA ASN A 75 -4.08 -5.67 -11.13
C ASN A 75 -3.04 -4.85 -10.38
N GLY A 76 -3.50 -3.80 -9.70
CA GLY A 76 -2.59 -2.94 -8.96
C GLY A 76 -2.76 -3.09 -7.47
N VAL A 77 -2.15 -2.19 -6.70
CA VAL A 77 -2.23 -2.23 -5.25
C VAL A 77 -2.97 -1.00 -4.71
N ARG A 78 -3.78 -1.22 -3.68
CA ARG A 78 -4.54 -0.14 -3.06
C ARG A 78 -3.93 0.27 -1.73
N PHE A 79 -3.31 1.43 -1.70
CA PHE A 79 -2.68 1.94 -0.48
C PHE A 79 -3.66 2.78 0.34
N LYS A 80 -4.22 2.16 1.37
CA LYS A 80 -5.18 2.84 2.24
C LYS A 80 -4.56 3.18 3.59
N ARG A 81 -4.39 4.47 3.85
CA ARG A 81 -3.80 4.92 5.11
C ARG A 81 -4.76 4.68 6.27
N ILE A 82 -4.22 4.15 7.37
CA ILE A 82 -5.03 3.87 8.55
C ILE A 82 -4.84 4.95 9.61
N SER A 83 -3.59 5.26 9.93
CA SER A 83 -3.28 6.27 10.93
C SER A 83 -1.95 6.96 10.61
N GLY A 84 -1.70 8.08 11.28
CA GLY A 84 -0.47 8.81 11.06
C GLY A 84 -0.62 9.90 10.01
N THR A 85 0.20 10.95 10.12
CA THR A 85 0.15 12.05 9.17
C THR A 85 0.71 11.64 7.81
N SER A 86 0.79 12.60 6.90
CA SER A 86 1.31 12.34 5.57
C SER A 86 2.83 12.32 5.57
N ILE A 87 3.43 13.12 6.44
CA ILE A 87 4.88 13.19 6.55
C ILE A 87 5.47 11.83 6.88
N ALA A 88 4.76 11.06 7.70
CA ALA A 88 5.21 9.74 8.09
C ALA A 88 4.66 8.66 7.16
N PHE A 89 3.36 8.74 6.88
CA PHE A 89 2.70 7.77 6.01
C PHE A 89 3.37 7.76 4.63
N LYS A 90 3.82 8.92 4.18
CA LYS A 90 4.48 9.04 2.88
C LYS A 90 5.91 8.53 2.95
N ASN A 91 6.52 8.65 4.12
CA ASN A 91 7.89 8.21 4.32
C ASN A 91 8.03 6.71 4.07
N ILE A 92 7.12 5.93 4.65
CA ILE A 92 7.13 4.49 4.47
C ILE A 92 6.42 4.08 3.20
N ALA A 93 5.29 4.74 2.92
CA ALA A 93 4.51 4.44 1.73
C ALA A 93 5.38 4.48 0.48
N SER A 94 6.41 5.33 0.51
CA SER A 94 7.32 5.46 -0.62
C SER A 94 8.11 4.17 -0.85
N LYS A 95 8.67 3.64 0.23
CA LYS A 95 9.45 2.42 0.16
C LYS A 95 8.63 1.29 -0.45
N ILE A 96 7.60 0.85 0.25
CA ILE A 96 6.74 -0.22 -0.22
C ILE A 96 6.50 -0.10 -1.73
N ALA A 97 6.03 1.07 -2.15
CA ALA A 97 5.77 1.31 -3.57
C ALA A 97 6.87 0.73 -4.45
N ASN A 98 8.07 1.31 -4.34
CA ASN A 98 9.20 0.85 -5.13
C ASN A 98 9.59 -0.58 -4.74
N GLU A 99 9.95 -0.75 -3.48
CA GLU A 99 10.35 -2.08 -2.98
C GLU A 99 9.55 -3.17 -3.67
N LEU A 100 8.23 -3.04 -3.66
CA LEU A 100 7.35 -4.01 -4.28
C LEU A 100 7.96 -4.56 -5.57
N LYS A 101 8.46 -5.78 -5.52
CA LYS A 101 9.06 -6.42 -6.68
C LYS A 101 7.99 -6.97 -7.62
N LEU A 102 7.41 -6.11 -8.43
CA LEU A 102 6.38 -6.51 -9.37
C LEU A 102 6.70 -6.04 -10.78
N GLY A 1 -1.64 9.16 -19.58
CA GLY A 1 -0.85 9.03 -18.37
C GLY A 1 -1.66 9.29 -17.12
N SER A 2 -1.07 9.01 -15.97
CA SER A 2 -1.75 9.20 -14.69
C SER A 2 -1.61 10.64 -14.21
N SER A 3 -2.25 10.95 -13.08
CA SER A 3 -2.20 12.30 -12.52
C SER A 3 -2.58 12.28 -11.05
N GLY A 4 -1.80 12.98 -10.24
CA GLY A 4 -2.07 13.04 -8.81
C GLY A 4 -2.89 14.24 -8.42
N SER A 5 -4.21 14.12 -8.53
CA SER A 5 -5.10 15.22 -8.19
C SER A 5 -5.98 14.86 -7.00
N SER A 6 -6.37 15.87 -6.23
CA SER A 6 -7.22 15.65 -5.06
C SER A 6 -8.66 16.03 -5.35
N GLY A 7 -9.55 15.04 -5.31
CA GLY A 7 -10.96 15.29 -5.58
C GLY A 7 -11.73 14.01 -5.82
N ARG A 8 -11.80 13.59 -7.08
CA ARG A 8 -12.52 12.38 -7.45
C ARG A 8 -12.00 11.18 -6.67
N PHE A 9 -12.86 10.57 -5.87
CA PHE A 9 -12.48 9.41 -5.08
C PHE A 9 -12.58 8.13 -5.89
N THR A 10 -11.50 7.80 -6.59
CA THR A 10 -11.45 6.61 -7.42
C THR A 10 -10.19 5.79 -7.16
N TRP A 11 -10.30 4.47 -7.28
CA TRP A 11 -9.17 3.59 -7.04
C TRP A 11 -8.23 3.59 -8.24
N SER A 12 -7.27 4.51 -8.21
CA SER A 12 -6.29 4.62 -9.29
C SER A 12 -4.87 4.77 -8.75
N MET A 13 -3.89 4.34 -9.54
CA MET A 13 -2.50 4.43 -9.12
C MET A 13 -1.57 4.10 -10.29
N LYS A 14 -0.32 4.54 -10.17
CA LYS A 14 0.67 4.29 -11.23
C LYS A 14 1.20 2.86 -11.16
N THR A 15 1.64 2.45 -9.98
CA THR A 15 2.17 1.10 -9.78
C THR A 15 1.18 0.05 -10.26
N THR A 16 1.36 -0.39 -11.51
CA THR A 16 0.48 -1.39 -12.09
C THR A 16 1.23 -2.70 -12.33
N SER A 17 0.65 -3.81 -11.84
CA SER A 17 1.26 -5.12 -12.00
C SER A 17 0.55 -5.92 -13.09
N SER A 18 1.25 -6.92 -13.62
CA SER A 18 0.68 -7.76 -14.67
C SER A 18 0.37 -9.16 -14.14
N MET A 19 1.34 -9.78 -13.49
CA MET A 19 1.17 -11.11 -12.94
C MET A 19 -0.21 -11.25 -12.28
N ASP A 20 -0.66 -12.49 -12.11
CA ASP A 20 -1.95 -12.76 -11.50
C ASP A 20 -2.08 -12.05 -10.16
N PRO A 21 -3.33 -11.82 -9.73
CA PRO A 21 -3.62 -11.15 -8.46
C PRO A 21 -3.26 -12.01 -7.26
N SER A 22 -3.30 -13.34 -7.45
CA SER A 22 -2.98 -14.27 -6.37
C SER A 22 -1.51 -14.16 -5.98
N ASP A 23 -0.67 -13.82 -6.95
CA ASP A 23 0.76 -13.68 -6.71
C ASP A 23 1.08 -12.35 -6.04
N MET A 24 0.30 -11.33 -6.38
CA MET A 24 0.50 -10.00 -5.82
C MET A 24 0.57 -10.07 -4.29
N MET A 25 -0.38 -10.77 -3.69
CA MET A 25 -0.43 -10.91 -2.24
C MET A 25 0.90 -11.44 -1.70
N ARG A 26 1.53 -12.32 -2.47
CA ARG A 26 2.80 -12.92 -2.06
C ARG A 26 3.86 -11.83 -1.86
N GLU A 27 3.99 -10.95 -2.83
CA GLU A 27 4.96 -9.86 -2.75
C GLU A 27 4.70 -8.98 -1.54
N ILE A 28 3.42 -8.62 -1.35
CA ILE A 28 3.02 -7.78 -0.23
C ILE A 28 3.62 -8.28 1.08
N ARG A 29 3.46 -9.57 1.35
CA ARG A 29 3.99 -10.17 2.56
C ARG A 29 5.50 -10.32 2.48
N LYS A 30 5.96 -10.99 1.42
CA LYS A 30 7.38 -11.21 1.21
C LYS A 30 8.18 -9.94 1.49
N VAL A 31 7.85 -8.88 0.78
CA VAL A 31 8.53 -7.59 0.94
C VAL A 31 8.40 -7.09 2.38
N LEU A 32 7.18 -6.76 2.77
CA LEU A 32 6.91 -6.26 4.11
C LEU A 32 7.85 -6.92 5.14
N GLY A 33 7.62 -8.21 5.39
CA GLY A 33 8.44 -8.93 6.34
C GLY A 33 9.89 -8.48 6.31
N ALA A 34 10.51 -8.57 5.14
CA ALA A 34 11.91 -8.16 4.98
C ALA A 34 12.18 -6.86 5.72
N ASN A 35 11.27 -5.91 5.58
CA ASN A 35 11.41 -4.60 6.24
C ASN A 35 10.86 -4.64 7.66
N ASN A 36 11.18 -5.73 8.38
CA ASN A 36 10.72 -5.89 9.75
C ASN A 36 9.31 -5.33 9.93
N CYS A 37 8.53 -5.38 8.85
CA CYS A 37 7.16 -4.88 8.89
C CYS A 37 6.21 -5.96 9.38
N ASP A 38 5.25 -5.55 10.22
CA ASP A 38 4.26 -6.48 10.76
C ASP A 38 3.00 -6.51 9.90
N TYR A 39 2.62 -7.70 9.46
CA TYR A 39 1.44 -7.86 8.62
C TYR A 39 0.43 -8.80 9.28
N GLU A 40 -0.82 -8.34 9.37
CA GLU A 40 -1.87 -9.14 9.98
C GLU A 40 -3.01 -9.39 9.00
N GLN A 41 -3.44 -10.64 8.89
CA GLN A 41 -4.52 -11.02 7.97
C GLN A 41 -5.84 -10.44 8.46
N ARG A 42 -6.43 -9.57 7.66
CA ARG A 42 -7.72 -8.95 7.99
C ARG A 42 -8.83 -9.50 7.13
N GLU A 43 -8.75 -9.26 5.82
CA GLU A 43 -9.76 -9.74 4.89
C GLU A 43 -9.17 -10.77 3.93
N ARG A 44 -9.98 -11.21 2.97
CA ARG A 44 -9.53 -12.19 2.00
C ARG A 44 -8.40 -11.64 1.13
N PHE A 45 -8.46 -10.34 0.85
CA PHE A 45 -7.44 -9.69 0.04
C PHE A 45 -6.98 -8.38 0.70
N LEU A 46 -6.90 -8.38 2.03
CA LEU A 46 -6.48 -7.20 2.76
C LEU A 46 -5.46 -7.57 3.84
N LEU A 47 -4.54 -6.66 4.11
CA LEU A 47 -3.51 -6.88 5.12
C LEU A 47 -3.11 -5.58 5.80
N PHE A 48 -2.87 -5.65 7.10
CA PHE A 48 -2.49 -4.48 7.88
C PHE A 48 -0.98 -4.36 7.97
N CYS A 49 -0.42 -3.39 7.26
CA CYS A 49 1.03 -3.17 7.27
C CYS A 49 1.43 -2.25 8.41
N VAL A 50 2.57 -2.54 9.02
CA VAL A 50 3.07 -1.73 10.14
C VAL A 50 4.60 -1.66 10.12
N HIS A 51 5.13 -0.47 10.39
CA HIS A 51 6.57 -0.27 10.40
C HIS A 51 6.96 0.79 11.43
N GLY A 52 8.14 0.63 12.03
CA GLY A 52 8.60 1.58 13.02
C GLY A 52 9.79 2.40 12.53
N ASP A 53 9.84 2.63 11.22
CA ASP A 53 10.93 3.41 10.63
C ASP A 53 11.36 4.53 11.56
N GLY A 54 10.39 5.32 12.02
CA GLY A 54 10.70 6.42 12.92
C GLY A 54 10.50 6.06 14.37
N HIS A 55 10.17 7.06 15.19
CA HIS A 55 9.95 6.84 16.61
C HIS A 55 8.59 6.20 16.86
N ALA A 56 8.38 5.75 18.09
CA ALA A 56 7.11 5.10 18.46
C ALA A 56 5.95 6.08 18.31
N GLU A 57 6.10 7.26 18.88
CA GLU A 57 5.05 8.28 18.81
C GLU A 57 4.73 8.63 17.36
N ASN A 58 5.64 8.30 16.46
CA ASN A 58 5.46 8.58 15.04
C ASN A 58 5.28 7.29 14.25
N LEU A 59 4.62 6.30 14.87
CA LEU A 59 4.39 5.03 14.23
C LEU A 59 3.46 5.18 13.02
N VAL A 60 3.77 4.45 11.95
CA VAL A 60 2.97 4.51 10.74
C VAL A 60 2.26 3.18 10.48
N GLN A 61 0.98 3.25 10.13
CA GLN A 61 0.20 2.06 9.85
C GLN A 61 -0.71 2.26 8.64
N TRP A 62 -0.55 1.42 7.64
CA TRP A 62 -1.36 1.52 6.42
C TRP A 62 -1.78 0.13 5.94
N GLU A 63 -2.95 0.06 5.32
CA GLU A 63 -3.48 -1.20 4.81
C GLU A 63 -3.17 -1.37 3.32
N MET A 64 -3.39 -2.57 2.81
CA MET A 64 -3.14 -2.85 1.40
C MET A 64 -4.07 -3.94 0.89
N GLU A 65 -4.74 -3.67 -0.23
CA GLU A 65 -5.66 -4.64 -0.82
C GLU A 65 -5.49 -4.70 -2.34
N VAL A 66 -5.52 -5.93 -2.88
CA VAL A 66 -5.37 -6.12 -4.32
C VAL A 66 -6.70 -6.00 -5.03
N CYS A 67 -6.69 -5.32 -6.18
CA CYS A 67 -7.91 -5.13 -6.97
C CYS A 67 -7.57 -4.84 -8.42
N LYS A 68 -8.60 -4.75 -9.26
CA LYS A 68 -8.41 -4.48 -10.68
C LYS A 68 -8.88 -3.07 -11.03
N LEU A 69 -8.32 -2.51 -12.09
CA LEU A 69 -8.67 -1.17 -12.54
C LEU A 69 -9.77 -1.23 -13.60
N PRO A 70 -10.68 -0.24 -13.56
CA PRO A 70 -11.78 -0.15 -14.52
C PRO A 70 -11.31 0.20 -15.93
N ARG A 71 -10.49 1.24 -16.02
CA ARG A 71 -9.96 1.69 -17.32
C ARG A 71 -8.83 0.78 -17.78
N LEU A 72 -8.00 0.34 -16.83
CA LEU A 72 -6.87 -0.53 -17.15
C LEU A 72 -7.18 -1.98 -16.77
N SER A 73 -6.84 -2.90 -17.65
CA SER A 73 -7.09 -4.32 -17.42
C SER A 73 -5.94 -4.94 -16.62
N LEU A 74 -5.53 -4.25 -15.57
CA LEU A 74 -4.44 -4.75 -14.72
C LEU A 74 -4.77 -4.55 -13.24
N ASN A 75 -4.04 -5.24 -12.38
CA ASN A 75 -4.25 -5.14 -10.95
C ASN A 75 -3.18 -4.26 -10.29
N GLY A 76 -3.60 -3.48 -9.29
CA GLY A 76 -2.67 -2.60 -8.61
C GLY A 76 -2.80 -2.69 -7.10
N VAL A 77 -1.79 -2.19 -6.39
CA VAL A 77 -1.79 -2.22 -4.94
C VAL A 77 -2.45 -0.97 -4.36
N ARG A 78 -3.41 -1.17 -3.46
CA ARG A 78 -4.12 -0.06 -2.84
C ARG A 78 -3.39 0.42 -1.59
N PHE A 79 -3.10 1.71 -1.54
CA PHE A 79 -2.40 2.30 -0.40
C PHE A 79 -3.32 3.23 0.38
N LYS A 80 -3.90 2.72 1.46
CA LYS A 80 -4.80 3.50 2.29
C LYS A 80 -4.10 3.96 3.57
N ARG A 81 -4.38 5.19 3.98
CA ARG A 81 -3.79 5.75 5.18
C ARG A 81 -4.69 5.56 6.39
N ILE A 82 -4.12 5.06 7.49
CA ILE A 82 -4.87 4.82 8.70
C ILE A 82 -4.36 5.68 9.85
N SER A 83 -3.11 5.45 10.23
CA SER A 83 -2.49 6.20 11.32
C SER A 83 -1.31 7.02 10.81
N GLY A 84 -0.66 7.75 11.73
CA GLY A 84 0.47 8.56 11.35
C GLY A 84 0.12 9.65 10.35
N THR A 85 0.83 10.76 10.41
CA THR A 85 0.57 11.89 9.51
C THR A 85 0.97 11.54 8.08
N SER A 86 0.18 12.02 7.12
CA SER A 86 0.46 11.76 5.72
C SER A 86 1.96 11.73 5.45
N ILE A 87 2.63 12.82 5.74
CA ILE A 87 4.07 12.93 5.53
C ILE A 87 4.76 11.61 5.87
N ALA A 88 4.62 11.19 7.13
CA ALA A 88 5.23 9.95 7.59
C ALA A 88 4.68 8.75 6.83
N PHE A 89 3.38 8.77 6.57
CA PHE A 89 2.73 7.68 5.85
C PHE A 89 3.39 7.46 4.48
N LYS A 90 3.28 8.46 3.61
CA LYS A 90 3.86 8.39 2.28
C LYS A 90 5.35 8.05 2.35
N ASN A 91 5.99 8.47 3.45
CA ASN A 91 7.41 8.20 3.65
C ASN A 91 7.74 6.75 3.38
N ILE A 92 7.25 5.86 4.24
CA ILE A 92 7.49 4.43 4.10
C ILE A 92 6.82 3.89 2.84
N ALA A 93 5.68 4.48 2.47
CA ALA A 93 4.96 4.05 1.28
C ALA A 93 5.89 3.89 0.09
N SER A 94 6.69 4.93 -0.17
CA SER A 94 7.62 4.91 -1.29
C SER A 94 8.54 3.70 -1.20
N LYS A 95 8.88 3.30 0.02
CA LYS A 95 9.75 2.16 0.25
C LYS A 95 9.10 0.87 -0.23
N ILE A 96 7.79 0.79 -0.06
CA ILE A 96 7.04 -0.40 -0.48
C ILE A 96 6.66 -0.32 -1.95
N ALA A 97 5.83 0.67 -2.30
CA ALA A 97 5.40 0.86 -3.67
C ALA A 97 6.54 0.58 -4.65
N ASN A 98 7.76 0.85 -4.22
CA ASN A 98 8.94 0.62 -5.05
C ASN A 98 9.44 -0.82 -4.92
N GLU A 99 9.99 -1.13 -3.75
CA GLU A 99 10.52 -2.47 -3.50
C GLU A 99 9.64 -3.53 -4.17
N LEU A 100 8.34 -3.33 -4.12
CA LEU A 100 7.39 -4.28 -4.73
C LEU A 100 7.90 -4.75 -6.07
N LYS A 101 8.58 -5.89 -6.08
CA LYS A 101 9.11 -6.46 -7.31
C LYS A 101 7.99 -6.99 -8.20
N LEU A 102 7.41 -6.11 -9.00
CA LEU A 102 6.32 -6.49 -9.90
C LEU A 102 6.54 -5.92 -11.30
N GLY A 1 -6.17 19.05 -18.53
CA GLY A 1 -5.80 19.72 -17.29
C GLY A 1 -5.85 18.79 -16.10
N SER A 2 -4.75 18.07 -15.86
CA SER A 2 -4.67 17.14 -14.74
C SER A 2 -5.15 17.79 -13.45
N SER A 3 -6.02 17.10 -12.72
CA SER A 3 -6.55 17.62 -11.47
C SER A 3 -5.42 17.95 -10.50
N GLY A 4 -5.54 19.08 -9.82
CA GLY A 4 -4.53 19.49 -8.85
C GLY A 4 -4.93 20.73 -8.08
N SER A 5 -5.46 20.51 -6.88
CA SER A 5 -5.89 21.63 -6.03
C SER A 5 -5.22 21.55 -4.66
N SER A 6 -5.40 22.60 -3.87
CA SER A 6 -4.81 22.67 -2.53
C SER A 6 -5.87 22.43 -1.47
N GLY A 7 -5.87 21.22 -0.91
CA GLY A 7 -6.84 20.88 0.13
C GLY A 7 -6.94 19.39 0.35
N ARG A 8 -7.42 18.66 -0.66
CA ARG A 8 -7.57 17.22 -0.55
C ARG A 8 -6.64 16.51 -1.55
N PHE A 9 -6.60 15.18 -1.46
CA PHE A 9 -5.77 14.39 -2.34
C PHE A 9 -6.48 13.10 -2.77
N THR A 10 -6.73 12.98 -4.06
CA THR A 10 -7.41 11.80 -4.60
C THR A 10 -6.64 10.53 -4.28
N TRP A 11 -7.20 9.39 -4.67
CA TRP A 11 -6.57 8.10 -4.42
C TRP A 11 -6.15 7.45 -5.74
N SER A 12 -5.07 7.94 -6.33
CA SER A 12 -4.56 7.41 -7.59
C SER A 12 -3.40 6.45 -7.34
N MET A 13 -2.93 5.82 -8.41
CA MET A 13 -1.82 4.86 -8.32
C MET A 13 -1.05 4.79 -9.63
N LYS A 14 0.20 4.37 -9.56
CA LYS A 14 1.04 4.25 -10.74
C LYS A 14 1.58 2.83 -10.88
N THR A 15 1.76 2.15 -9.75
CA THR A 15 2.26 0.78 -9.75
C THR A 15 1.17 -0.21 -10.12
N THR A 16 1.20 -0.70 -11.35
CA THR A 16 0.21 -1.65 -11.83
C THR A 16 0.86 -3.00 -12.18
N SER A 17 0.13 -4.08 -11.97
CA SER A 17 0.63 -5.42 -12.25
C SER A 17 -0.41 -6.24 -13.01
N SER A 18 0.07 -7.06 -13.94
CA SER A 18 -0.82 -7.90 -14.74
C SER A 18 -1.03 -9.26 -14.08
N MET A 19 0.08 -9.90 -13.71
CA MET A 19 0.02 -11.21 -13.08
C MET A 19 -1.17 -11.30 -12.12
N ASP A 20 -1.83 -12.45 -12.10
CA ASP A 20 -2.98 -12.66 -11.23
C ASP A 20 -2.73 -12.07 -9.85
N PRO A 21 -3.82 -11.65 -9.18
CA PRO A 21 -3.74 -11.06 -7.84
C PRO A 21 -3.36 -12.08 -6.77
N SER A 22 -3.89 -13.29 -6.91
CA SER A 22 -3.62 -14.37 -5.96
C SER A 22 -2.12 -14.45 -5.66
N ASP A 23 -1.31 -13.93 -6.58
CA ASP A 23 0.14 -13.94 -6.42
C ASP A 23 0.62 -12.69 -5.70
N MET A 24 0.07 -11.55 -6.08
CA MET A 24 0.44 -10.28 -5.47
C MET A 24 0.49 -10.40 -3.95
N MET A 25 -0.55 -10.97 -3.37
CA MET A 25 -0.62 -11.16 -1.92
C MET A 25 0.66 -11.79 -1.39
N ARG A 26 1.27 -12.64 -2.21
CA ARG A 26 2.50 -13.32 -1.81
C ARG A 26 3.68 -12.36 -1.85
N GLU A 27 3.94 -11.78 -3.01
CA GLU A 27 5.04 -10.85 -3.18
C GLU A 27 4.95 -9.71 -2.16
N ILE A 28 3.78 -9.07 -2.09
CA ILE A 28 3.57 -7.98 -1.16
C ILE A 28 4.17 -8.28 0.21
N ARG A 29 3.76 -9.40 0.80
CA ARG A 29 4.27 -9.81 2.10
C ARG A 29 5.76 -10.15 2.03
N LYS A 30 6.14 -10.89 1.00
CA LYS A 30 7.54 -11.28 0.82
C LYS A 30 8.47 -10.09 1.02
N VAL A 31 8.04 -8.92 0.54
CA VAL A 31 8.84 -7.71 0.67
C VAL A 31 8.77 -7.16 2.10
N LEU A 32 7.55 -6.93 2.57
CA LEU A 32 7.34 -6.41 3.92
C LEU A 32 8.36 -7.00 4.90
N GLY A 33 8.27 -8.31 5.13
CA GLY A 33 9.19 -8.96 6.03
C GLY A 33 10.58 -8.37 5.98
N ALA A 34 11.01 -7.99 4.78
CA ALA A 34 12.34 -7.40 4.60
C ALA A 34 12.45 -6.08 5.35
N ASN A 35 11.46 -5.21 5.17
CA ASN A 35 11.46 -3.91 5.84
C ASN A 35 10.90 -4.02 7.25
N ASN A 36 11.23 -5.12 7.92
CA ASN A 36 10.77 -5.35 9.29
C ASN A 36 9.34 -4.86 9.47
N CYS A 37 8.55 -4.95 8.40
CA CYS A 37 7.16 -4.51 8.43
C CYS A 37 6.26 -5.62 8.98
N ASP A 38 5.24 -5.23 9.72
CA ASP A 38 4.30 -6.19 10.31
C ASP A 38 2.98 -6.21 9.53
N TYR A 39 2.65 -7.36 8.96
CA TYR A 39 1.42 -7.50 8.20
C TYR A 39 0.42 -8.37 8.94
N GLU A 40 -0.87 -8.13 8.69
CA GLU A 40 -1.93 -8.89 9.34
C GLU A 40 -3.06 -9.19 8.36
N GLN A 41 -3.72 -10.32 8.56
CA GLN A 41 -4.81 -10.73 7.69
C GLN A 41 -6.08 -9.95 8.01
N ARG A 42 -6.30 -8.87 7.25
CA ARG A 42 -7.48 -8.03 7.45
C ARG A 42 -8.66 -8.54 6.63
N GLU A 43 -8.57 -8.38 5.31
CA GLU A 43 -9.62 -8.83 4.42
C GLU A 43 -9.12 -9.91 3.47
N ARG A 44 -9.97 -10.33 2.56
CA ARG A 44 -9.62 -11.37 1.59
C ARG A 44 -8.25 -11.09 0.97
N PHE A 45 -8.11 -9.92 0.36
CA PHE A 45 -6.85 -9.53 -0.26
C PHE A 45 -6.32 -8.24 0.34
N LEU A 46 -6.66 -7.99 1.60
CA LEU A 46 -6.21 -6.79 2.30
C LEU A 46 -5.46 -7.15 3.57
N LEU A 47 -4.32 -6.50 3.77
CA LEU A 47 -3.49 -6.75 4.95
C LEU A 47 -3.29 -5.47 5.75
N PHE A 48 -2.81 -5.62 6.98
CA PHE A 48 -2.57 -4.48 7.86
C PHE A 48 -1.09 -4.30 8.12
N CYS A 49 -0.44 -3.45 7.32
CA CYS A 49 0.99 -3.20 7.47
C CYS A 49 1.25 -2.27 8.64
N VAL A 50 2.39 -2.46 9.30
CA VAL A 50 2.77 -1.64 10.45
C VAL A 50 4.27 -1.43 10.51
N HIS A 51 4.68 -0.17 10.68
CA HIS A 51 6.09 0.17 10.75
C HIS A 51 6.33 1.35 11.68
N GLY A 52 7.41 1.30 12.44
CA GLY A 52 7.72 2.38 13.36
C GLY A 52 8.65 3.41 12.76
N ASP A 53 9.69 2.94 12.08
CA ASP A 53 10.66 3.83 11.45
C ASP A 53 10.92 5.05 12.32
N GLY A 54 10.85 4.86 13.64
CA GLY A 54 11.09 5.96 14.56
C GLY A 54 10.54 5.68 15.95
N HIS A 55 9.72 6.59 16.46
CA HIS A 55 9.13 6.43 17.78
C HIS A 55 7.79 5.71 17.70
N ALA A 56 7.26 5.32 18.85
CA ALA A 56 5.98 4.62 18.91
C ALA A 56 4.83 5.55 18.55
N GLU A 57 4.76 6.69 19.24
CA GLU A 57 3.70 7.66 19.00
C GLU A 57 3.73 8.14 17.55
N ASN A 58 4.80 7.81 16.84
CA ASN A 58 4.95 8.20 15.45
C ASN A 58 4.93 6.99 14.53
N LEU A 59 4.23 5.94 14.97
CA LEU A 59 4.13 4.71 14.19
C LEU A 59 3.19 4.91 12.99
N VAL A 60 3.51 4.23 11.89
CA VAL A 60 2.70 4.32 10.68
C VAL A 60 1.90 3.05 10.46
N GLN A 61 0.65 3.21 10.03
CA GLN A 61 -0.23 2.07 9.78
C GLN A 61 -1.01 2.26 8.49
N TRP A 62 -0.80 1.35 7.55
CA TRP A 62 -1.49 1.41 6.26
C TRP A 62 -1.79 0.01 5.74
N GLU A 63 -2.82 -0.09 4.91
CA GLU A 63 -3.22 -1.38 4.33
C GLU A 63 -2.99 -1.40 2.82
N MET A 64 -3.06 -2.59 2.24
CA MET A 64 -2.85 -2.74 0.80
C MET A 64 -3.78 -3.81 0.24
N GLU A 65 -4.81 -3.38 -0.48
CA GLU A 65 -5.77 -4.31 -1.08
C GLU A 65 -5.42 -4.59 -2.54
N VAL A 66 -5.52 -5.85 -2.93
CA VAL A 66 -5.22 -6.25 -4.29
C VAL A 66 -6.49 -6.51 -5.10
N CYS A 67 -6.88 -5.53 -5.90
CA CYS A 67 -8.08 -5.64 -6.72
C CYS A 67 -7.84 -5.07 -8.11
N LYS A 68 -8.79 -5.30 -9.02
CA LYS A 68 -8.69 -4.80 -10.39
C LYS A 68 -9.08 -3.33 -10.46
N LEU A 69 -8.20 -2.52 -11.05
CA LEU A 69 -8.45 -1.09 -11.18
C LEU A 69 -9.69 -0.84 -12.04
N PRO A 70 -10.45 0.20 -11.68
CA PRO A 70 -11.67 0.58 -12.41
C PRO A 70 -11.38 1.15 -13.79
N ARG A 71 -10.39 2.02 -13.86
CA ARG A 71 -10.01 2.64 -15.12
C ARG A 71 -9.26 1.65 -16.01
N LEU A 72 -8.07 1.26 -15.58
CA LEU A 72 -7.25 0.31 -16.32
C LEU A 72 -7.75 -1.11 -16.13
N SER A 73 -7.09 -2.06 -16.77
CA SER A 73 -7.47 -3.47 -16.68
C SER A 73 -6.33 -4.30 -16.06
N LEU A 74 -5.92 -3.92 -14.86
CA LEU A 74 -4.84 -4.63 -14.16
C LEU A 74 -5.06 -4.59 -12.66
N ASN A 75 -4.50 -5.58 -11.96
CA ASN A 75 -4.63 -5.66 -10.51
C ASN A 75 -3.55 -4.84 -9.83
N GLY A 76 -3.90 -3.62 -9.43
CA GLY A 76 -2.96 -2.75 -8.77
C GLY A 76 -3.09 -2.78 -7.26
N VAL A 77 -2.09 -2.25 -6.57
CA VAL A 77 -2.10 -2.23 -5.11
C VAL A 77 -2.81 -0.98 -4.58
N ARG A 78 -3.88 -1.20 -3.83
CA ARG A 78 -4.66 -0.09 -3.28
C ARG A 78 -4.20 0.23 -1.85
N PHE A 79 -3.57 1.38 -1.69
CA PHE A 79 -3.07 1.81 -0.38
C PHE A 79 -4.13 2.61 0.37
N LYS A 80 -4.30 2.31 1.65
CA LYS A 80 -5.28 3.00 2.48
C LYS A 80 -4.69 3.32 3.85
N ARG A 81 -4.43 4.60 4.09
CA ARG A 81 -3.87 5.05 5.36
C ARG A 81 -4.81 4.72 6.51
N ILE A 82 -4.26 4.62 7.71
CA ILE A 82 -5.05 4.31 8.90
C ILE A 82 -4.81 5.33 10.00
N SER A 83 -3.55 5.51 10.37
CA SER A 83 -3.18 6.46 11.42
C SER A 83 -1.88 7.19 11.07
N GLY A 84 -1.56 8.21 11.85
CA GLY A 84 -0.35 8.97 11.61
C GLY A 84 -0.56 10.10 10.61
N THR A 85 0.50 10.88 10.37
CA THR A 85 0.42 11.99 9.44
C THR A 85 0.87 11.57 8.04
N SER A 86 0.39 12.29 7.03
CA SER A 86 0.74 11.98 5.64
C SER A 86 2.26 11.90 5.48
N ILE A 87 2.95 12.91 5.97
CA ILE A 87 4.42 12.95 5.88
C ILE A 87 5.01 11.57 6.09
N ALA A 88 4.82 11.02 7.28
CA ALA A 88 5.35 9.69 7.61
C ALA A 88 4.82 8.64 6.64
N PHE A 89 3.50 8.60 6.47
CA PHE A 89 2.87 7.64 5.57
C PHE A 89 3.62 7.58 4.24
N LYS A 90 3.72 8.72 3.56
CA LYS A 90 4.41 8.78 2.28
C LYS A 90 5.83 8.23 2.40
N ASN A 91 6.58 8.73 3.37
CA ASN A 91 7.95 8.29 3.58
C ASN A 91 8.04 6.77 3.54
N ILE A 92 7.58 6.11 4.60
CA ILE A 92 7.61 4.65 4.66
C ILE A 92 6.94 4.03 3.45
N ALA A 93 5.90 4.70 2.94
CA ALA A 93 5.17 4.21 1.78
C ALA A 93 6.08 4.16 0.54
N SER A 94 6.98 5.13 0.44
CA SER A 94 7.89 5.20 -0.69
C SER A 94 8.83 3.99 -0.70
N LYS A 95 8.98 3.35 0.45
CA LYS A 95 9.85 2.19 0.58
C LYS A 95 9.18 0.95 -0.02
N ILE A 96 7.89 0.79 0.27
CA ILE A 96 7.13 -0.35 -0.22
C ILE A 96 6.91 -0.25 -1.73
N ALA A 97 6.16 0.76 -2.15
CA ALA A 97 5.88 0.97 -3.56
C ALA A 97 7.11 0.69 -4.41
N ASN A 98 8.24 1.27 -4.03
CA ASN A 98 9.49 1.08 -4.76
C ASN A 98 9.97 -0.36 -4.64
N GLU A 99 10.33 -0.76 -3.43
CA GLU A 99 10.82 -2.11 -3.17
C GLU A 99 10.00 -3.13 -3.96
N LEU A 100 8.69 -3.15 -3.74
CA LEU A 100 7.81 -4.07 -4.43
C LEU A 100 8.29 -4.33 -5.86
N LYS A 101 8.56 -5.60 -6.17
CA LYS A 101 9.02 -5.98 -7.49
C LYS A 101 7.87 -6.51 -8.34
N LEU A 102 6.70 -5.92 -8.16
CA LEU A 102 5.52 -6.34 -8.91
C LEU A 102 5.64 -5.94 -10.38
N GLY A 1 -5.73 21.52 -13.76
CA GLY A 1 -6.00 20.48 -12.79
C GLY A 1 -4.74 19.93 -12.16
N SER A 2 -4.69 19.94 -10.82
CA SER A 2 -3.53 19.44 -10.10
C SER A 2 -3.56 17.92 -10.00
N SER A 3 -2.54 17.27 -10.55
CA SER A 3 -2.45 15.82 -10.53
C SER A 3 -3.73 15.19 -11.07
N GLY A 4 -4.25 15.75 -12.15
CA GLY A 4 -5.47 15.24 -12.75
C GLY A 4 -6.60 16.25 -12.73
N SER A 5 -7.03 16.63 -11.53
CA SER A 5 -8.12 17.59 -11.38
C SER A 5 -8.15 18.14 -9.96
N SER A 6 -8.75 19.32 -9.82
CA SER A 6 -8.85 19.97 -8.51
C SER A 6 -9.87 19.27 -7.62
N GLY A 7 -9.40 18.28 -6.86
CA GLY A 7 -10.30 17.54 -5.98
C GLY A 7 -10.21 16.04 -6.19
N ARG A 8 -9.22 15.42 -5.56
CA ARG A 8 -9.03 13.98 -5.69
C ARG A 8 -10.13 13.22 -4.96
N PHE A 9 -10.83 12.36 -5.70
CA PHE A 9 -11.92 11.57 -5.12
C PHE A 9 -11.38 10.30 -4.48
N THR A 10 -10.61 9.54 -5.23
CA THR A 10 -10.04 8.29 -4.73
C THR A 10 -8.52 8.33 -4.79
N TRP A 11 -7.88 7.65 -3.84
CA TRP A 11 -6.42 7.60 -3.79
C TRP A 11 -5.83 7.29 -5.16
N SER A 12 -4.52 7.44 -5.29
CA SER A 12 -3.83 7.18 -6.55
C SER A 12 -2.58 6.35 -6.33
N MET A 13 -2.00 5.85 -7.41
CA MET A 13 -0.79 5.03 -7.33
C MET A 13 -0.20 4.80 -8.72
N LYS A 14 1.09 4.46 -8.76
CA LYS A 14 1.77 4.21 -10.02
C LYS A 14 2.49 2.86 -9.99
N THR A 15 2.31 2.13 -8.90
CA THR A 15 2.94 0.83 -8.74
C THR A 15 2.04 -0.29 -9.24
N THR A 16 1.64 -0.20 -10.52
CA THR A 16 0.77 -1.20 -11.12
C THR A 16 1.57 -2.43 -11.55
N SER A 17 0.94 -3.59 -11.48
CA SER A 17 1.59 -4.84 -11.85
C SER A 17 0.80 -5.55 -12.95
N SER A 18 1.46 -6.48 -13.64
CA SER A 18 0.83 -7.22 -14.72
C SER A 18 0.91 -8.72 -14.47
N MET A 19 0.05 -9.23 -13.60
CA MET A 19 0.03 -10.65 -13.27
C MET A 19 -1.18 -10.98 -12.40
N ASP A 20 -1.40 -12.28 -12.17
CA ASP A 20 -2.52 -12.72 -11.36
C ASP A 20 -2.40 -12.21 -9.93
N PRO A 21 -3.55 -11.97 -9.29
CA PRO A 21 -3.60 -11.46 -7.91
C PRO A 21 -3.13 -12.50 -6.89
N SER A 22 -3.54 -13.75 -7.11
CA SER A 22 -3.16 -14.84 -6.21
C SER A 22 -1.66 -14.81 -5.93
N ASP A 23 -0.90 -14.19 -6.82
CA ASP A 23 0.54 -14.09 -6.66
C ASP A 23 0.93 -12.81 -5.93
N MET A 24 0.19 -11.74 -6.20
CA MET A 24 0.46 -10.45 -5.57
C MET A 24 0.52 -10.59 -4.06
N MET A 25 -0.61 -10.97 -3.46
CA MET A 25 -0.69 -11.15 -2.02
C MET A 25 0.56 -11.81 -1.47
N ARG A 26 1.07 -12.80 -2.21
CA ARG A 26 2.28 -13.52 -1.80
C ARG A 26 3.50 -12.59 -1.83
N GLU A 27 3.73 -11.98 -2.97
CA GLU A 27 4.86 -11.07 -3.14
C GLU A 27 4.82 -9.95 -2.10
N ILE A 28 3.67 -9.28 -2.01
CA ILE A 28 3.49 -8.19 -1.07
C ILE A 28 4.04 -8.56 0.30
N ARG A 29 3.53 -9.65 0.88
CA ARG A 29 3.97 -10.11 2.19
C ARG A 29 5.48 -10.36 2.19
N LYS A 30 5.96 -11.00 1.12
CA LYS A 30 7.38 -11.31 1.00
C LYS A 30 8.24 -10.05 1.15
N VAL A 31 7.84 -8.99 0.45
CA VAL A 31 8.56 -7.73 0.52
C VAL A 31 8.50 -7.12 1.92
N LEU A 32 7.29 -6.96 2.43
CA LEU A 32 7.09 -6.39 3.76
C LEU A 32 8.02 -7.04 4.77
N GLY A 33 8.00 -8.37 4.83
CA GLY A 33 8.84 -9.10 5.75
C GLY A 33 10.29 -8.68 5.65
N ALA A 34 10.74 -8.36 4.44
CA ALA A 34 12.12 -7.94 4.22
C ALA A 34 12.37 -6.55 4.78
N ASN A 35 11.35 -5.70 4.72
CA ASN A 35 11.46 -4.34 5.23
C ASN A 35 11.07 -4.27 6.70
N ASN A 36 11.32 -5.35 7.43
CA ASN A 36 10.99 -5.43 8.85
C ASN A 36 9.58 -4.89 9.11
N CYS A 37 8.72 -5.02 8.10
CA CYS A 37 7.34 -4.55 8.22
C CYS A 37 6.45 -5.64 8.81
N ASP A 38 5.47 -5.23 9.61
CA ASP A 38 4.55 -6.17 10.23
C ASP A 38 3.20 -6.18 9.52
N TYR A 39 2.89 -7.30 8.88
CA TYR A 39 1.64 -7.43 8.15
C TYR A 39 0.67 -8.36 8.88
N GLU A 40 -0.62 -8.09 8.75
CA GLU A 40 -1.64 -8.89 9.40
C GLU A 40 -2.86 -9.07 8.49
N GLN A 41 -3.40 -10.29 8.47
CA GLN A 41 -4.56 -10.59 7.65
C GLN A 41 -5.80 -9.88 8.16
N ARG A 42 -6.15 -8.76 7.54
CA ARG A 42 -7.32 -7.99 7.94
C ARG A 42 -8.58 -8.50 7.25
N GLU A 43 -8.65 -8.29 5.95
CA GLU A 43 -9.79 -8.74 5.17
C GLU A 43 -9.40 -9.81 4.16
N ARG A 44 -10.37 -10.28 3.39
CA ARG A 44 -10.12 -11.31 2.38
C ARG A 44 -8.88 -10.97 1.55
N PHE A 45 -8.82 -9.73 1.08
CA PHE A 45 -7.70 -9.26 0.27
C PHE A 45 -7.13 -7.96 0.82
N LEU A 46 -7.13 -7.83 2.14
CA LEU A 46 -6.61 -6.62 2.79
C LEU A 46 -5.77 -6.99 4.01
N LEU A 47 -4.57 -6.42 4.08
CA LEU A 47 -3.67 -6.67 5.20
C LEU A 47 -3.38 -5.39 5.98
N PHE A 48 -2.83 -5.55 7.17
CA PHE A 48 -2.52 -4.41 8.02
C PHE A 48 -1.00 -4.29 8.22
N CYS A 49 -0.38 -3.40 7.46
CA CYS A 49 1.05 -3.19 7.54
C CYS A 49 1.40 -2.25 8.70
N VAL A 50 2.56 -2.45 9.30
CA VAL A 50 3.01 -1.62 10.42
C VAL A 50 4.51 -1.41 10.37
N HIS A 51 4.93 -0.14 10.48
CA HIS A 51 6.34 0.20 10.46
C HIS A 51 6.61 1.48 11.26
N GLY A 52 7.71 1.50 11.98
CA GLY A 52 8.06 2.65 12.78
C GLY A 52 9.34 3.32 12.31
N ASP A 53 9.37 3.72 11.05
CA ASP A 53 10.55 4.37 10.48
C ASP A 53 11.15 5.35 11.48
N GLY A 54 10.30 6.08 12.19
CA GLY A 54 10.77 7.05 13.16
C GLY A 54 10.75 6.51 14.57
N HIS A 55 10.01 7.17 15.46
CA HIS A 55 9.92 6.76 16.85
C HIS A 55 8.57 6.12 17.13
N ALA A 56 8.44 5.50 18.30
CA ALA A 56 7.19 4.84 18.69
C ALA A 56 6.02 5.80 18.57
N GLU A 57 6.17 6.99 19.16
CA GLU A 57 5.11 7.99 19.13
C GLU A 57 4.90 8.50 17.71
N ASN A 58 5.73 8.04 16.78
CA ASN A 58 5.63 8.46 15.38
C ASN A 58 5.59 7.24 14.46
N LEU A 59 4.79 6.25 14.83
CA LEU A 59 4.66 5.03 14.03
C LEU A 59 3.67 5.23 12.91
N VAL A 60 3.83 4.46 11.84
CA VAL A 60 2.93 4.54 10.69
C VAL A 60 2.23 3.21 10.43
N GLN A 61 0.91 3.28 10.24
CA GLN A 61 0.12 2.08 10.00
C GLN A 61 -0.72 2.24 8.73
N TRP A 62 -0.65 1.25 7.86
CA TRP A 62 -1.40 1.27 6.61
C TRP A 62 -1.82 -0.13 6.19
N GLU A 63 -2.57 -0.23 5.10
CA GLU A 63 -3.03 -1.52 4.60
C GLU A 63 -2.71 -1.67 3.11
N MET A 64 -3.01 -2.85 2.57
CA MET A 64 -2.75 -3.12 1.15
C MET A 64 -3.79 -4.09 0.60
N GLU A 65 -4.38 -3.73 -0.54
CA GLU A 65 -5.38 -4.58 -1.17
C GLU A 65 -5.13 -4.70 -2.67
N VAL A 66 -5.47 -5.86 -3.23
CA VAL A 66 -5.28 -6.10 -4.66
C VAL A 66 -6.60 -6.07 -5.41
N CYS A 67 -6.77 -5.05 -6.25
CA CYS A 67 -8.00 -4.91 -7.04
C CYS A 67 -7.68 -4.56 -8.48
N LYS A 68 -8.70 -4.61 -9.33
CA LYS A 68 -8.53 -4.30 -10.74
C LYS A 68 -9.00 -2.87 -11.04
N LEU A 69 -8.06 -2.01 -11.42
CA LEU A 69 -8.38 -0.63 -11.73
C LEU A 69 -9.14 -0.52 -13.05
N PRO A 70 -10.13 0.39 -13.10
CA PRO A 70 -10.94 0.61 -14.30
C PRO A 70 -10.16 1.26 -15.43
N ARG A 71 -9.40 2.30 -15.09
CA ARG A 71 -8.59 3.00 -16.09
C ARG A 71 -7.90 2.02 -17.02
N LEU A 72 -6.94 1.28 -16.48
CA LEU A 72 -6.19 0.31 -17.27
C LEU A 72 -6.48 -1.11 -16.79
N SER A 73 -6.13 -2.10 -17.62
CA SER A 73 -6.35 -3.49 -17.29
C SER A 73 -5.12 -4.09 -16.60
N LEU A 74 -4.72 -3.47 -15.50
CA LEU A 74 -3.56 -3.94 -14.74
C LEU A 74 -3.90 -4.09 -13.27
N ASN A 75 -3.31 -5.10 -12.63
CA ASN A 75 -3.54 -5.34 -11.21
C ASN A 75 -2.60 -4.52 -10.34
N GLY A 76 -3.14 -3.47 -9.73
CA GLY A 76 -2.33 -2.62 -8.87
C GLY A 76 -2.58 -2.87 -7.39
N VAL A 77 -1.93 -2.08 -6.55
CA VAL A 77 -2.08 -2.21 -5.10
C VAL A 77 -2.71 -0.96 -4.50
N ARG A 78 -3.77 -1.16 -3.71
CA ARG A 78 -4.47 -0.04 -3.08
C ARG A 78 -3.99 0.15 -1.64
N PHE A 79 -3.41 1.31 -1.36
CA PHE A 79 -2.91 1.61 -0.03
C PHE A 79 -3.95 2.39 0.77
N LYS A 80 -3.98 2.15 2.08
CA LYS A 80 -4.93 2.82 2.97
C LYS A 80 -4.21 3.44 4.16
N ARG A 81 -4.47 4.72 4.41
CA ARG A 81 -3.84 5.43 5.53
C ARG A 81 -4.70 5.30 6.78
N ILE A 82 -4.23 4.52 7.74
CA ILE A 82 -4.95 4.31 8.99
C ILE A 82 -4.54 5.36 10.03
N SER A 83 -3.24 5.43 10.32
CA SER A 83 -2.73 6.38 11.30
C SER A 83 -1.53 7.13 10.73
N GLY A 84 -0.96 8.02 11.54
CA GLY A 84 0.18 8.80 11.11
C GLY A 84 -0.19 9.89 10.12
N THR A 85 0.45 11.04 10.25
CA THR A 85 0.18 12.16 9.36
C THR A 85 0.42 11.79 7.90
N SER A 86 0.24 12.76 7.00
CA SER A 86 0.43 12.52 5.58
C SER A 86 1.90 12.27 5.26
N ILE A 87 2.77 13.15 5.76
CA ILE A 87 4.20 13.03 5.54
C ILE A 87 4.71 11.65 5.97
N ALA A 88 4.56 11.35 7.25
CA ALA A 88 5.00 10.07 7.80
C ALA A 88 4.38 8.91 7.01
N PHE A 89 3.16 9.11 6.52
CA PHE A 89 2.46 8.07 5.76
C PHE A 89 3.20 7.77 4.47
N LYS A 90 3.46 8.81 3.68
CA LYS A 90 4.16 8.65 2.42
C LYS A 90 5.57 8.13 2.62
N ASN A 91 6.23 8.65 3.67
CA ASN A 91 7.60 8.22 3.98
C ASN A 91 7.79 6.74 3.71
N ILE A 92 7.01 5.91 4.40
CA ILE A 92 7.09 4.47 4.23
C ILE A 92 6.43 4.03 2.92
N ALA A 93 5.39 4.74 2.52
CA ALA A 93 4.68 4.43 1.29
C ALA A 93 5.65 4.25 0.13
N SER A 94 6.65 5.11 0.07
CA SER A 94 7.65 5.05 -1.00
C SER A 94 8.57 3.83 -0.83
N LYS A 95 8.72 3.39 0.42
CA LYS A 95 9.56 2.24 0.72
C LYS A 95 8.94 0.96 0.20
N ILE A 96 7.62 0.93 0.12
CA ILE A 96 6.89 -0.24 -0.37
C ILE A 96 6.72 -0.18 -1.88
N ALA A 97 6.04 0.87 -2.36
CA ALA A 97 5.81 1.05 -3.78
C ALA A 97 7.05 0.69 -4.59
N ASN A 98 8.22 1.11 -4.09
CA ASN A 98 9.47 0.84 -4.76
C ASN A 98 9.92 -0.60 -4.54
N GLU A 99 10.22 -0.94 -3.29
CA GLU A 99 10.66 -2.29 -2.95
C GLU A 99 9.89 -3.33 -3.75
N LEU A 100 8.57 -3.17 -3.79
CA LEU A 100 7.71 -4.10 -4.52
C LEU A 100 8.40 -4.58 -5.80
N LYS A 101 8.87 -5.82 -5.78
CA LYS A 101 9.53 -6.40 -6.94
C LYS A 101 8.52 -6.93 -7.95
N LEU A 102 7.50 -6.12 -8.23
CA LEU A 102 6.46 -6.51 -9.18
C LEU A 102 6.82 -6.08 -10.59
N GLY A 1 7.53 17.41 -9.84
CA GLY A 1 6.42 17.96 -9.08
C GLY A 1 5.24 18.33 -9.96
N SER A 2 4.09 17.69 -9.71
CA SER A 2 2.89 17.96 -10.48
C SER A 2 1.72 18.30 -9.57
N SER A 3 1.15 19.48 -9.76
CA SER A 3 0.02 19.93 -8.96
C SER A 3 -1.22 19.08 -9.22
N GLY A 4 -1.89 18.68 -8.15
CA GLY A 4 -3.09 17.86 -8.28
C GLY A 4 -3.72 17.55 -6.95
N SER A 5 -4.81 16.79 -6.98
CA SER A 5 -5.53 16.42 -5.76
C SER A 5 -5.42 14.93 -5.49
N SER A 6 -5.73 14.52 -4.26
CA SER A 6 -5.65 13.12 -3.87
C SER A 6 -7.00 12.44 -4.07
N GLY A 7 -6.97 11.15 -4.40
CA GLY A 7 -8.19 10.40 -4.61
C GLY A 7 -9.02 10.28 -3.35
N ARG A 8 -10.32 10.53 -3.47
CA ARG A 8 -11.23 10.44 -2.33
C ARG A 8 -12.08 9.19 -2.41
N PHE A 9 -12.63 8.92 -3.60
CA PHE A 9 -13.47 7.74 -3.80
C PHE A 9 -12.75 6.70 -4.65
N THR A 10 -12.00 7.17 -5.64
CA THR A 10 -11.26 6.28 -6.53
C THR A 10 -9.80 6.16 -6.10
N TRP A 11 -9.31 4.93 -6.04
CA TRP A 11 -7.93 4.68 -5.65
C TRP A 11 -6.97 4.98 -6.80
N SER A 12 -6.28 6.11 -6.71
CA SER A 12 -5.33 6.51 -7.74
C SER A 12 -3.93 5.98 -7.44
N MET A 13 -3.30 5.39 -8.46
CA MET A 13 -1.95 4.84 -8.30
C MET A 13 -1.39 4.41 -9.64
N LYS A 14 -0.06 4.38 -9.74
CA LYS A 14 0.61 3.99 -10.97
C LYS A 14 1.12 2.55 -10.87
N THR A 15 1.55 2.16 -9.67
CA THR A 15 2.05 0.82 -9.44
C THR A 15 1.10 -0.23 -9.98
N THR A 16 1.65 -1.29 -10.56
CA THR A 16 0.84 -2.36 -11.13
C THR A 16 1.65 -3.65 -11.26
N SER A 17 0.97 -4.75 -11.56
CA SER A 17 1.63 -6.05 -11.70
C SER A 17 1.22 -6.71 -13.01
N SER A 18 -0.02 -6.49 -13.42
CA SER A 18 -0.54 -7.08 -14.66
C SER A 18 -0.54 -8.60 -14.57
N MET A 19 -1.03 -9.12 -13.44
CA MET A 19 -1.08 -10.56 -13.24
C MET A 19 -2.07 -10.92 -12.13
N ASP A 20 -2.36 -12.20 -12.00
CA ASP A 20 -3.30 -12.67 -10.97
C ASP A 20 -2.96 -12.05 -9.62
N PRO A 21 -4.01 -11.75 -8.83
CA PRO A 21 -3.85 -11.15 -7.50
C PRO A 21 -3.25 -12.13 -6.50
N SER A 22 -3.63 -13.40 -6.60
CA SER A 22 -3.13 -14.42 -5.70
C SER A 22 -1.61 -14.39 -5.62
N ASP A 23 -0.98 -13.87 -6.68
CA ASP A 23 0.47 -13.78 -6.74
C ASP A 23 0.96 -12.56 -5.96
N MET A 24 0.34 -11.41 -6.21
CA MET A 24 0.72 -10.17 -5.55
C MET A 24 0.82 -10.38 -4.04
N MET A 25 -0.22 -10.98 -3.46
CA MET A 25 -0.24 -11.23 -2.03
C MET A 25 1.10 -11.80 -1.54
N ARG A 26 1.68 -12.67 -2.35
CA ARG A 26 2.96 -13.29 -2.01
C ARG A 26 4.07 -12.25 -1.96
N GLU A 27 4.34 -11.62 -3.10
CA GLU A 27 5.39 -10.61 -3.18
C GLU A 27 5.20 -9.55 -2.09
N ILE A 28 3.98 -9.05 -1.97
CA ILE A 28 3.66 -8.02 -0.98
C ILE A 28 4.26 -8.39 0.37
N ARG A 29 3.88 -9.55 0.89
CA ARG A 29 4.38 -10.01 2.18
C ARG A 29 5.90 -10.15 2.16
N LYS A 30 6.41 -10.83 1.14
CA LYS A 30 7.85 -11.04 0.99
C LYS A 30 8.61 -9.77 1.33
N VAL A 31 8.23 -8.66 0.70
CA VAL A 31 8.89 -7.38 0.93
C VAL A 31 8.68 -6.91 2.37
N LEU A 32 7.42 -6.80 2.78
CA LEU A 32 7.09 -6.36 4.13
C LEU A 32 7.95 -7.08 5.16
N GLY A 33 7.89 -8.41 5.15
CA GLY A 33 8.68 -9.19 6.10
C GLY A 33 10.14 -8.78 6.11
N ALA A 34 10.66 -8.40 4.95
CA ALA A 34 12.05 -7.98 4.83
C ALA A 34 12.27 -6.63 5.48
N ASN A 35 11.28 -5.74 5.36
CA ASN A 35 11.38 -4.41 5.94
C ASN A 35 10.90 -4.42 7.39
N ASN A 36 11.15 -5.52 8.09
CA ASN A 36 10.74 -5.64 9.48
C ASN A 36 9.35 -5.08 9.70
N CYS A 37 8.47 -5.31 8.73
CA CYS A 37 7.09 -4.84 8.81
C CYS A 37 6.18 -5.91 9.40
N ASP A 38 5.03 -5.48 9.91
CA ASP A 38 4.07 -6.41 10.49
C ASP A 38 2.78 -6.46 9.66
N TYR A 39 2.53 -7.61 9.05
CA TYR A 39 1.35 -7.79 8.22
C TYR A 39 0.40 -8.82 8.84
N GLU A 40 -0.90 -8.55 8.76
CA GLU A 40 -1.91 -9.44 9.31
C GLU A 40 -3.07 -9.61 8.34
N GLN A 41 -3.76 -10.74 8.44
CA GLN A 41 -4.90 -11.03 7.57
C GLN A 41 -6.10 -10.17 7.95
N ARG A 42 -6.48 -9.28 7.05
CA ARG A 42 -7.62 -8.38 7.29
C ARG A 42 -8.85 -8.86 6.52
N GLU A 43 -8.82 -8.69 5.21
CA GLU A 43 -9.94 -9.10 4.36
C GLU A 43 -9.49 -10.10 3.30
N ARG A 44 -10.40 -10.49 2.43
CA ARG A 44 -10.09 -11.43 1.36
C ARG A 44 -8.67 -11.25 0.86
N PHE A 45 -8.40 -10.08 0.29
CA PHE A 45 -7.07 -9.77 -0.24
C PHE A 45 -6.49 -8.54 0.45
N LEU A 46 -7.07 -8.16 1.58
CA LEU A 46 -6.62 -7.00 2.33
C LEU A 46 -5.76 -7.43 3.52
N LEU A 47 -4.76 -6.62 3.85
CA LEU A 47 -3.87 -6.91 4.96
C LEU A 47 -3.59 -5.65 5.78
N PHE A 48 -3.10 -5.84 6.99
CA PHE A 48 -2.79 -4.72 7.88
C PHE A 48 -1.28 -4.55 8.03
N CYS A 49 -0.73 -3.58 7.32
CA CYS A 49 0.71 -3.30 7.38
C CYS A 49 1.03 -2.31 8.49
N VAL A 50 2.12 -2.59 9.21
CA VAL A 50 2.54 -1.72 10.30
C VAL A 50 4.05 -1.53 10.30
N HIS A 51 4.49 -0.28 10.45
CA HIS A 51 5.92 0.03 10.47
C HIS A 51 6.21 1.19 11.41
N GLY A 52 7.37 1.16 12.05
CA GLY A 52 7.75 2.22 12.96
C GLY A 52 9.15 2.73 12.71
N ASP A 53 9.33 3.43 11.59
CA ASP A 53 10.64 3.98 11.24
C ASP A 53 10.88 5.31 11.95
N GLY A 54 10.66 5.32 13.25
CA GLY A 54 10.85 6.53 14.03
C GLY A 54 10.61 6.34 15.51
N HIS A 55 9.64 7.06 16.06
CA HIS A 55 9.31 6.94 17.47
C HIS A 55 8.04 6.14 17.68
N ALA A 56 7.74 5.81 18.93
CA ALA A 56 6.55 5.04 19.26
C ALA A 56 5.28 5.81 18.90
N GLU A 57 5.19 7.04 19.39
CA GLU A 57 4.02 7.88 19.12
C GLU A 57 4.00 8.35 17.66
N ASN A 58 5.01 7.93 16.91
CA ASN A 58 5.12 8.31 15.50
C ASN A 58 5.04 7.08 14.60
N LEU A 59 4.36 6.04 15.08
CA LEU A 59 4.21 4.81 14.32
C LEU A 59 3.24 4.99 13.16
N VAL A 60 3.58 4.44 12.01
CA VAL A 60 2.74 4.54 10.83
C VAL A 60 2.06 3.21 10.52
N GLN A 61 0.79 3.29 10.11
CA GLN A 61 0.02 2.09 9.79
C GLN A 61 -0.83 2.31 8.54
N TRP A 62 -0.83 1.32 7.66
CA TRP A 62 -1.61 1.41 6.42
C TRP A 62 -2.03 0.03 5.95
N GLU A 63 -3.14 -0.03 5.21
CA GLU A 63 -3.65 -1.29 4.69
C GLU A 63 -3.15 -1.55 3.28
N MET A 64 -3.43 -2.74 2.77
CA MET A 64 -3.00 -3.12 1.42
C MET A 64 -3.93 -4.19 0.84
N GLU A 65 -4.53 -3.89 -0.30
CA GLU A 65 -5.44 -4.82 -0.96
C GLU A 65 -5.16 -4.88 -2.46
N VAL A 66 -5.37 -6.06 -3.05
CA VAL A 66 -5.14 -6.25 -4.48
C VAL A 66 -6.46 -6.24 -5.24
N CYS A 67 -6.63 -5.25 -6.12
CA CYS A 67 -7.85 -5.13 -6.92
C CYS A 67 -7.52 -4.78 -8.36
N LYS A 68 -8.39 -5.19 -9.28
CA LYS A 68 -8.19 -4.91 -10.69
C LYS A 68 -8.83 -3.58 -11.08
N LEU A 69 -8.18 -2.87 -12.00
CA LEU A 69 -8.69 -1.58 -12.47
C LEU A 69 -9.38 -1.71 -13.81
N PRO A 70 -10.56 -1.10 -13.94
CA PRO A 70 -11.34 -1.13 -15.18
C PRO A 70 -10.69 -0.34 -16.31
N ARG A 71 -10.19 0.85 -15.97
CA ARG A 71 -9.55 1.71 -16.96
C ARG A 71 -8.23 1.10 -17.43
N LEU A 72 -7.71 0.17 -16.65
CA LEU A 72 -6.45 -0.50 -16.99
C LEU A 72 -6.68 -1.99 -17.24
N SER A 73 -5.74 -2.60 -17.97
CA SER A 73 -5.84 -4.02 -18.28
C SER A 73 -4.93 -4.84 -17.36
N LEU A 74 -4.78 -4.37 -16.13
CA LEU A 74 -3.94 -5.06 -15.15
C LEU A 74 -4.48 -4.87 -13.74
N ASN A 75 -3.73 -5.37 -12.76
CA ASN A 75 -4.14 -5.25 -11.36
C ASN A 75 -3.40 -4.10 -10.68
N GLY A 76 -3.87 -3.72 -9.50
CA GLY A 76 -3.25 -2.64 -8.75
C GLY A 76 -3.39 -2.80 -7.26
N VAL A 77 -2.36 -2.39 -6.52
CA VAL A 77 -2.37 -2.49 -5.07
C VAL A 77 -3.07 -1.29 -4.44
N ARG A 78 -3.55 -1.47 -3.21
CA ARG A 78 -4.24 -0.40 -2.49
C ARG A 78 -3.39 0.13 -1.35
N PHE A 79 -3.57 1.41 -1.02
CA PHE A 79 -2.81 2.03 0.06
C PHE A 79 -3.71 2.95 0.88
N LYS A 80 -4.06 2.49 2.08
CA LYS A 80 -4.92 3.27 2.98
C LYS A 80 -4.16 3.68 4.24
N ARG A 81 -3.96 4.98 4.42
CA ARG A 81 -3.26 5.50 5.57
C ARG A 81 -4.14 5.46 6.82
N ILE A 82 -3.75 4.66 7.80
CA ILE A 82 -4.51 4.54 9.03
C ILE A 82 -4.08 5.59 10.05
N SER A 83 -2.80 5.61 10.37
CA SER A 83 -2.26 6.56 11.33
C SER A 83 -1.10 7.35 10.73
N GLY A 84 -0.52 8.24 11.53
CA GLY A 84 0.59 9.05 11.05
C GLY A 84 0.15 10.18 10.16
N THR A 85 1.05 11.13 9.90
CA THR A 85 0.74 12.28 9.06
C THR A 85 1.07 11.99 7.60
N SER A 86 0.87 12.99 6.75
CA SER A 86 1.13 12.84 5.32
C SER A 86 2.58 12.45 5.08
N ILE A 87 3.51 13.21 5.66
CA ILE A 87 4.93 12.94 5.51
C ILE A 87 5.27 11.54 6.01
N ALA A 88 5.15 11.34 7.32
CA ALA A 88 5.45 10.05 7.93
C ALA A 88 4.76 8.92 7.17
N PHE A 89 3.65 9.24 6.51
CA PHE A 89 2.90 8.25 5.74
C PHE A 89 3.64 7.86 4.47
N LYS A 90 3.70 8.80 3.52
CA LYS A 90 4.37 8.57 2.25
C LYS A 90 5.81 8.12 2.48
N ASN A 91 6.40 8.56 3.58
CA ASN A 91 7.77 8.19 3.92
C ASN A 91 7.98 6.69 3.80
N ILE A 92 7.07 5.92 4.38
CA ILE A 92 7.14 4.47 4.34
C ILE A 92 6.33 3.91 3.17
N ALA A 93 5.42 4.72 2.65
CA ALA A 93 4.58 4.30 1.53
C ALA A 93 5.40 4.14 0.25
N SER A 94 6.37 5.04 0.06
CA SER A 94 7.22 4.99 -1.12
C SER A 94 8.08 3.73 -1.14
N LYS A 95 8.58 3.36 0.04
CA LYS A 95 9.41 2.17 0.16
C LYS A 95 8.68 0.94 -0.37
N ILE A 96 7.42 0.80 -0.01
CA ILE A 96 6.61 -0.32 -0.47
C ILE A 96 6.30 -0.22 -1.95
N ALA A 97 5.68 0.89 -2.35
CA ALA A 97 5.33 1.11 -3.75
C ALA A 97 6.55 0.92 -4.65
N ASN A 98 7.73 1.05 -4.09
CA ASN A 98 8.97 0.89 -4.84
C ASN A 98 9.48 -0.55 -4.75
N GLU A 99 9.98 -0.93 -3.58
CA GLU A 99 10.49 -2.27 -3.37
C GLU A 99 9.64 -3.31 -4.10
N LEU A 100 8.36 -3.01 -4.26
CA LEU A 100 7.44 -3.90 -4.95
C LEU A 100 7.86 -4.11 -6.39
N LYS A 101 8.41 -5.28 -6.69
CA LYS A 101 8.85 -5.62 -8.04
C LYS A 101 7.72 -6.25 -8.84
N LEU A 102 6.53 -5.66 -8.76
CA LEU A 102 5.37 -6.17 -9.48
C LEU A 102 5.34 -5.63 -10.91
N GLY A 1 -7.76 20.71 -15.14
CA GLY A 1 -9.13 20.32 -15.42
C GLY A 1 -10.10 20.77 -14.34
N SER A 2 -9.68 20.66 -13.09
CA SER A 2 -10.52 21.05 -11.96
C SER A 2 -9.84 22.13 -11.13
N SER A 3 -10.64 22.96 -10.48
CA SER A 3 -10.13 24.04 -9.66
C SER A 3 -9.00 23.55 -8.74
N GLY A 4 -8.07 24.44 -8.44
CA GLY A 4 -6.96 24.07 -7.57
C GLY A 4 -7.42 23.65 -6.20
N SER A 5 -7.50 22.33 -5.97
CA SER A 5 -7.93 21.79 -4.69
C SER A 5 -6.74 21.23 -3.92
N SER A 6 -6.70 21.52 -2.62
CA SER A 6 -5.62 21.04 -1.77
C SER A 6 -5.73 19.54 -1.53
N GLY A 7 -6.88 19.11 -1.01
CA GLY A 7 -7.09 17.70 -0.75
C GLY A 7 -7.33 16.90 -2.01
N ARG A 8 -7.05 15.60 -1.96
CA ARG A 8 -7.23 14.74 -3.12
C ARG A 8 -8.44 13.81 -2.92
N PHE A 9 -9.39 13.89 -3.84
CA PHE A 9 -10.59 13.07 -3.76
C PHE A 9 -10.49 11.87 -4.70
N THR A 10 -9.37 11.16 -4.63
CA THR A 10 -9.14 10.00 -5.48
C THR A 10 -8.41 8.90 -4.71
N TRP A 11 -8.59 7.65 -5.14
CA TRP A 11 -7.94 6.53 -4.50
C TRP A 11 -7.11 5.73 -5.51
N SER A 12 -5.90 6.19 -5.77
CA SER A 12 -5.01 5.53 -6.72
C SER A 12 -3.58 6.07 -6.60
N MET A 13 -2.62 5.32 -7.12
CA MET A 13 -1.22 5.72 -7.08
C MET A 13 -0.53 5.43 -8.41
N LYS A 14 0.72 5.84 -8.52
CA LYS A 14 1.50 5.63 -9.73
C LYS A 14 2.21 4.28 -9.70
N THR A 15 1.43 3.22 -9.52
CA THR A 15 1.98 1.87 -9.47
C THR A 15 0.98 0.84 -9.98
N THR A 16 1.43 -0.03 -10.88
CA THR A 16 0.57 -1.06 -11.44
C THR A 16 1.32 -2.38 -11.59
N SER A 17 0.56 -3.47 -11.62
CA SER A 17 1.15 -4.80 -11.76
C SER A 17 0.38 -5.65 -12.77
N SER A 18 1.11 -6.31 -13.65
CA SER A 18 0.48 -7.15 -14.67
C SER A 18 0.74 -8.63 -14.39
N MET A 19 -0.08 -9.20 -13.51
CA MET A 19 0.06 -10.60 -13.15
C MET A 19 -1.10 -11.04 -12.25
N ASP A 20 -1.23 -12.36 -12.08
CA ASP A 20 -2.30 -12.91 -11.25
C ASP A 20 -2.29 -12.27 -9.86
N PRO A 21 -3.49 -12.07 -9.29
CA PRO A 21 -3.64 -11.46 -7.97
C PRO A 21 -3.17 -12.38 -6.85
N SER A 22 -2.94 -13.65 -7.19
CA SER A 22 -2.49 -14.64 -6.22
C SER A 22 -1.03 -14.39 -5.84
N ASP A 23 -0.18 -14.23 -6.84
CA ASP A 23 1.24 -13.99 -6.62
C ASP A 23 1.46 -12.64 -5.95
N MET A 24 0.56 -11.70 -6.20
CA MET A 24 0.66 -10.37 -5.62
C MET A 24 0.66 -10.44 -4.10
N MET A 25 -0.24 -11.23 -3.53
CA MET A 25 -0.34 -11.39 -2.09
C MET A 25 0.96 -11.95 -1.52
N ARG A 26 1.58 -12.87 -2.27
CA ARG A 26 2.83 -13.48 -1.84
C ARG A 26 3.96 -12.47 -1.84
N GLU A 27 4.09 -11.72 -2.93
CA GLU A 27 5.13 -10.71 -3.04
C GLU A 27 4.92 -9.58 -2.04
N ILE A 28 3.73 -8.99 -2.06
CA ILE A 28 3.40 -7.89 -1.16
C ILE A 28 3.93 -8.17 0.25
N ARG A 29 3.67 -9.38 0.75
CA ARG A 29 4.11 -9.76 2.08
C ARG A 29 5.64 -9.82 2.14
N LYS A 30 6.24 -10.59 1.24
CA LYS A 30 7.69 -10.74 1.20
C LYS A 30 8.37 -9.38 1.37
N VAL A 31 7.95 -8.40 0.58
CA VAL A 31 8.52 -7.07 0.65
C VAL A 31 8.39 -6.49 2.05
N LEU A 32 7.21 -6.64 2.63
CA LEU A 32 6.95 -6.12 3.98
C LEU A 32 7.89 -6.76 4.99
N GLY A 33 7.81 -8.08 5.13
CA GLY A 33 8.67 -8.78 6.06
C GLY A 33 10.10 -8.28 6.03
N ALA A 34 10.62 -8.06 4.82
CA ALA A 34 11.99 -7.59 4.66
C ALA A 34 12.17 -6.22 5.33
N ASN A 35 11.18 -5.36 5.18
CA ASN A 35 11.23 -4.02 5.77
C ASN A 35 10.73 -4.04 7.21
N ASN A 36 10.79 -5.21 7.84
CA ASN A 36 10.35 -5.37 9.22
C ASN A 36 8.92 -4.87 9.40
N CYS A 37 8.13 -4.98 8.33
CA CYS A 37 6.74 -4.54 8.37
C CYS A 37 5.83 -5.64 8.93
N ASP A 38 4.89 -5.25 9.77
CA ASP A 38 3.96 -6.20 10.36
C ASP A 38 2.67 -6.31 9.54
N TYR A 39 2.45 -7.46 8.94
CA TYR A 39 1.26 -7.68 8.13
C TYR A 39 0.31 -8.65 8.81
N GLU A 40 -0.98 -8.32 8.78
CA GLU A 40 -2.01 -9.16 9.40
C GLU A 40 -3.16 -9.41 8.44
N GLN A 41 -3.61 -10.66 8.36
CA GLN A 41 -4.71 -11.03 7.47
C GLN A 41 -6.01 -10.44 7.96
N ARG A 42 -6.44 -9.34 7.34
CA ARG A 42 -7.68 -8.67 7.72
C ARG A 42 -8.87 -9.27 6.96
N GLU A 43 -8.89 -9.04 5.65
CA GLU A 43 -9.97 -9.55 4.81
C GLU A 43 -9.46 -10.64 3.86
N ARG A 44 -10.33 -11.10 2.97
CA ARG A 44 -9.97 -12.13 2.01
C ARG A 44 -8.72 -11.74 1.24
N PHE A 45 -8.67 -10.49 0.78
CA PHE A 45 -7.53 -10.00 0.02
C PHE A 45 -7.05 -8.66 0.58
N LEU A 46 -7.19 -8.48 1.89
CA LEU A 46 -6.78 -7.24 2.55
C LEU A 46 -5.77 -7.53 3.65
N LEU A 47 -4.69 -6.75 3.68
CA LEU A 47 -3.66 -6.91 4.69
C LEU A 47 -3.44 -5.61 5.46
N PHE A 48 -3.10 -5.74 6.74
CA PHE A 48 -2.87 -4.58 7.59
C PHE A 48 -1.37 -4.36 7.81
N CYS A 49 -0.79 -3.43 7.06
CA CYS A 49 0.62 -3.12 7.17
C CYS A 49 0.90 -2.22 8.37
N VAL A 50 2.09 -2.35 8.94
CA VAL A 50 2.47 -1.54 10.10
C VAL A 50 3.99 -1.35 10.15
N HIS A 51 4.42 -0.11 10.31
CA HIS A 51 5.84 0.22 10.38
C HIS A 51 6.08 1.47 11.21
N GLY A 52 7.24 1.55 11.84
CA GLY A 52 7.57 2.71 12.66
C GLY A 52 8.58 3.62 11.99
N ASP A 53 9.64 3.03 11.44
CA ASP A 53 10.68 3.80 10.78
C ASP A 53 11.06 5.03 11.59
N GLY A 54 11.20 4.85 12.91
CA GLY A 54 11.55 5.95 13.78
C GLY A 54 11.09 5.73 15.21
N HIS A 55 10.18 6.57 15.67
CA HIS A 55 9.66 6.46 17.03
C HIS A 55 8.29 5.79 17.04
N ALA A 56 7.91 5.26 18.20
CA ALA A 56 6.62 4.59 18.34
C ALA A 56 5.47 5.58 18.20
N GLU A 57 5.68 6.80 18.66
CA GLU A 57 4.66 7.84 18.59
C GLU A 57 4.46 8.30 17.15
N ASN A 58 5.41 7.99 16.29
CA ASN A 58 5.34 8.37 14.89
C ASN A 58 5.14 7.15 14.00
N LEU A 59 4.54 6.11 14.57
CA LEU A 59 4.28 4.88 13.82
C LEU A 59 3.24 5.11 12.74
N VAL A 60 3.40 4.41 11.61
CA VAL A 60 2.48 4.54 10.50
C VAL A 60 1.71 3.24 10.26
N GLN A 61 0.38 3.35 10.21
CA GLN A 61 -0.47 2.19 10.00
C GLN A 61 -1.23 2.30 8.68
N TRP A 62 -1.09 1.28 7.84
CA TRP A 62 -1.77 1.26 6.55
C TRP A 62 -2.02 -0.17 6.08
N GLU A 63 -2.98 -0.33 5.17
CA GLU A 63 -3.32 -1.65 4.65
C GLU A 63 -3.22 -1.67 3.13
N MET A 64 -3.37 -2.85 2.55
CA MET A 64 -3.30 -3.01 1.10
C MET A 64 -4.23 -4.14 0.63
N GLU A 65 -4.63 -4.06 -0.64
CA GLU A 65 -5.52 -5.07 -1.21
C GLU A 65 -5.35 -5.14 -2.72
N VAL A 66 -5.39 -6.36 -3.27
CA VAL A 66 -5.24 -6.57 -4.69
C VAL A 66 -6.59 -6.49 -5.40
N CYS A 67 -6.79 -5.43 -6.17
CA CYS A 67 -8.05 -5.23 -6.90
C CYS A 67 -7.79 -5.17 -8.40
N LYS A 68 -8.86 -5.29 -9.18
CA LYS A 68 -8.75 -5.24 -10.63
C LYS A 68 -9.36 -3.95 -11.17
N LEU A 69 -8.50 -2.97 -11.48
CA LEU A 69 -8.95 -1.69 -12.01
C LEU A 69 -9.94 -1.90 -13.15
N PRO A 70 -11.01 -1.08 -13.15
CA PRO A 70 -12.05 -1.15 -14.19
C PRO A 70 -11.56 -0.67 -15.54
N ARG A 71 -10.95 0.51 -15.57
CA ARG A 71 -10.43 1.08 -16.80
C ARG A 71 -9.22 0.28 -17.30
N LEU A 72 -8.28 0.02 -16.41
CA LEU A 72 -7.08 -0.74 -16.75
C LEU A 72 -7.31 -2.23 -16.60
N SER A 73 -6.95 -3.00 -17.62
CA SER A 73 -7.12 -4.44 -17.60
C SER A 73 -6.00 -5.10 -16.79
N LEU A 74 -5.73 -4.57 -15.61
CA LEU A 74 -4.69 -5.10 -14.75
C LEU A 74 -5.10 -5.01 -13.28
N ASN A 75 -4.22 -5.48 -12.40
CA ASN A 75 -4.49 -5.46 -10.96
C ASN A 75 -3.75 -4.30 -10.29
N GLY A 76 -4.46 -3.57 -9.44
CA GLY A 76 -3.85 -2.45 -8.75
C GLY A 76 -3.85 -2.62 -7.24
N VAL A 77 -2.84 -2.07 -6.58
CA VAL A 77 -2.73 -2.18 -5.13
C VAL A 77 -3.43 -1.01 -4.44
N ARG A 78 -3.83 -1.22 -3.20
CA ARG A 78 -4.51 -0.19 -2.42
C ARG A 78 -3.64 0.28 -1.25
N PHE A 79 -3.79 1.55 -0.87
CA PHE A 79 -3.02 2.11 0.22
C PHE A 79 -3.91 3.00 1.10
N LYS A 80 -4.25 2.50 2.28
CA LYS A 80 -5.09 3.24 3.21
C LYS A 80 -4.25 3.82 4.35
N ARG A 81 -4.29 5.14 4.49
CA ARG A 81 -3.54 5.83 5.54
C ARG A 81 -4.37 5.96 6.81
N ILE A 82 -4.17 5.04 7.75
CA ILE A 82 -4.90 5.06 9.00
C ILE A 82 -4.34 6.11 9.96
N SER A 83 -3.12 5.88 10.42
CA SER A 83 -2.46 6.80 11.34
C SER A 83 -1.11 7.23 10.80
N GLY A 84 -0.63 8.39 11.27
CA GLY A 84 0.66 8.90 10.82
C GLY A 84 0.51 10.07 9.85
N THR A 85 1.26 11.14 10.11
CA THR A 85 1.21 12.32 9.27
C THR A 85 1.57 11.99 7.83
N SER A 86 1.33 12.93 6.93
CA SER A 86 1.64 12.73 5.52
C SER A 86 3.12 12.44 5.31
N ILE A 87 3.97 13.24 5.95
CA ILE A 87 5.42 13.07 5.83
C ILE A 87 5.81 11.63 6.11
N ALA A 88 5.56 11.16 7.33
CA ALA A 88 5.88 9.80 7.71
C ALA A 88 5.21 8.78 6.80
N PHE A 89 3.89 8.93 6.64
CA PHE A 89 3.13 8.03 5.78
C PHE A 89 3.84 7.79 4.46
N LYS A 90 4.07 8.86 3.70
CA LYS A 90 4.75 8.76 2.42
C LYS A 90 6.14 8.18 2.58
N ASN A 91 6.76 8.43 3.74
CA ASN A 91 8.10 7.92 4.02
C ASN A 91 8.14 6.40 3.87
N ILE A 92 7.33 5.71 4.65
CA ILE A 92 7.28 4.25 4.60
C ILE A 92 6.60 3.76 3.33
N ALA A 93 5.66 4.56 2.83
CA ALA A 93 4.94 4.21 1.60
C ALA A 93 5.89 4.13 0.42
N SER A 94 6.85 5.04 0.36
CA SER A 94 7.82 5.07 -0.73
C SER A 94 8.71 3.83 -0.71
N LYS A 95 8.69 3.12 0.41
CA LYS A 95 9.49 1.91 0.56
C LYS A 95 8.74 0.70 0.01
N ILE A 96 7.42 0.77 0.00
CA ILE A 96 6.59 -0.32 -0.50
C ILE A 96 6.46 -0.25 -2.02
N ALA A 97 6.05 0.91 -2.52
CA ALA A 97 5.89 1.11 -3.95
C ALA A 97 7.18 0.83 -4.69
N ASN A 98 8.29 1.31 -4.14
CA ASN A 98 9.60 1.12 -4.76
C ASN A 98 10.00 -0.36 -4.73
N GLU A 99 10.27 -0.88 -3.54
CA GLU A 99 10.66 -2.27 -3.39
C GLU A 99 9.80 -3.18 -4.27
N LEU A 100 8.48 -3.04 -4.14
CA LEU A 100 7.54 -3.85 -4.92
C LEU A 100 8.05 -4.05 -6.34
N LYS A 101 8.57 -5.24 -6.61
CA LYS A 101 9.10 -5.58 -7.93
C LYS A 101 7.98 -6.02 -8.86
N LEU A 102 7.07 -5.10 -9.18
CA LEU A 102 5.95 -5.39 -10.06
C LEU A 102 6.03 -4.57 -11.35
N GLY A 1 -16.23 23.19 7.46
CA GLY A 1 -15.95 24.58 7.19
C GLY A 1 -15.88 24.88 5.70
N SER A 2 -15.08 25.86 5.33
CA SER A 2 -14.94 26.25 3.93
C SER A 2 -13.58 25.84 3.39
N SER A 3 -13.44 25.87 2.06
CA SER A 3 -12.19 25.51 1.42
C SER A 3 -12.20 25.92 -0.05
N GLY A 4 -11.10 26.52 -0.49
CA GLY A 4 -11.01 26.96 -1.88
C GLY A 4 -10.89 25.79 -2.85
N SER A 5 -12.04 25.26 -3.26
CA SER A 5 -12.07 24.13 -4.19
C SER A 5 -11.04 24.32 -5.29
N SER A 6 -10.08 23.39 -5.37
CA SER A 6 -9.03 23.46 -6.38
C SER A 6 -9.03 22.20 -7.23
N GLY A 7 -8.86 21.04 -6.58
CA GLY A 7 -8.84 19.78 -7.29
C GLY A 7 -9.70 18.73 -6.62
N ARG A 8 -9.10 17.58 -6.33
CA ARG A 8 -9.83 16.48 -5.69
C ARG A 8 -8.85 15.47 -5.09
N PHE A 9 -9.38 14.53 -4.31
CA PHE A 9 -8.57 13.52 -3.68
C PHE A 9 -9.11 12.12 -3.97
N THR A 10 -9.58 11.92 -5.20
CA THR A 10 -10.13 10.64 -5.61
C THR A 10 -9.25 9.49 -5.15
N TRP A 11 -9.87 8.37 -4.80
CA TRP A 11 -9.15 7.20 -4.34
C TRP A 11 -8.59 6.41 -5.51
N SER A 12 -7.38 6.75 -5.93
CA SER A 12 -6.74 6.08 -7.06
C SER A 12 -5.31 5.68 -6.71
N MET A 13 -4.60 5.11 -7.68
CA MET A 13 -3.22 4.69 -7.47
C MET A 13 -2.41 4.85 -8.75
N LYS A 14 -1.09 4.93 -8.59
CA LYS A 14 -0.19 5.09 -9.73
C LYS A 14 0.47 3.76 -10.09
N THR A 15 1.20 3.18 -9.14
CA THR A 15 1.87 1.91 -9.37
C THR A 15 0.90 0.85 -9.85
N THR A 16 1.30 0.10 -10.88
CA THR A 16 0.46 -0.94 -11.44
C THR A 16 1.25 -2.24 -11.61
N SER A 17 0.53 -3.34 -11.83
CA SER A 17 1.18 -4.64 -12.02
C SER A 17 0.21 -5.63 -12.69
N SER A 18 0.67 -6.23 -13.78
CA SER A 18 -0.16 -7.18 -14.51
C SER A 18 -0.03 -8.58 -13.91
N MET A 19 0.25 -8.63 -12.61
CA MET A 19 0.39 -9.91 -11.92
C MET A 19 -0.89 -10.25 -11.15
N ASP A 20 -1.39 -11.47 -11.35
CA ASP A 20 -2.60 -11.92 -10.69
C ASP A 20 -2.56 -11.57 -9.20
N PRO A 21 -3.76 -11.49 -8.59
CA PRO A 21 -3.89 -11.16 -7.16
C PRO A 21 -3.37 -12.27 -6.25
N SER A 22 -3.65 -13.51 -6.63
CA SER A 22 -3.21 -14.66 -5.86
C SER A 22 -1.72 -14.59 -5.57
N ASP A 23 -0.93 -14.32 -6.60
CA ASP A 23 0.52 -14.23 -6.47
C ASP A 23 0.91 -12.91 -5.81
N MET A 24 0.20 -11.84 -6.18
CA MET A 24 0.49 -10.51 -5.64
C MET A 24 0.58 -10.56 -4.11
N MET A 25 -0.40 -11.20 -3.49
CA MET A 25 -0.43 -11.32 -2.03
C MET A 25 0.88 -11.90 -1.51
N ARG A 26 1.42 -12.89 -2.22
CA ARG A 26 2.66 -13.53 -1.83
C ARG A 26 3.82 -12.55 -1.91
N GLU A 27 3.94 -11.86 -3.03
CA GLU A 27 5.00 -10.88 -3.24
C GLU A 27 4.96 -9.80 -2.17
N ILE A 28 3.83 -9.12 -2.07
CA ILE A 28 3.66 -8.05 -1.09
C ILE A 28 4.35 -8.41 0.23
N ARG A 29 3.82 -9.43 0.91
CA ARG A 29 4.39 -9.86 2.18
C ARG A 29 5.89 -10.06 2.06
N LYS A 30 6.31 -10.83 1.06
CA LYS A 30 7.72 -11.10 0.84
C LYS A 30 8.56 -9.83 1.01
N VAL A 31 7.99 -8.69 0.62
CA VAL A 31 8.68 -7.42 0.74
C VAL A 31 8.57 -6.87 2.16
N LEU A 32 7.36 -6.88 2.70
CA LEU A 32 7.13 -6.38 4.05
C LEU A 32 8.07 -7.04 5.05
N GLY A 33 7.92 -8.35 5.22
CA GLY A 33 8.77 -9.08 6.14
C GLY A 33 10.19 -8.56 6.15
N ALA A 34 10.72 -8.26 4.97
CA ALA A 34 12.09 -7.75 4.84
C ALA A 34 12.21 -6.36 5.47
N ASN A 35 11.19 -5.54 5.28
CA ASN A 35 11.19 -4.19 5.83
C ASN A 35 10.72 -4.18 7.28
N ASN A 36 11.13 -5.20 8.02
CA ASN A 36 10.76 -5.32 9.43
C ASN A 36 9.31 -4.84 9.65
N CYS A 37 8.49 -4.98 8.62
CA CYS A 37 7.09 -4.57 8.70
C CYS A 37 6.20 -5.75 9.08
N ASP A 38 5.16 -5.46 9.85
CA ASP A 38 4.23 -6.49 10.29
C ASP A 38 2.99 -6.53 9.40
N TYR A 39 2.62 -7.73 8.98
CA TYR A 39 1.45 -7.91 8.11
C TYR A 39 0.42 -8.82 8.77
N GLU A 40 -0.86 -8.49 8.59
CA GLU A 40 -1.93 -9.28 9.16
C GLU A 40 -3.09 -9.41 8.18
N GLN A 41 -3.64 -10.61 8.05
CA GLN A 41 -4.75 -10.86 7.16
C GLN A 41 -6.03 -10.18 7.65
N ARG A 42 -6.31 -9.01 7.09
CA ARG A 42 -7.49 -8.25 7.47
C ARG A 42 -8.73 -8.73 6.70
N GLU A 43 -8.60 -8.79 5.38
CA GLU A 43 -9.70 -9.22 4.53
C GLU A 43 -9.26 -10.34 3.59
N ARG A 44 -10.15 -10.75 2.69
CA ARG A 44 -9.84 -11.81 1.75
C ARG A 44 -8.51 -11.55 1.04
N PHE A 45 -8.31 -10.31 0.61
CA PHE A 45 -7.08 -9.93 -0.07
C PHE A 45 -6.54 -8.61 0.46
N LEU A 46 -6.59 -8.45 1.78
CA LEU A 46 -6.11 -7.23 2.42
C LEU A 46 -5.11 -7.55 3.53
N LEU A 47 -4.21 -6.61 3.80
CA LEU A 47 -3.21 -6.79 4.84
C LEU A 47 -2.98 -5.49 5.61
N PHE A 48 -2.58 -5.62 6.87
CA PHE A 48 -2.33 -4.45 7.72
C PHE A 48 -0.83 -4.25 7.91
N CYS A 49 -0.26 -3.32 7.16
CA CYS A 49 1.16 -3.02 7.26
C CYS A 49 1.46 -2.11 8.45
N VAL A 50 2.46 -2.48 9.24
CA VAL A 50 2.84 -1.70 10.41
C VAL A 50 4.35 -1.49 10.47
N HIS A 51 4.77 -0.24 10.39
CA HIS A 51 6.19 0.10 10.43
C HIS A 51 6.44 1.25 11.41
N GLY A 52 7.69 1.35 11.87
CA GLY A 52 8.04 2.40 12.81
C GLY A 52 8.86 3.50 12.16
N ASP A 53 9.95 3.10 11.51
CA ASP A 53 10.82 4.07 10.84
C ASP A 53 10.98 5.34 11.69
N GLY A 54 10.92 5.18 13.01
CA GLY A 54 11.05 6.31 13.89
C GLY A 54 10.72 5.97 15.34
N HIS A 55 9.95 6.84 16.00
CA HIS A 55 9.57 6.62 17.38
C HIS A 55 8.16 6.02 17.47
N ALA A 56 7.85 5.44 18.62
CA ALA A 56 6.54 4.83 18.82
C ALA A 56 5.42 5.80 18.45
N GLU A 57 5.48 7.01 18.99
CA GLU A 57 4.48 8.02 18.71
C GLU A 57 4.38 8.31 17.21
N ASN A 58 5.38 7.84 16.46
CA ASN A 58 5.41 8.04 15.02
C ASN A 58 5.12 6.74 14.28
N LEU A 59 4.33 5.88 14.91
CA LEU A 59 3.97 4.60 14.31
C LEU A 59 3.00 4.79 13.15
N VAL A 60 3.38 4.29 11.98
CA VAL A 60 2.54 4.40 10.78
C VAL A 60 1.78 3.11 10.53
N GLN A 61 0.53 3.25 10.08
CA GLN A 61 -0.31 2.09 9.78
C GLN A 61 -1.11 2.31 8.51
N TRP A 62 -1.03 1.35 7.59
CA TRP A 62 -1.74 1.44 6.33
C TRP A 62 -2.05 0.05 5.78
N GLU A 63 -3.25 -0.11 5.23
CA GLU A 63 -3.67 -1.39 4.67
C GLU A 63 -3.38 -1.45 3.18
N MET A 64 -3.51 -2.64 2.60
CA MET A 64 -3.25 -2.84 1.18
C MET A 64 -4.16 -3.93 0.61
N GLU A 65 -5.10 -3.53 -0.22
CA GLU A 65 -6.03 -4.47 -0.83
C GLU A 65 -5.76 -4.61 -2.33
N VAL A 66 -5.55 -5.85 -2.78
CA VAL A 66 -5.29 -6.11 -4.19
C VAL A 66 -6.58 -6.11 -5.00
N CYS A 67 -6.63 -5.24 -6.00
CA CYS A 67 -7.82 -5.14 -6.85
C CYS A 67 -7.44 -4.65 -8.25
N LYS A 68 -8.22 -5.06 -9.25
CA LYS A 68 -7.96 -4.67 -10.63
C LYS A 68 -8.42 -3.23 -10.88
N LEU A 69 -7.62 -2.49 -11.62
CA LEU A 69 -7.94 -1.09 -11.94
C LEU A 69 -9.02 -1.02 -13.01
N PRO A 70 -10.06 -0.22 -12.74
CA PRO A 70 -11.18 -0.03 -13.68
C PRO A 70 -10.77 0.75 -14.92
N ARG A 71 -9.54 1.25 -14.93
CA ARG A 71 -9.03 2.01 -16.06
C ARG A 71 -8.09 1.15 -16.91
N LEU A 72 -7.01 0.69 -16.30
CA LEU A 72 -6.03 -0.13 -17.01
C LEU A 72 -6.34 -1.62 -16.82
N SER A 73 -5.71 -2.46 -17.64
CA SER A 73 -5.92 -3.90 -17.56
C SER A 73 -4.81 -4.57 -16.74
N LEU A 74 -4.65 -4.11 -15.50
CA LEU A 74 -3.62 -4.66 -14.62
C LEU A 74 -4.08 -4.62 -13.16
N ASN A 75 -3.55 -5.53 -12.36
CA ASN A 75 -3.90 -5.60 -10.95
C ASN A 75 -3.14 -4.56 -10.13
N GLY A 76 -3.84 -3.52 -9.70
CA GLY A 76 -3.21 -2.47 -8.93
C GLY A 76 -3.32 -2.70 -7.44
N VAL A 77 -2.61 -1.91 -6.65
CA VAL A 77 -2.62 -2.03 -5.21
C VAL A 77 -3.32 -0.84 -4.55
N ARG A 78 -3.82 -1.05 -3.34
CA ARG A 78 -4.51 0.02 -2.61
C ARG A 78 -3.69 0.47 -1.41
N PHE A 79 -3.76 1.77 -1.11
CA PHE A 79 -3.02 2.34 0.00
C PHE A 79 -3.91 3.27 0.83
N LYS A 80 -4.29 2.81 2.02
CA LYS A 80 -5.14 3.60 2.90
C LYS A 80 -4.37 4.03 4.15
N ARG A 81 -4.51 5.31 4.51
CA ARG A 81 -3.84 5.86 5.67
C ARG A 81 -4.71 5.72 6.91
N ILE A 82 -4.37 4.75 7.77
CA ILE A 82 -5.13 4.52 8.99
C ILE A 82 -4.71 5.50 10.09
N SER A 83 -3.46 5.36 10.54
CA SER A 83 -2.94 6.23 11.59
C SER A 83 -1.64 6.88 11.16
N GLY A 84 -1.23 7.93 11.87
CA GLY A 84 0.00 8.63 11.54
C GLY A 84 -0.24 9.84 10.66
N THR A 85 0.82 10.60 10.40
CA THR A 85 0.72 11.80 9.57
C THR A 85 1.05 11.49 8.11
N SER A 86 0.70 12.41 7.23
CA SER A 86 0.96 12.23 5.80
C SER A 86 2.46 12.13 5.53
N ILE A 87 3.22 13.10 6.01
CA ILE A 87 4.66 13.12 5.83
C ILE A 87 5.26 11.74 6.07
N ALA A 88 4.83 11.09 7.15
CA ALA A 88 5.33 9.77 7.49
C ALA A 88 4.67 8.70 6.61
N PHE A 89 3.37 8.81 6.43
CA PHE A 89 2.62 7.86 5.62
C PHE A 89 3.25 7.70 4.25
N LYS A 90 3.65 8.82 3.65
CA LYS A 90 4.28 8.80 2.33
C LYS A 90 5.67 8.18 2.40
N ASN A 91 6.45 8.57 3.42
CA ASN A 91 7.79 8.04 3.59
C ASN A 91 7.81 6.52 3.43
N ILE A 92 7.32 5.81 4.44
CA ILE A 92 7.28 4.36 4.41
C ILE A 92 6.76 3.86 3.07
N ALA A 93 5.68 4.47 2.59
CA ALA A 93 5.08 4.09 1.32
C ALA A 93 6.12 4.06 0.21
N SER A 94 6.98 5.08 0.18
CA SER A 94 8.02 5.17 -0.83
C SER A 94 8.91 3.94 -0.82
N LYS A 95 8.80 3.15 0.24
CA LYS A 95 9.59 1.94 0.39
C LYS A 95 8.84 0.73 -0.17
N ILE A 96 7.51 0.78 -0.11
CA ILE A 96 6.69 -0.31 -0.60
C ILE A 96 6.56 -0.25 -2.12
N ALA A 97 6.01 0.85 -2.62
CA ALA A 97 5.84 1.02 -4.06
C ALA A 97 7.09 0.63 -4.81
N ASN A 98 8.24 1.12 -4.36
CA ASN A 98 9.52 0.82 -4.98
C ASN A 98 9.89 -0.65 -4.79
N GLU A 99 10.19 -1.02 -3.54
CA GLU A 99 10.56 -2.39 -3.23
C GLU A 99 9.79 -3.38 -4.10
N LEU A 100 8.47 -3.26 -4.11
CA LEU A 100 7.62 -4.14 -4.89
C LEU A 100 8.22 -4.37 -6.28
N LYS A 101 8.75 -5.57 -6.50
CA LYS A 101 9.34 -5.92 -7.78
C LYS A 101 8.30 -6.50 -8.73
N LEU A 102 7.24 -5.74 -8.98
CA LEU A 102 6.17 -6.18 -9.87
C LEU A 102 6.39 -5.67 -11.28
N GLY A 1 -14.40 19.05 -15.96
CA GLY A 1 -15.54 19.10 -16.87
C GLY A 1 -16.62 20.05 -16.38
N SER A 2 -17.42 19.60 -15.42
CA SER A 2 -18.49 20.41 -14.87
C SER A 2 -18.68 20.13 -13.38
N SER A 3 -19.52 20.94 -12.74
CA SER A 3 -19.79 20.79 -11.32
C SER A 3 -20.50 19.47 -11.03
N GLY A 4 -20.20 18.88 -9.88
CA GLY A 4 -20.82 17.62 -9.51
C GLY A 4 -20.00 16.85 -8.49
N SER A 5 -20.18 15.54 -8.44
CA SER A 5 -19.47 14.69 -7.50
C SER A 5 -19.16 13.33 -8.12
N SER A 6 -17.95 12.84 -7.88
CA SER A 6 -17.52 11.56 -8.42
C SER A 6 -16.44 10.94 -7.54
N GLY A 7 -16.31 9.61 -7.61
CA GLY A 7 -15.32 8.92 -6.82
C GLY A 7 -14.50 7.94 -7.64
N ARG A 8 -13.66 8.46 -8.52
CA ARG A 8 -12.82 7.62 -9.37
C ARG A 8 -11.55 7.20 -8.64
N PHE A 9 -10.86 8.18 -8.06
CA PHE A 9 -9.63 7.92 -7.33
C PHE A 9 -9.74 8.38 -5.87
N THR A 10 -10.07 7.44 -4.99
CA THR A 10 -10.21 7.76 -3.57
C THR A 10 -8.89 8.22 -2.98
N TRP A 11 -7.88 7.37 -3.07
CA TRP A 11 -6.55 7.69 -2.53
C TRP A 11 -5.50 7.61 -3.63
N SER A 12 -4.25 7.89 -3.25
CA SER A 12 -3.14 7.85 -4.20
C SER A 12 -2.89 6.43 -4.70
N MET A 13 -2.66 6.30 -6.00
CA MET A 13 -2.42 4.99 -6.60
C MET A 13 -1.75 5.13 -7.96
N LYS A 14 -0.47 4.79 -8.03
CA LYS A 14 0.28 4.87 -9.28
C LYS A 14 0.84 3.51 -9.68
N THR A 15 1.34 2.77 -8.69
CA THR A 15 1.91 1.45 -8.94
C THR A 15 0.89 0.54 -9.62
N THR A 16 1.30 -0.08 -10.72
CA THR A 16 0.43 -0.97 -11.46
C THR A 16 1.06 -2.34 -11.64
N SER A 17 0.24 -3.34 -11.97
CA SER A 17 0.73 -4.70 -12.16
C SER A 17 -0.07 -5.42 -13.25
N SER A 18 0.63 -6.16 -14.10
CA SER A 18 -0.01 -6.89 -15.18
C SER A 18 0.22 -8.39 -15.04
N MET A 19 -0.48 -8.99 -14.08
CA MET A 19 -0.36 -10.43 -13.83
C MET A 19 -1.39 -10.90 -12.82
N ASP A 20 -1.48 -12.21 -12.63
CA ASP A 20 -2.43 -12.79 -11.69
C ASP A 20 -2.22 -12.23 -10.28
N PRO A 21 -3.32 -11.97 -9.58
CA PRO A 21 -3.28 -11.43 -8.21
C PRO A 21 -2.75 -12.44 -7.20
N SER A 22 -3.11 -13.70 -7.38
CA SER A 22 -2.68 -14.76 -6.49
C SER A 22 -1.18 -14.64 -6.19
N ASP A 23 -0.45 -14.00 -7.11
CA ASP A 23 0.98 -13.82 -6.95
C ASP A 23 1.27 -12.65 -6.02
N MET A 24 0.71 -11.48 -6.33
CA MET A 24 0.91 -10.29 -5.53
C MET A 24 0.86 -10.62 -4.04
N MET A 25 -0.24 -11.22 -3.60
CA MET A 25 -0.41 -11.58 -2.20
C MET A 25 0.91 -12.07 -1.61
N ARG A 26 1.66 -12.83 -2.39
CA ARG A 26 2.95 -13.36 -1.93
C ARG A 26 4.01 -12.26 -1.94
N GLU A 27 3.99 -11.42 -2.96
CA GLU A 27 4.97 -10.34 -3.08
C GLU A 27 4.83 -9.36 -1.91
N ILE A 28 3.66 -8.74 -1.81
CA ILE A 28 3.39 -7.78 -0.73
C ILE A 28 3.83 -8.34 0.62
N ARG A 29 3.28 -9.50 0.97
CA ARG A 29 3.62 -10.15 2.24
C ARG A 29 5.13 -10.33 2.38
N LYS A 30 5.76 -10.81 1.32
CA LYS A 30 7.20 -11.03 1.33
C LYS A 30 7.95 -9.74 1.62
N VAL A 31 7.78 -8.75 0.76
CA VAL A 31 8.42 -7.45 0.93
C VAL A 31 8.24 -6.93 2.35
N LEU A 32 6.99 -6.74 2.74
CA LEU A 32 6.68 -6.24 4.08
C LEU A 32 7.61 -6.85 5.12
N GLY A 33 7.55 -8.16 5.27
CA GLY A 33 8.41 -8.84 6.23
C GLY A 33 9.87 -8.48 6.06
N ALA A 34 10.28 -8.23 4.82
CA ALA A 34 11.66 -7.87 4.53
C ALA A 34 11.99 -6.49 5.08
N ASN A 35 10.97 -5.66 5.23
CA ASN A 35 11.16 -4.30 5.74
C ASN A 35 10.82 -4.23 7.22
N ASN A 36 11.12 -5.30 7.95
CA ASN A 36 10.85 -5.36 9.38
C ASN A 36 9.51 -4.69 9.71
N CYS A 37 8.48 -5.06 8.96
CA CYS A 37 7.15 -4.51 9.17
C CYS A 37 6.17 -5.58 9.62
N ASP A 38 5.16 -5.17 10.38
CA ASP A 38 4.16 -6.09 10.88
C ASP A 38 2.93 -6.13 9.97
N TYR A 39 2.65 -7.30 9.41
CA TYR A 39 1.51 -7.46 8.51
C TYR A 39 0.56 -8.53 9.03
N GLU A 40 -0.74 -8.26 8.93
CA GLU A 40 -1.75 -9.19 9.39
C GLU A 40 -2.87 -9.34 8.35
N GLN A 41 -3.09 -10.57 7.90
CA GLN A 41 -4.12 -10.84 6.91
C GLN A 41 -5.51 -10.69 7.52
N ARG A 42 -6.19 -9.60 7.19
CA ARG A 42 -7.52 -9.35 7.71
C ARG A 42 -8.59 -9.83 6.73
N GLU A 43 -8.78 -9.08 5.64
CA GLU A 43 -9.77 -9.43 4.63
C GLU A 43 -9.22 -10.48 3.68
N ARG A 44 -10.00 -10.83 2.66
CA ARG A 44 -9.60 -11.82 1.68
C ARG A 44 -8.22 -11.48 1.09
N PHE A 45 -8.06 -10.23 0.68
CA PHE A 45 -6.80 -9.78 0.10
C PHE A 45 -6.36 -8.46 0.72
N LEU A 46 -6.49 -8.35 2.04
CA LEU A 46 -6.11 -7.14 2.75
C LEU A 46 -5.11 -7.46 3.86
N LEU A 47 -4.23 -6.49 4.14
CA LEU A 47 -3.23 -6.67 5.19
C LEU A 47 -3.02 -5.37 5.97
N PHE A 48 -2.56 -5.50 7.21
CA PHE A 48 -2.31 -4.34 8.05
C PHE A 48 -0.83 -4.06 8.18
N CYS A 49 -0.33 -3.15 7.33
CA CYS A 49 1.08 -2.80 7.35
C CYS A 49 1.40 -1.90 8.55
N VAL A 50 2.56 -2.12 9.15
CA VAL A 50 2.99 -1.35 10.31
C VAL A 50 4.50 -1.18 10.34
N HIS A 51 4.97 0.00 10.73
CA HIS A 51 6.39 0.27 10.80
C HIS A 51 6.68 1.36 11.83
N GLY A 52 7.87 1.32 12.42
CA GLY A 52 8.25 2.30 13.42
C GLY A 52 9.39 3.18 12.95
N ASP A 53 9.13 3.98 11.93
CA ASP A 53 10.15 4.88 11.39
C ASP A 53 10.26 6.15 12.23
N GLY A 54 10.35 5.97 13.54
CA GLY A 54 10.46 7.10 14.44
C GLY A 54 10.06 6.76 15.85
N HIS A 55 9.16 7.56 16.42
CA HIS A 55 8.67 7.34 17.78
C HIS A 55 7.31 6.66 17.77
N ALA A 56 6.99 5.97 18.86
CA ALA A 56 5.71 5.29 18.98
C ALA A 56 4.56 6.20 18.62
N GLU A 57 4.53 7.39 19.24
CA GLU A 57 3.48 8.36 18.98
C GLU A 57 3.46 8.77 17.51
N ASN A 58 4.55 8.48 16.80
CA ASN A 58 4.66 8.81 15.39
C ASN A 58 4.72 7.56 14.54
N LEU A 59 3.85 6.59 14.85
CA LEU A 59 3.80 5.34 14.10
C LEU A 59 2.97 5.49 12.83
N VAL A 60 3.29 4.69 11.81
CA VAL A 60 2.57 4.73 10.56
C VAL A 60 1.78 3.44 10.33
N GLN A 61 0.46 3.59 10.20
CA GLN A 61 -0.42 2.44 9.99
C GLN A 61 -1.24 2.62 8.71
N TRP A 62 -1.03 1.71 7.76
CA TRP A 62 -1.76 1.76 6.49
C TRP A 62 -2.04 0.37 5.97
N GLU A 63 -3.22 0.18 5.39
CA GLU A 63 -3.61 -1.11 4.85
C GLU A 63 -3.43 -1.15 3.34
N MET A 64 -3.35 -2.35 2.78
CA MET A 64 -3.18 -2.53 1.34
C MET A 64 -3.97 -3.73 0.84
N GLU A 65 -4.61 -3.56 -0.31
CA GLU A 65 -5.41 -4.64 -0.90
C GLU A 65 -5.19 -4.71 -2.41
N VAL A 66 -5.32 -5.91 -2.96
CA VAL A 66 -5.13 -6.13 -4.39
C VAL A 66 -6.47 -6.30 -5.11
N CYS A 67 -6.75 -5.41 -6.04
CA CYS A 67 -8.00 -5.46 -6.79
C CYS A 67 -7.82 -4.87 -8.19
N LYS A 68 -8.79 -5.12 -9.06
CA LYS A 68 -8.75 -4.61 -10.43
C LYS A 68 -9.24 -3.17 -10.50
N LEU A 69 -8.51 -2.33 -11.23
CA LEU A 69 -8.87 -0.93 -11.38
C LEU A 69 -10.11 -0.78 -12.25
N PRO A 70 -11.04 0.10 -11.83
CA PRO A 70 -12.28 0.36 -12.56
C PRO A 70 -12.04 1.09 -13.88
N ARG A 71 -10.88 1.72 -14.00
CA ARG A 71 -10.52 2.46 -15.20
C ARG A 71 -9.75 1.57 -16.17
N LEU A 72 -8.62 1.05 -15.71
CA LEU A 72 -7.77 0.19 -16.54
C LEU A 72 -8.13 -1.27 -16.34
N SER A 73 -7.65 -2.13 -17.23
CA SER A 73 -7.93 -3.56 -17.14
C SER A 73 -6.75 -4.30 -16.52
N LEU A 74 -6.29 -3.80 -15.38
CA LEU A 74 -5.17 -4.41 -14.67
C LEU A 74 -5.40 -4.40 -13.17
N ASN A 75 -4.61 -5.20 -12.45
CA ASN A 75 -4.74 -5.29 -11.00
C ASN A 75 -3.82 -4.28 -10.31
N GLY A 76 -4.41 -3.33 -9.59
CA GLY A 76 -3.62 -2.33 -8.89
C GLY A 76 -3.75 -2.43 -7.39
N VAL A 77 -2.67 -2.10 -6.69
CA VAL A 77 -2.67 -2.16 -5.23
C VAL A 77 -3.22 -0.87 -4.62
N ARG A 78 -4.32 -0.99 -3.88
CA ARG A 78 -4.94 0.16 -3.24
C ARG A 78 -4.44 0.33 -1.81
N PHE A 79 -3.80 1.46 -1.55
CA PHE A 79 -3.26 1.75 -0.22
C PHE A 79 -4.26 2.56 0.60
N LYS A 80 -4.17 2.43 1.93
CA LYS A 80 -5.06 3.15 2.83
C LYS A 80 -4.34 3.54 4.11
N ARG A 81 -4.13 4.83 4.30
CA ARG A 81 -3.44 5.33 5.48
C ARG A 81 -4.41 5.42 6.67
N ILE A 82 -4.21 4.56 7.66
CA ILE A 82 -5.06 4.55 8.83
C ILE A 82 -4.69 5.67 9.80
N SER A 83 -3.43 5.70 10.21
CA SER A 83 -2.94 6.73 11.13
C SER A 83 -1.59 7.27 10.68
N GLY A 84 -1.04 8.19 11.46
CA GLY A 84 0.25 8.77 11.13
C GLY A 84 0.13 9.92 10.14
N THR A 85 0.93 10.96 10.34
CA THR A 85 0.92 12.13 9.47
C THR A 85 1.33 11.75 8.05
N SER A 86 0.86 12.52 7.08
CA SER A 86 1.17 12.28 5.68
C SER A 86 2.65 11.97 5.50
N ILE A 87 3.50 12.91 5.92
CA ILE A 87 4.94 12.73 5.81
C ILE A 87 5.35 11.30 6.12
N ALA A 88 4.90 10.79 7.27
CA ALA A 88 5.22 9.43 7.67
C ALA A 88 4.73 8.42 6.64
N PHE A 89 3.46 8.54 6.25
CA PHE A 89 2.88 7.64 5.26
C PHE A 89 3.69 7.63 3.97
N LYS A 90 3.91 8.82 3.41
CA LYS A 90 4.68 8.96 2.18
C LYS A 90 6.07 8.36 2.32
N ASN A 91 6.68 8.57 3.49
CA ASN A 91 8.01 8.04 3.76
C ASN A 91 8.04 6.53 3.59
N ILE A 92 7.46 5.81 4.55
CA ILE A 92 7.41 4.36 4.50
C ILE A 92 6.91 3.87 3.15
N ALA A 93 5.79 4.43 2.71
CA ALA A 93 5.19 4.04 1.43
C ALA A 93 6.25 4.01 0.33
N SER A 94 7.00 5.10 0.21
CA SER A 94 8.05 5.19 -0.81
C SER A 94 8.90 3.93 -0.82
N LYS A 95 8.98 3.26 0.32
CA LYS A 95 9.77 2.04 0.43
C LYS A 95 9.04 0.86 -0.22
N ILE A 96 7.86 0.54 0.29
CA ILE A 96 7.07 -0.57 -0.23
C ILE A 96 6.82 -0.39 -1.73
N ALA A 97 6.09 0.66 -2.09
CA ALA A 97 5.79 0.93 -3.49
C ALA A 97 6.98 0.63 -4.38
N ASN A 98 8.17 1.02 -3.93
CA ASN A 98 9.39 0.78 -4.69
C ASN A 98 9.76 -0.70 -4.69
N GLU A 99 10.00 -1.25 -3.51
CA GLU A 99 10.35 -2.66 -3.38
C GLU A 99 9.46 -3.52 -4.25
N LEU A 100 8.16 -3.24 -4.24
CA LEU A 100 7.20 -3.99 -5.03
C LEU A 100 7.67 -4.14 -6.48
N LYS A 101 8.40 -5.22 -6.75
CA LYS A 101 8.91 -5.48 -8.09
C LYS A 101 7.82 -6.04 -8.99
N LEU A 102 6.83 -5.22 -9.30
CA LEU A 102 5.73 -5.64 -10.16
C LEU A 102 5.90 -5.09 -11.57
N GLY A 1 7.68 11.52 -12.05
CA GLY A 1 6.52 10.76 -11.61
C GLY A 1 5.48 11.63 -10.94
N SER A 2 4.85 12.51 -11.73
CA SER A 2 3.82 13.41 -11.20
C SER A 2 2.53 12.65 -10.92
N SER A 3 1.58 13.33 -10.29
CA SER A 3 0.30 12.72 -9.95
C SER A 3 -0.37 12.17 -11.20
N GLY A 4 -0.61 10.86 -11.22
CA GLY A 4 -1.24 10.21 -12.35
C GLY A 4 -2.55 10.87 -12.72
N SER A 5 -3.38 11.14 -11.72
CA SER A 5 -4.68 11.77 -11.95
C SER A 5 -5.16 12.52 -10.71
N SER A 6 -6.30 13.16 -10.82
CA SER A 6 -6.87 13.92 -9.71
C SER A 6 -8.25 13.39 -9.32
N GLY A 7 -8.34 12.06 -9.18
CA GLY A 7 -9.61 11.45 -8.82
C GLY A 7 -9.93 11.61 -7.35
N ARG A 8 -10.67 10.66 -6.80
CA ARG A 8 -11.06 10.69 -5.39
C ARG A 8 -9.84 10.95 -4.51
N PHE A 9 -9.80 12.13 -3.90
CA PHE A 9 -8.69 12.51 -3.04
C PHE A 9 -7.35 12.18 -3.69
N THR A 10 -7.32 12.21 -5.01
CA THR A 10 -6.11 11.91 -5.76
C THR A 10 -5.52 10.56 -5.35
N TRP A 11 -6.39 9.60 -5.09
CA TRP A 11 -5.95 8.27 -4.68
C TRP A 11 -5.61 7.41 -5.90
N SER A 12 -4.49 7.74 -6.54
CA SER A 12 -4.04 7.00 -7.72
C SER A 12 -2.53 6.83 -7.71
N MET A 13 -2.02 6.06 -8.67
CA MET A 13 -0.59 5.81 -8.78
C MET A 13 -0.26 5.05 -10.05
N LYS A 14 1.01 4.73 -10.23
CA LYS A 14 1.46 4.00 -11.42
C LYS A 14 2.23 2.74 -11.02
N THR A 15 1.68 2.00 -10.07
CA THR A 15 2.32 0.77 -9.60
C THR A 15 1.45 -0.45 -9.89
N THR A 16 1.78 -1.19 -10.93
CA THR A 16 1.03 -2.37 -11.32
C THR A 16 1.82 -3.64 -11.03
N SER A 17 1.26 -4.78 -11.42
CA SER A 17 1.91 -6.07 -11.21
C SER A 17 1.94 -6.88 -12.50
N SER A 18 0.83 -6.85 -13.23
CA SER A 18 0.73 -7.59 -14.49
C SER A 18 0.80 -9.09 -14.25
N MET A 19 -0.03 -9.58 -13.33
CA MET A 19 -0.05 -11.00 -13.00
C MET A 19 -1.19 -11.32 -12.03
N ASP A 20 -1.58 -12.59 -11.98
CA ASP A 20 -2.66 -13.01 -11.10
C ASP A 20 -2.50 -12.41 -9.71
N PRO A 21 -3.64 -12.10 -9.07
CA PRO A 21 -3.66 -11.51 -7.73
C PRO A 21 -3.21 -12.49 -6.65
N SER A 22 -3.38 -13.79 -6.92
CA SER A 22 -2.98 -14.83 -5.99
C SER A 22 -1.50 -14.73 -5.65
N ASP A 23 -0.69 -14.39 -6.66
CA ASP A 23 0.74 -14.25 -6.47
C ASP A 23 1.09 -12.97 -5.72
N MET A 24 0.41 -11.88 -6.08
CA MET A 24 0.64 -10.60 -5.44
C MET A 24 0.70 -10.74 -3.93
N MET A 25 -0.44 -11.14 -3.34
CA MET A 25 -0.51 -11.32 -1.89
C MET A 25 0.76 -11.98 -1.35
N ARG A 26 1.27 -12.95 -2.10
CA ARG A 26 2.48 -13.66 -1.70
C ARG A 26 3.69 -12.73 -1.73
N GLU A 27 3.95 -12.15 -2.90
CA GLU A 27 5.08 -11.24 -3.07
C GLU A 27 5.03 -10.11 -2.03
N ILE A 28 3.92 -9.38 -2.02
CA ILE A 28 3.74 -8.27 -1.09
C ILE A 28 4.27 -8.63 0.29
N ARG A 29 3.88 -9.80 0.79
CA ARG A 29 4.31 -10.26 2.10
C ARG A 29 5.83 -10.40 2.15
N LYS A 30 6.41 -10.99 1.11
CA LYS A 30 7.85 -11.18 1.03
C LYS A 30 8.58 -9.86 1.22
N VAL A 31 8.13 -8.82 0.52
CA VAL A 31 8.74 -7.51 0.61
C VAL A 31 8.66 -6.96 2.03
N LEU A 32 7.45 -6.74 2.52
CA LEU A 32 7.23 -6.22 3.86
C LEU A 32 8.18 -6.89 4.86
N GLY A 33 8.13 -8.22 4.91
CA GLY A 33 8.99 -8.95 5.81
C GLY A 33 10.41 -8.41 5.85
N ALA A 34 10.93 -8.07 4.67
CA ALA A 34 12.27 -7.52 4.57
C ALA A 34 12.40 -6.19 5.29
N ASN A 35 11.38 -5.35 5.14
CA ASN A 35 11.37 -4.03 5.78
C ASN A 35 10.77 -4.11 7.18
N ASN A 36 11.10 -5.18 7.89
CA ASN A 36 10.60 -5.38 9.25
C ASN A 36 9.18 -4.84 9.39
N CYS A 37 8.34 -5.16 8.41
CA CYS A 37 6.95 -4.71 8.41
C CYS A 37 6.03 -5.82 8.90
N ASP A 38 5.04 -5.45 9.70
CA ASP A 38 4.08 -6.41 10.23
C ASP A 38 2.82 -6.45 9.38
N TYR A 39 2.45 -7.65 8.94
CA TYR A 39 1.26 -7.83 8.11
C TYR A 39 0.28 -8.80 8.76
N GLU A 40 -1.01 -8.52 8.61
CA GLU A 40 -2.05 -9.37 9.18
C GLU A 40 -3.26 -9.45 8.26
N GLN A 41 -3.90 -10.61 8.22
CA GLN A 41 -5.07 -10.81 7.38
C GLN A 41 -6.29 -10.11 7.97
N ARG A 42 -6.62 -8.94 7.44
CA ARG A 42 -7.77 -8.18 7.91
C ARG A 42 -9.03 -8.57 7.16
N GLU A 43 -9.02 -8.36 5.85
CA GLU A 43 -10.18 -8.69 5.01
C GLU A 43 -9.81 -9.75 3.98
N ARG A 44 -10.77 -10.09 3.12
CA ARG A 44 -10.55 -11.09 2.09
C ARG A 44 -9.26 -10.81 1.32
N PHE A 45 -9.10 -9.57 0.86
CA PHE A 45 -7.92 -9.16 0.12
C PHE A 45 -7.35 -7.87 0.67
N LEU A 46 -7.37 -7.74 1.99
CA LEU A 46 -6.85 -6.54 2.65
C LEU A 46 -5.98 -6.91 3.85
N LEU A 47 -4.74 -6.44 3.86
CA LEU A 47 -3.82 -6.71 4.95
C LEU A 47 -3.51 -5.45 5.75
N PHE A 48 -2.92 -5.62 6.92
CA PHE A 48 -2.57 -4.50 7.78
C PHE A 48 -1.06 -4.34 7.87
N CYS A 49 -0.50 -3.43 7.07
CA CYS A 49 0.93 -3.19 7.07
C CYS A 49 1.33 -2.26 8.21
N VAL A 50 2.45 -2.58 8.86
CA VAL A 50 2.93 -1.78 9.98
C VAL A 50 4.44 -1.57 9.89
N HIS A 51 4.86 -0.31 9.99
CA HIS A 51 6.28 0.03 9.91
C HIS A 51 6.60 1.22 10.82
N GLY A 52 7.86 1.33 11.21
CA GLY A 52 8.28 2.43 12.07
C GLY A 52 9.60 3.02 11.65
N ASP A 53 9.56 4.01 10.77
CA ASP A 53 10.76 4.67 10.28
C ASP A 53 11.07 5.92 11.11
N GLY A 54 11.14 5.75 12.43
CA GLY A 54 11.42 6.87 13.30
C GLY A 54 11.20 6.53 14.77
N HIS A 55 10.21 7.19 15.38
CA HIS A 55 9.90 6.95 16.79
C HIS A 55 8.61 6.18 16.93
N ALA A 56 8.43 5.53 18.08
CA ALA A 56 7.21 4.75 18.34
C ALA A 56 5.98 5.64 18.29
N GLU A 57 6.17 6.94 18.53
CA GLU A 57 5.06 7.88 18.51
C GLU A 57 4.70 8.27 17.08
N ASN A 58 5.63 8.04 16.16
CA ASN A 58 5.42 8.35 14.76
C ASN A 58 5.35 7.10 13.90
N LEU A 59 4.68 6.07 14.42
CA LEU A 59 4.54 4.80 13.71
C LEU A 59 3.55 4.93 12.55
N VAL A 60 3.74 4.11 11.53
CA VAL A 60 2.85 4.12 10.36
C VAL A 60 2.01 2.85 10.31
N GLN A 61 0.73 3.03 10.00
CA GLN A 61 -0.19 1.89 9.90
C GLN A 61 -1.14 2.05 8.72
N TRP A 62 -0.94 1.24 7.69
CA TRP A 62 -1.79 1.29 6.50
C TRP A 62 -2.11 -0.11 6.00
N GLU A 63 -3.13 -0.21 5.15
CA GLU A 63 -3.55 -1.49 4.59
C GLU A 63 -3.20 -1.58 3.12
N MET A 64 -3.29 -2.79 2.57
CA MET A 64 -2.98 -3.02 1.16
C MET A 64 -3.92 -4.06 0.56
N GLU A 65 -4.53 -3.71 -0.57
CA GLU A 65 -5.46 -4.62 -1.25
C GLU A 65 -5.12 -4.74 -2.73
N VAL A 66 -5.47 -5.87 -3.32
CA VAL A 66 -5.21 -6.10 -4.74
C VAL A 66 -6.51 -6.26 -5.52
N CYS A 67 -6.67 -5.45 -6.56
CA CYS A 67 -7.88 -5.50 -7.39
C CYS A 67 -7.56 -5.12 -8.83
N LYS A 68 -8.41 -5.55 -9.75
CA LYS A 68 -8.23 -5.26 -11.16
C LYS A 68 -8.67 -3.84 -11.49
N LEU A 69 -7.89 -3.16 -12.35
CA LEU A 69 -8.21 -1.79 -12.74
C LEU A 69 -9.23 -1.78 -13.86
N PRO A 70 -10.24 -0.90 -13.74
CA PRO A 70 -11.31 -0.76 -14.73
C PRO A 70 -10.80 -0.14 -16.02
N ARG A 71 -9.58 0.39 -15.99
CA ARG A 71 -8.98 1.02 -17.17
C ARG A 71 -7.77 0.24 -17.65
N LEU A 72 -7.03 -0.34 -16.71
CA LEU A 72 -5.83 -1.12 -17.03
C LEU A 72 -6.14 -2.62 -16.97
N SER A 73 -5.39 -3.39 -17.75
CA SER A 73 -5.58 -4.84 -17.78
C SER A 73 -4.67 -5.53 -16.76
N LEU A 74 -4.50 -4.89 -15.61
CA LEU A 74 -3.65 -5.43 -14.55
C LEU A 74 -4.27 -5.19 -13.18
N ASN A 75 -3.62 -5.70 -12.13
CA ASN A 75 -4.11 -5.54 -10.78
C ASN A 75 -3.33 -4.45 -10.04
N GLY A 76 -4.07 -3.50 -9.46
CA GLY A 76 -3.43 -2.41 -8.74
C GLY A 76 -3.49 -2.61 -7.24
N VAL A 77 -2.73 -1.79 -6.50
CA VAL A 77 -2.69 -1.88 -5.05
C VAL A 77 -3.32 -0.64 -4.41
N ARG A 78 -3.99 -0.84 -3.28
CA ARG A 78 -4.62 0.26 -2.57
C ARG A 78 -3.84 0.62 -1.30
N PHE A 79 -3.64 1.92 -1.10
CA PHE A 79 -2.90 2.40 0.06
C PHE A 79 -3.78 3.31 0.92
N LYS A 80 -4.36 2.74 1.98
CA LYS A 80 -5.21 3.49 2.88
C LYS A 80 -4.49 3.81 4.19
N ARG A 81 -4.52 5.08 4.59
CA ARG A 81 -3.87 5.51 5.82
C ARG A 81 -4.79 5.33 7.01
N ILE A 82 -4.22 4.89 8.13
CA ILE A 82 -4.99 4.68 9.35
C ILE A 82 -4.57 5.65 10.44
N SER A 83 -3.31 5.56 10.85
CA SER A 83 -2.78 6.43 11.89
C SER A 83 -1.49 7.12 11.43
N GLY A 84 -0.98 8.02 12.26
CA GLY A 84 0.25 8.73 11.92
C GLY A 84 -0.02 9.94 11.04
N THR A 85 1.03 10.74 10.83
CA THR A 85 0.90 11.94 10.00
C THR A 85 1.16 11.62 8.54
N SER A 86 0.91 12.61 7.67
CA SER A 86 1.11 12.44 6.24
C SER A 86 2.57 12.15 5.92
N ILE A 87 3.46 13.05 6.34
CA ILE A 87 4.88 12.88 6.10
C ILE A 87 5.30 11.43 6.25
N ALA A 88 4.87 10.79 7.35
CA ALA A 88 5.20 9.40 7.60
C ALA A 88 4.60 8.49 6.54
N PHE A 89 3.27 8.47 6.47
CA PHE A 89 2.57 7.64 5.50
C PHE A 89 3.19 7.79 4.11
N LYS A 90 3.66 8.99 3.80
CA LYS A 90 4.26 9.26 2.51
C LYS A 90 5.69 8.70 2.46
N ASN A 91 6.46 8.96 3.50
CA ASN A 91 7.84 8.48 3.57
C ASN A 91 7.91 6.97 3.30
N ILE A 92 7.39 6.19 4.25
CA ILE A 92 7.39 4.74 4.10
C ILE A 92 6.70 4.31 2.81
N ALA A 93 5.52 4.85 2.56
CA ALA A 93 4.77 4.53 1.36
C ALA A 93 5.71 4.30 0.18
N SER A 94 6.65 5.21 -0.02
CA SER A 94 7.60 5.11 -1.12
C SER A 94 8.38 3.80 -1.04
N LYS A 95 8.95 3.53 0.14
CA LYS A 95 9.72 2.32 0.35
C LYS A 95 9.00 1.10 -0.22
N ILE A 96 7.70 1.01 0.04
CA ILE A 96 6.89 -0.10 -0.45
C ILE A 96 6.73 -0.03 -1.97
N ALA A 97 6.26 1.11 -2.46
CA ALA A 97 6.06 1.31 -3.88
C ALA A 97 7.29 0.87 -4.68
N ASN A 98 8.47 1.13 -4.11
CA ASN A 98 9.73 0.77 -4.76
C ASN A 98 10.09 -0.67 -4.46
N GLU A 99 10.49 -0.93 -3.22
CA GLU A 99 10.88 -2.27 -2.80
C GLU A 99 10.00 -3.32 -3.48
N LEU A 100 8.70 -3.09 -3.49
CA LEU A 100 7.76 -4.01 -4.11
C LEU A 100 8.34 -4.61 -5.38
N LYS A 101 8.64 -5.91 -5.35
CA LYS A 101 9.20 -6.60 -6.50
C LYS A 101 8.09 -7.08 -7.44
N LEU A 102 7.25 -6.15 -7.86
CA LEU A 102 6.14 -6.46 -8.77
C LEU A 102 6.32 -5.76 -10.10
N GLY A 1 -18.46 25.32 -11.41
CA GLY A 1 -18.68 25.80 -10.06
C GLY A 1 -18.67 24.67 -9.04
N SER A 2 -17.50 24.10 -8.79
CA SER A 2 -17.37 23.00 -7.84
C SER A 2 -16.01 23.05 -7.14
N SER A 3 -15.99 22.65 -5.88
CA SER A 3 -14.76 22.64 -5.10
C SER A 3 -14.94 21.87 -3.80
N GLY A 4 -14.13 20.83 -3.60
CA GLY A 4 -14.22 20.03 -2.40
C GLY A 4 -14.73 18.63 -2.67
N SER A 5 -13.96 17.63 -2.27
CA SER A 5 -14.34 16.23 -2.48
C SER A 5 -14.03 15.40 -1.24
N SER A 6 -15.04 14.71 -0.73
CA SER A 6 -14.88 13.87 0.46
C SER A 6 -14.40 12.48 0.08
N GLY A 7 -13.93 11.73 1.07
CA GLY A 7 -13.44 10.39 0.81
C GLY A 7 -11.94 10.30 0.82
N ARG A 8 -11.38 9.57 1.78
CA ARG A 8 -9.94 9.41 1.89
C ARG A 8 -9.43 8.36 0.90
N PHE A 9 -9.97 7.14 1.00
CA PHE A 9 -9.57 6.06 0.12
C PHE A 9 -9.80 6.43 -1.34
N THR A 10 -8.99 5.85 -2.22
CA THR A 10 -9.10 6.12 -3.65
C THR A 10 -8.41 5.03 -4.47
N TRP A 11 -8.98 4.74 -5.64
CA TRP A 11 -8.42 3.71 -6.52
C TRP A 11 -7.65 4.34 -7.67
N SER A 12 -7.16 3.50 -8.57
CA SER A 12 -6.40 3.97 -9.72
C SER A 12 -4.99 4.40 -9.31
N MET A 13 -4.29 3.49 -8.64
CA MET A 13 -2.93 3.76 -8.18
C MET A 13 -1.97 3.81 -9.36
N LYS A 14 -0.92 4.60 -9.22
CA LYS A 14 0.09 4.73 -10.27
C LYS A 14 0.75 3.40 -10.57
N THR A 15 1.38 2.81 -9.55
CA THR A 15 2.05 1.53 -9.70
C THR A 15 1.10 0.48 -10.27
N THR A 16 1.67 -0.53 -10.93
CA THR A 16 0.88 -1.60 -11.53
C THR A 16 1.63 -2.92 -11.50
N SER A 17 0.90 -4.02 -11.56
CA SER A 17 1.50 -5.35 -11.54
C SER A 17 0.90 -6.24 -12.64
N SER A 18 1.73 -6.60 -13.61
CA SER A 18 1.28 -7.44 -14.71
C SER A 18 1.28 -8.90 -14.31
N MET A 19 0.75 -9.19 -13.12
CA MET A 19 0.68 -10.56 -12.63
C MET A 19 -0.57 -10.76 -11.79
N ASP A 20 -1.13 -11.97 -11.85
CA ASP A 20 -2.33 -12.30 -11.10
C ASP A 20 -2.28 -11.72 -9.70
N PRO A 21 -3.44 -11.36 -9.15
CA PRO A 21 -3.55 -10.79 -7.80
C PRO A 21 -3.25 -11.81 -6.71
N SER A 22 -3.37 -13.09 -7.06
CA SER A 22 -3.12 -14.17 -6.11
C SER A 22 -1.63 -14.27 -5.80
N ASP A 23 -0.80 -13.81 -6.72
CA ASP A 23 0.64 -13.85 -6.54
C ASP A 23 1.14 -12.62 -5.80
N MET A 24 0.53 -11.47 -6.10
CA MET A 24 0.90 -10.22 -5.45
C MET A 24 0.84 -10.34 -3.94
N MET A 25 -0.14 -11.09 -3.44
CA MET A 25 -0.30 -11.28 -2.01
C MET A 25 0.97 -11.89 -1.40
N ARG A 26 1.52 -12.89 -2.06
CA ARG A 26 2.73 -13.56 -1.59
C ARG A 26 3.90 -12.57 -1.53
N GLU A 27 4.21 -11.97 -2.67
CA GLU A 27 5.31 -11.01 -2.76
C GLU A 27 5.13 -9.90 -1.73
N ILE A 28 3.92 -9.38 -1.64
CA ILE A 28 3.61 -8.30 -0.70
C ILE A 28 4.11 -8.64 0.70
N ARG A 29 3.84 -9.87 1.14
CA ARG A 29 4.25 -10.32 2.45
C ARG A 29 5.76 -10.54 2.51
N LYS A 30 6.33 -10.95 1.38
CA LYS A 30 7.76 -11.20 1.29
C LYS A 30 8.55 -9.90 1.46
N VAL A 31 8.13 -8.86 0.73
CA VAL A 31 8.79 -7.57 0.80
C VAL A 31 8.66 -6.95 2.18
N LEU A 32 7.41 -6.76 2.61
CA LEU A 32 7.14 -6.17 3.93
C LEU A 32 8.07 -6.78 4.99
N GLY A 33 8.05 -8.10 5.09
CA GLY A 33 8.87 -8.78 6.07
C GLY A 33 10.32 -8.29 6.05
N ALA A 34 10.81 -7.95 4.87
CA ALA A 34 12.17 -7.46 4.71
C ALA A 34 12.33 -6.09 5.36
N ASN A 35 11.36 -5.22 5.15
CA ASN A 35 11.39 -3.88 5.71
C ASN A 35 10.86 -3.86 7.13
N ASN A 36 11.16 -4.92 7.88
CA ASN A 36 10.72 -5.03 9.27
C ASN A 36 9.29 -4.51 9.43
N CYS A 37 8.41 -4.92 8.51
CA CYS A 37 7.02 -4.48 8.55
C CYS A 37 6.10 -5.63 8.95
N ASP A 38 5.06 -5.31 9.71
CA ASP A 38 4.11 -6.32 10.16
C ASP A 38 2.81 -6.24 9.37
N TYR A 39 2.31 -7.39 8.94
CA TYR A 39 1.08 -7.44 8.16
C TYR A 39 0.08 -8.41 8.79
N GLU A 40 -1.18 -8.00 8.86
CA GLU A 40 -2.23 -8.82 9.43
C GLU A 40 -3.28 -9.18 8.39
N GLN A 41 -3.71 -10.44 8.41
CA GLN A 41 -4.72 -10.91 7.46
C GLN A 41 -6.08 -10.31 7.77
N ARG A 42 -6.53 -9.38 6.92
CA ARG A 42 -7.82 -8.73 7.11
C ARG A 42 -8.88 -9.38 6.23
N GLU A 43 -8.82 -9.08 4.94
CA GLU A 43 -9.79 -9.63 3.99
C GLU A 43 -9.11 -10.63 3.05
N ARG A 44 -9.92 -11.26 2.19
CA ARG A 44 -9.40 -12.24 1.25
C ARG A 44 -8.14 -11.73 0.55
N PHE A 45 -8.20 -10.47 0.12
CA PHE A 45 -7.07 -9.86 -0.58
C PHE A 45 -6.71 -8.52 0.07
N LEU A 46 -6.81 -8.46 1.39
CA LEU A 46 -6.49 -7.24 2.13
C LEU A 46 -5.67 -7.55 3.37
N LEU A 47 -4.68 -6.70 3.65
CA LEU A 47 -3.82 -6.89 4.81
C LEU A 47 -3.55 -5.56 5.50
N PHE A 48 -3.17 -5.63 6.78
CA PHE A 48 -2.87 -4.43 7.55
C PHE A 48 -1.38 -4.31 7.82
N CYS A 49 -0.71 -3.49 7.01
CA CYS A 49 0.73 -3.28 7.16
C CYS A 49 1.03 -2.36 8.33
N VAL A 50 2.16 -2.59 8.98
CA VAL A 50 2.57 -1.78 10.12
C VAL A 50 4.08 -1.57 10.14
N HIS A 51 4.49 -0.31 10.22
CA HIS A 51 5.91 0.02 10.25
C HIS A 51 6.18 1.17 11.23
N GLY A 52 7.43 1.30 11.64
CA GLY A 52 7.81 2.35 12.58
C GLY A 52 8.89 3.24 12.04
N ASP A 53 9.98 2.64 11.55
CA ASP A 53 11.10 3.39 11.01
C ASP A 53 11.29 4.69 11.76
N GLY A 54 11.32 4.60 13.09
CA GLY A 54 11.51 5.79 13.92
C GLY A 54 11.14 5.55 15.36
N HIS A 55 10.51 6.54 15.99
CA HIS A 55 10.11 6.44 17.38
C HIS A 55 8.83 5.63 17.52
N ALA A 56 8.47 5.29 18.76
CA ALA A 56 7.26 4.51 19.03
C ALA A 56 6.01 5.35 18.82
N GLU A 57 6.07 6.61 19.24
CA GLU A 57 4.93 7.52 19.09
C GLU A 57 4.83 8.05 17.66
N ASN A 58 5.71 7.55 16.79
CA ASN A 58 5.73 7.98 15.40
C ASN A 58 5.51 6.79 14.46
N LEU A 59 4.92 5.73 15.00
CA LEU A 59 4.66 4.53 14.21
C LEU A 59 3.62 4.80 13.13
N VAL A 60 3.79 4.14 11.98
CA VAL A 60 2.87 4.31 10.86
C VAL A 60 2.14 3.01 10.55
N GLN A 61 0.84 3.12 10.30
CA GLN A 61 0.02 1.94 9.98
C GLN A 61 -0.87 2.22 8.78
N TRP A 62 -0.92 1.27 7.86
CA TRP A 62 -1.75 1.40 6.67
C TRP A 62 -2.12 0.03 6.11
N GLU A 63 -3.30 -0.06 5.51
CA GLU A 63 -3.77 -1.31 4.92
C GLU A 63 -3.48 -1.36 3.43
N MET A 64 -3.66 -2.54 2.83
CA MET A 64 -3.42 -2.71 1.41
C MET A 64 -4.36 -3.76 0.81
N GLU A 65 -4.95 -3.44 -0.33
CA GLU A 65 -5.88 -4.35 -0.99
C GLU A 65 -5.49 -4.56 -2.45
N VAL A 66 -5.64 -5.79 -2.94
CA VAL A 66 -5.30 -6.12 -4.31
C VAL A 66 -6.56 -6.34 -5.15
N CYS A 67 -6.96 -5.31 -5.88
CA CYS A 67 -8.15 -5.39 -6.72
C CYS A 67 -7.79 -5.18 -8.19
N LYS A 68 -8.68 -5.63 -9.07
CA LYS A 68 -8.45 -5.48 -10.51
C LYS A 68 -9.09 -4.20 -11.03
N LEU A 69 -8.38 -3.52 -11.93
CA LEU A 69 -8.87 -2.28 -12.51
C LEU A 69 -9.75 -2.56 -13.72
N PRO A 70 -10.87 -1.81 -13.83
CA PRO A 70 -11.81 -1.96 -14.94
C PRO A 70 -11.23 -1.47 -16.26
N ARG A 71 -10.56 -0.33 -16.22
CA ARG A 71 -9.97 0.26 -17.42
C ARG A 71 -8.62 -0.41 -17.73
N LEU A 72 -7.67 -0.23 -16.82
CA LEU A 72 -6.34 -0.80 -17.00
C LEU A 72 -6.42 -2.31 -17.19
N SER A 73 -7.42 -2.93 -16.58
CA SER A 73 -7.62 -4.37 -16.68
C SER A 73 -6.43 -5.11 -16.09
N LEU A 74 -5.88 -4.58 -15.01
CA LEU A 74 -4.73 -5.19 -14.35
C LEU A 74 -4.90 -5.17 -12.83
N ASN A 75 -3.94 -5.76 -12.13
CA ASN A 75 -3.98 -5.81 -10.67
C ASN A 75 -3.12 -4.71 -10.05
N GLY A 76 -3.72 -3.93 -9.17
CA GLY A 76 -3.00 -2.85 -8.52
C GLY A 76 -2.90 -3.03 -7.02
N VAL A 77 -2.68 -1.92 -6.31
CA VAL A 77 -2.57 -1.97 -4.85
C VAL A 77 -3.19 -0.73 -4.21
N ARG A 78 -4.03 -0.95 -3.21
CA ARG A 78 -4.70 0.14 -2.52
C ARG A 78 -3.86 0.63 -1.34
N PHE A 79 -3.89 1.95 -1.10
CA PHE A 79 -3.13 2.54 0.00
C PHE A 79 -4.00 3.50 0.80
N LYS A 80 -4.54 3.02 1.91
CA LYS A 80 -5.39 3.84 2.76
C LYS A 80 -4.63 4.31 3.99
N ARG A 81 -4.85 5.57 4.36
CA ARG A 81 -4.18 6.14 5.53
C ARG A 81 -4.94 5.83 6.80
N ILE A 82 -4.25 5.19 7.76
CA ILE A 82 -4.87 4.84 9.03
C ILE A 82 -4.26 5.63 10.17
N SER A 83 -2.97 5.41 10.42
CA SER A 83 -2.27 6.11 11.50
C SER A 83 -1.00 6.78 10.97
N GLY A 84 -0.49 7.75 11.74
CA GLY A 84 0.70 8.46 11.32
C GLY A 84 0.41 9.60 10.37
N THR A 85 1.10 10.71 10.56
CA THR A 85 0.91 11.88 9.71
C THR A 85 1.17 11.55 8.25
N SER A 86 0.82 12.46 7.36
CA SER A 86 1.01 12.27 5.92
C SER A 86 2.49 12.18 5.58
N ILE A 87 3.29 12.98 6.27
CA ILE A 87 4.74 13.00 6.04
C ILE A 87 5.32 11.58 6.12
N ALA A 88 5.21 10.98 7.30
CA ALA A 88 5.73 9.63 7.51
C ALA A 88 5.03 8.63 6.60
N PHE A 89 3.71 8.74 6.51
CA PHE A 89 2.93 7.83 5.67
C PHE A 89 3.55 7.70 4.28
N LYS A 90 3.92 8.83 3.70
CA LYS A 90 4.53 8.84 2.38
C LYS A 90 5.93 8.23 2.41
N ASN A 91 6.68 8.57 3.45
CA ASN A 91 8.04 8.05 3.61
C ASN A 91 8.06 6.52 3.46
N ILE A 92 7.31 5.85 4.33
CA ILE A 92 7.24 4.39 4.30
C ILE A 92 6.54 3.90 3.03
N ALA A 93 5.91 4.83 2.32
CA ALA A 93 5.20 4.49 1.08
C ALA A 93 6.17 4.35 -0.09
N SER A 94 7.17 5.21 -0.13
CA SER A 94 8.17 5.18 -1.20
C SER A 94 9.04 3.94 -1.09
N LYS A 95 8.93 3.24 0.03
CA LYS A 95 9.71 2.03 0.26
C LYS A 95 8.95 0.79 -0.23
N ILE A 96 7.63 0.90 -0.30
CA ILE A 96 6.79 -0.19 -0.75
C ILE A 96 6.52 -0.10 -2.24
N ALA A 97 5.96 1.02 -2.67
CA ALA A 97 5.65 1.24 -4.07
C ALA A 97 6.87 0.95 -4.96
N ASN A 98 8.06 1.08 -4.38
CA ASN A 98 9.29 0.84 -5.10
C ASN A 98 9.73 -0.61 -4.95
N GLU A 99 10.12 -0.99 -3.73
CA GLU A 99 10.57 -2.35 -3.46
C GLU A 99 9.79 -3.35 -4.29
N LEU A 100 8.47 -3.27 -4.24
CA LEU A 100 7.61 -4.18 -5.00
C LEU A 100 8.22 -4.50 -6.36
N LYS A 101 8.64 -5.75 -6.54
CA LYS A 101 9.24 -6.17 -7.79
C LYS A 101 8.16 -6.57 -8.80
N LEU A 102 7.10 -5.76 -8.88
CA LEU A 102 6.01 -6.03 -9.80
C LEU A 102 6.07 -5.09 -11.00
N GLY A 1 5.15 2.51 -19.48
CA GLY A 1 4.76 3.80 -20.00
C GLY A 1 3.35 4.18 -19.59
N SER A 2 2.89 5.32 -20.09
CA SER A 2 1.54 5.80 -19.77
C SER A 2 0.50 5.15 -20.66
N SER A 3 -0.70 4.94 -20.12
CA SER A 3 -1.78 4.31 -20.87
C SER A 3 -2.81 5.35 -21.31
N GLY A 4 -3.38 6.06 -20.34
CA GLY A 4 -4.37 7.07 -20.64
C GLY A 4 -4.56 8.05 -19.50
N SER A 5 -5.81 8.35 -19.17
CA SER A 5 -6.11 9.28 -18.10
C SER A 5 -7.15 8.69 -17.14
N SER A 6 -7.10 9.14 -15.89
CA SER A 6 -8.03 8.65 -14.88
C SER A 6 -9.17 9.65 -14.65
N GLY A 7 -10.35 9.30 -15.13
CA GLY A 7 -11.50 10.18 -14.97
C GLY A 7 -11.72 10.59 -13.54
N ARG A 8 -12.24 9.67 -12.73
CA ARG A 8 -12.51 9.94 -11.32
C ARG A 8 -11.21 10.14 -10.55
N PHE A 9 -11.32 10.40 -9.26
CA PHE A 9 -10.16 10.62 -8.41
C PHE A 9 -10.27 9.82 -7.11
N THR A 10 -10.68 8.57 -7.23
CA THR A 10 -10.84 7.70 -6.06
C THR A 10 -10.28 6.32 -6.34
N TRP A 11 -9.39 5.86 -5.46
CA TRP A 11 -8.78 4.54 -5.60
C TRP A 11 -8.14 4.38 -6.98
N SER A 12 -7.27 5.33 -7.33
CA SER A 12 -6.59 5.31 -8.61
C SER A 12 -5.09 5.51 -8.44
N MET A 13 -4.31 4.53 -8.89
CA MET A 13 -2.85 4.61 -8.79
C MET A 13 -2.19 4.10 -10.07
N LYS A 14 -0.94 4.49 -10.27
CA LYS A 14 -0.19 4.07 -11.45
C LYS A 14 0.45 2.70 -11.24
N THR A 15 1.16 2.55 -10.12
CA THR A 15 1.81 1.29 -9.80
C THR A 15 0.88 0.11 -10.04
N THR A 16 1.29 -0.80 -10.91
CA THR A 16 0.50 -1.99 -11.22
C THR A 16 1.39 -3.18 -11.54
N SER A 17 0.94 -4.37 -11.16
CA SER A 17 1.69 -5.59 -11.40
C SER A 17 1.20 -6.30 -12.65
N SER A 18 2.14 -6.74 -13.48
CA SER A 18 1.80 -7.42 -14.72
C SER A 18 1.63 -8.93 -14.48
N MET A 19 1.15 -9.28 -13.29
CA MET A 19 0.94 -10.68 -12.94
C MET A 19 -0.45 -10.89 -12.35
N ASP A 20 -0.73 -12.12 -11.95
CA ASP A 20 -2.03 -12.45 -11.37
C ASP A 20 -2.14 -11.91 -9.94
N PRO A 21 -3.38 -11.67 -9.49
CA PRO A 21 -3.65 -11.16 -8.15
C PRO A 21 -3.34 -12.18 -7.06
N SER A 22 -3.29 -13.45 -7.44
CA SER A 22 -3.00 -14.51 -6.49
C SER A 22 -1.57 -14.43 -5.98
N ASP A 23 -0.63 -14.17 -6.89
CA ASP A 23 0.77 -14.06 -6.54
C ASP A 23 1.02 -12.81 -5.70
N MET A 24 0.35 -11.72 -6.05
CA MET A 24 0.51 -10.46 -5.33
C MET A 24 0.37 -10.68 -3.82
N MET A 25 -0.57 -11.53 -3.43
CA MET A 25 -0.80 -11.84 -2.03
C MET A 25 0.48 -12.34 -1.37
N ARG A 26 1.34 -12.97 -2.15
CA ARG A 26 2.60 -13.51 -1.64
C ARG A 26 3.69 -12.43 -1.65
N GLU A 27 3.90 -11.84 -2.82
CA GLU A 27 4.91 -10.80 -2.97
C GLU A 27 4.69 -9.66 -1.97
N ILE A 28 3.43 -9.23 -1.85
CA ILE A 28 3.07 -8.16 -0.94
C ILE A 28 3.71 -8.37 0.43
N ARG A 29 3.56 -9.58 0.96
CA ARG A 29 4.12 -9.91 2.27
C ARG A 29 5.64 -10.08 2.19
N LYS A 30 6.08 -10.90 1.24
CA LYS A 30 7.51 -11.15 1.06
C LYS A 30 8.31 -9.86 1.26
N VAL A 31 7.83 -8.77 0.68
CA VAL A 31 8.49 -7.48 0.79
C VAL A 31 8.43 -6.95 2.22
N LEU A 32 7.23 -6.72 2.71
CA LEU A 32 7.03 -6.21 4.07
C LEU A 32 8.02 -6.86 5.03
N GLY A 33 7.88 -8.16 5.24
CA GLY A 33 8.78 -8.87 6.14
C GLY A 33 10.20 -8.37 6.04
N ALA A 34 10.66 -8.14 4.82
CA ALA A 34 12.03 -7.66 4.60
C ALA A 34 12.27 -6.36 5.34
N ASN A 35 11.33 -5.43 5.24
CA ASN A 35 11.46 -4.13 5.90
C ASN A 35 10.97 -4.21 7.34
N ASN A 36 11.17 -5.38 7.96
CA ASN A 36 10.76 -5.59 9.35
C ASN A 36 9.37 -5.00 9.59
N CYS A 37 8.49 -5.13 8.59
CA CYS A 37 7.13 -4.62 8.70
C CYS A 37 6.18 -5.71 9.18
N ASP A 38 5.13 -5.30 9.88
CA ASP A 38 4.14 -6.25 10.39
C ASP A 38 2.92 -6.30 9.49
N TYR A 39 2.57 -7.49 9.04
CA TYR A 39 1.41 -7.68 8.17
C TYR A 39 0.43 -8.68 8.77
N GLU A 40 -0.87 -8.44 8.54
CA GLU A 40 -1.90 -9.33 9.05
C GLU A 40 -3.01 -9.53 8.02
N GLN A 41 -3.27 -10.78 7.67
CA GLN A 41 -4.30 -11.10 6.70
C GLN A 41 -5.69 -10.83 7.26
N ARG A 42 -6.23 -9.66 6.93
CA ARG A 42 -7.56 -9.27 7.40
C ARG A 42 -8.64 -9.83 6.49
N GLU A 43 -8.79 -9.22 5.32
CA GLU A 43 -9.80 -9.66 4.36
C GLU A 43 -9.22 -10.71 3.40
N ARG A 44 -10.09 -11.28 2.57
CA ARG A 44 -9.67 -12.29 1.61
C ARG A 44 -8.46 -11.82 0.81
N PHE A 45 -8.45 -10.54 0.44
CA PHE A 45 -7.36 -9.97 -0.33
C PHE A 45 -6.93 -8.62 0.27
N LEU A 46 -6.89 -8.54 1.59
CA LEU A 46 -6.50 -7.32 2.27
C LEU A 46 -5.58 -7.61 3.45
N LEU A 47 -4.56 -6.79 3.62
CA LEU A 47 -3.61 -6.96 4.72
C LEU A 47 -3.43 -5.66 5.50
N PHE A 48 -2.79 -5.75 6.66
CA PHE A 48 -2.56 -4.59 7.50
C PHE A 48 -1.06 -4.39 7.74
N CYS A 49 -0.49 -3.43 7.03
CA CYS A 49 0.94 -3.13 7.17
C CYS A 49 1.19 -2.24 8.39
N VAL A 50 2.38 -2.37 8.97
CA VAL A 50 2.75 -1.58 10.13
C VAL A 50 4.26 -1.41 10.23
N HIS A 51 4.70 -0.16 10.34
CA HIS A 51 6.13 0.12 10.45
C HIS A 51 6.37 1.41 11.23
N GLY A 52 7.50 1.48 11.92
CA GLY A 52 7.81 2.65 12.72
C GLY A 52 9.02 3.40 12.17
N ASP A 53 10.07 2.67 11.84
CA ASP A 53 11.29 3.28 11.30
C ASP A 53 11.69 4.49 12.12
N GLY A 54 11.68 4.35 13.44
CA GLY A 54 12.04 5.45 14.31
C GLY A 54 11.44 5.32 15.69
N HIS A 55 10.67 6.32 16.10
CA HIS A 55 10.03 6.31 17.41
C HIS A 55 8.66 5.67 17.34
N ALA A 56 8.05 5.43 18.51
CA ALA A 56 6.74 4.81 18.58
C ALA A 56 5.64 5.83 18.30
N GLU A 57 5.77 7.00 18.92
CA GLU A 57 4.78 8.07 18.74
C GLU A 57 4.63 8.43 17.27
N ASN A 58 5.57 7.97 16.45
CA ASN A 58 5.55 8.24 15.02
C ASN A 58 5.34 6.96 14.22
N LEU A 59 4.57 6.04 14.79
CA LEU A 59 4.30 4.76 14.12
C LEU A 59 3.34 4.95 12.95
N VAL A 60 3.78 4.52 11.77
CA VAL A 60 2.97 4.63 10.56
C VAL A 60 2.13 3.37 10.34
N GLN A 61 0.91 3.56 9.86
CA GLN A 61 0.01 2.45 9.61
C GLN A 61 -0.67 2.59 8.26
N TRP A 62 -0.89 1.47 7.58
CA TRP A 62 -1.53 1.47 6.27
C TRP A 62 -1.91 0.06 5.84
N GLU A 63 -3.02 -0.06 5.13
CA GLU A 63 -3.49 -1.36 4.66
C GLU A 63 -3.00 -1.64 3.24
N MET A 64 -3.30 -2.82 2.73
CA MET A 64 -2.89 -3.21 1.39
C MET A 64 -3.79 -4.32 0.84
N GLU A 65 -4.46 -4.04 -0.28
CA GLU A 65 -5.34 -5.01 -0.90
C GLU A 65 -5.16 -5.01 -2.42
N VAL A 66 -5.39 -6.17 -3.04
CA VAL A 66 -5.27 -6.30 -4.48
C VAL A 66 -6.62 -6.18 -5.16
N CYS A 67 -6.71 -5.26 -6.11
CA CYS A 67 -7.95 -5.04 -6.85
C CYS A 67 -7.73 -5.16 -8.35
N LYS A 68 -8.76 -5.56 -9.07
CA LYS A 68 -8.68 -5.72 -10.52
C LYS A 68 -9.20 -4.48 -11.24
N LEU A 69 -8.31 -3.52 -11.48
CA LEU A 69 -8.69 -2.29 -12.16
C LEU A 69 -9.67 -2.56 -13.31
N PRO A 70 -10.72 -1.75 -13.39
CA PRO A 70 -11.74 -1.88 -14.43
C PRO A 70 -11.22 -1.51 -15.81
N ARG A 71 -10.61 -0.34 -15.92
CA ARG A 71 -10.06 0.13 -17.19
C ARG A 71 -8.74 -0.57 -17.50
N LEU A 72 -7.78 -0.44 -16.60
CA LEU A 72 -6.46 -1.05 -16.78
C LEU A 72 -6.56 -2.57 -16.66
N SER A 73 -5.71 -3.27 -17.41
CA SER A 73 -5.70 -4.73 -17.40
C SER A 73 -4.62 -5.26 -16.45
N LEU A 74 -4.62 -4.74 -15.23
CA LEU A 74 -3.64 -5.15 -14.24
C LEU A 74 -4.25 -5.15 -12.83
N ASN A 75 -3.44 -5.51 -11.84
CA ASN A 75 -3.90 -5.55 -10.46
C ASN A 75 -3.18 -4.51 -9.61
N GLY A 76 -3.84 -3.38 -9.37
CA GLY A 76 -3.24 -2.32 -8.57
C GLY A 76 -3.21 -2.66 -7.09
N VAL A 77 -2.70 -1.73 -6.29
CA VAL A 77 -2.62 -1.93 -4.85
C VAL A 77 -3.32 -0.81 -4.10
N ARG A 78 -4.17 -1.17 -3.14
CA ARG A 78 -4.90 -0.19 -2.34
C ARG A 78 -4.07 0.25 -1.14
N PHE A 79 -4.07 1.55 -0.88
CA PHE A 79 -3.33 2.10 0.24
C PHE A 79 -4.21 3.02 1.09
N LYS A 80 -4.56 2.55 2.28
CA LYS A 80 -5.40 3.31 3.19
C LYS A 80 -4.56 4.00 4.27
N ARG A 81 -4.38 5.31 4.14
CA ARG A 81 -3.60 6.07 5.10
C ARG A 81 -4.24 6.03 6.48
N ILE A 82 -3.75 5.14 7.33
CA ILE A 82 -4.29 5.01 8.69
C ILE A 82 -3.88 6.18 9.56
N SER A 83 -2.58 6.44 9.62
CA SER A 83 -2.05 7.54 10.42
C SER A 83 -2.81 8.83 10.14
N GLY A 84 -2.40 9.91 10.81
CA GLY A 84 -3.06 11.19 10.61
C GLY A 84 -2.16 12.20 9.92
N THR A 85 -0.87 11.86 9.80
CA THR A 85 0.09 12.75 9.16
C THR A 85 0.47 12.23 7.79
N SER A 86 1.17 13.07 7.02
CA SER A 86 1.59 12.70 5.68
C SER A 86 3.08 12.31 5.67
N ILE A 87 3.93 13.24 6.09
CA ILE A 87 5.36 13.00 6.14
C ILE A 87 5.66 11.57 6.60
N ALA A 88 4.98 11.14 7.65
CA ALA A 88 5.18 9.80 8.19
C ALA A 88 4.72 8.74 7.20
N PHE A 89 3.57 8.98 6.58
CA PHE A 89 3.02 8.04 5.59
C PHE A 89 3.96 7.88 4.41
N LYS A 90 4.02 8.92 3.57
CA LYS A 90 4.88 8.90 2.39
C LYS A 90 6.24 8.30 2.72
N ASN A 91 6.63 8.41 3.99
CA ASN A 91 7.92 7.88 4.44
C ASN A 91 8.05 6.40 4.09
N ILE A 92 7.25 5.58 4.74
CA ILE A 92 7.27 4.14 4.51
C ILE A 92 6.47 3.77 3.27
N ALA A 93 5.40 4.53 3.01
CA ALA A 93 4.55 4.28 1.85
C ALA A 93 5.36 4.30 0.56
N SER A 94 6.44 5.08 0.55
CA SER A 94 7.29 5.18 -0.63
C SER A 94 8.29 4.01 -0.68
N LYS A 95 8.48 3.36 0.46
CA LYS A 95 9.40 2.24 0.54
C LYS A 95 8.76 0.98 -0.05
N ILE A 96 7.44 0.88 0.05
CA ILE A 96 6.72 -0.26 -0.47
C ILE A 96 6.60 -0.19 -2.00
N ALA A 97 5.87 0.81 -2.48
CA ALA A 97 5.68 0.99 -3.91
C ALA A 97 6.97 0.70 -4.68
N ASN A 98 8.05 1.39 -4.30
CA ASN A 98 9.34 1.21 -4.95
C ASN A 98 9.77 -0.25 -4.89
N GLU A 99 10.19 -0.69 -3.71
CA GLU A 99 10.64 -2.06 -3.52
C GLU A 99 9.81 -3.02 -4.37
N LEU A 100 8.49 -2.98 -4.20
CA LEU A 100 7.59 -3.85 -4.95
C LEU A 100 8.10 -4.07 -6.37
N LYS A 101 8.68 -5.25 -6.61
CA LYS A 101 9.20 -5.59 -7.92
C LYS A 101 8.10 -6.13 -8.83
N LEU A 102 7.14 -5.26 -9.16
CA LEU A 102 6.03 -5.65 -10.02
C LEU A 102 6.11 -4.91 -11.36
N GLY A 1 -11.57 16.75 -7.92
CA GLY A 1 -11.57 15.81 -6.81
C GLY A 1 -12.92 15.70 -6.15
N SER A 2 -12.93 15.67 -4.82
CA SER A 2 -14.18 15.57 -4.06
C SER A 2 -14.42 16.84 -3.24
N SER A 3 -15.54 17.49 -3.51
CA SER A 3 -15.89 18.72 -2.81
C SER A 3 -15.72 18.55 -1.30
N GLY A 4 -15.56 19.66 -0.60
CA GLY A 4 -15.38 19.61 0.85
C GLY A 4 -15.26 21.00 1.46
N SER A 5 -16.04 21.24 2.51
CA SER A 5 -16.02 22.54 3.19
C SER A 5 -14.83 22.63 4.15
N SER A 6 -14.76 21.70 5.09
CA SER A 6 -13.68 21.67 6.07
C SER A 6 -12.35 21.36 5.40
N GLY A 7 -12.26 20.19 4.79
CA GLY A 7 -11.03 19.79 4.12
C GLY A 7 -10.82 18.29 4.13
N ARG A 8 -11.07 17.65 2.98
CA ARG A 8 -10.92 16.21 2.86
C ARG A 8 -10.75 15.81 1.40
N PHE A 9 -9.87 14.84 1.15
CA PHE A 9 -9.61 14.37 -0.20
C PHE A 9 -9.09 12.94 -0.18
N THR A 10 -9.75 12.06 -0.94
CA THR A 10 -9.36 10.66 -1.01
C THR A 10 -7.94 10.50 -1.54
N TRP A 11 -7.50 9.27 -1.70
CA TRP A 11 -6.15 8.99 -2.20
C TRP A 11 -6.21 8.35 -3.58
N SER A 12 -5.19 8.63 -4.40
CA SER A 12 -5.12 8.09 -5.74
C SER A 12 -4.17 6.90 -5.82
N MET A 13 -3.98 6.36 -7.01
CA MET A 13 -3.09 5.23 -7.22
C MET A 13 -2.18 5.46 -8.42
N LYS A 14 -1.00 4.85 -8.39
CA LYS A 14 -0.04 4.98 -9.48
C LYS A 14 0.45 3.62 -9.94
N THR A 15 1.16 2.92 -9.06
CA THR A 15 1.68 1.59 -9.38
C THR A 15 0.60 0.70 -9.95
N THR A 16 1.00 -0.21 -10.84
CA THR A 16 0.07 -1.13 -11.47
C THR A 16 0.78 -2.36 -12.02
N SER A 17 0.10 -3.49 -12.03
CA SER A 17 0.67 -4.74 -12.55
C SER A 17 -0.40 -5.59 -13.21
N SER A 18 0.00 -6.29 -14.28
CA SER A 18 -0.93 -7.14 -15.02
C SER A 18 -0.73 -8.61 -14.63
N MET A 19 0.12 -8.84 -13.64
CA MET A 19 0.40 -10.20 -13.18
C MET A 19 -0.72 -10.69 -12.25
N ASP A 20 -0.94 -12.00 -12.24
CA ASP A 20 -1.97 -12.59 -11.40
C ASP A 20 -1.87 -12.07 -9.97
N PRO A 21 -3.03 -11.93 -9.30
CA PRO A 21 -3.09 -11.43 -7.92
C PRO A 21 -2.54 -12.45 -6.93
N SER A 22 -2.73 -13.73 -7.23
CA SER A 22 -2.25 -14.80 -6.36
C SER A 22 -0.75 -14.66 -6.10
N ASP A 23 -0.06 -14.00 -7.02
CA ASP A 23 1.38 -13.80 -6.90
C ASP A 23 1.69 -12.51 -6.14
N MET A 24 0.82 -11.52 -6.29
CA MET A 24 1.01 -10.24 -5.63
C MET A 24 0.89 -10.39 -4.12
N MET A 25 -0.30 -10.77 -3.65
CA MET A 25 -0.55 -10.95 -2.23
C MET A 25 0.65 -11.63 -1.56
N ARG A 26 1.26 -12.58 -2.27
CA ARG A 26 2.41 -13.30 -1.74
C ARG A 26 3.65 -12.41 -1.70
N GLU A 27 4.00 -11.84 -2.86
CA GLU A 27 5.17 -10.98 -2.95
C GLU A 27 5.09 -9.85 -1.92
N ILE A 28 3.94 -9.18 -1.87
CA ILE A 28 3.73 -8.08 -0.94
C ILE A 28 4.15 -8.48 0.47
N ARG A 29 3.73 -9.67 0.90
CA ARG A 29 4.06 -10.16 2.23
C ARG A 29 5.55 -10.47 2.34
N LYS A 30 6.15 -10.90 1.23
CA LYS A 30 7.57 -11.23 1.21
C LYS A 30 8.42 -9.98 1.44
N VAL A 31 8.13 -8.93 0.69
CA VAL A 31 8.86 -7.68 0.83
C VAL A 31 8.72 -7.10 2.22
N LEU A 32 7.51 -7.15 2.77
CA LEU A 32 7.24 -6.64 4.10
C LEU A 32 8.26 -7.17 5.11
N GLY A 33 8.49 -8.49 5.07
CA GLY A 33 9.44 -9.10 5.98
C GLY A 33 10.83 -8.50 5.85
N ALA A 34 11.18 -8.08 4.64
CA ALA A 34 12.49 -7.50 4.39
C ALA A 34 12.64 -6.15 5.10
N ASN A 35 11.53 -5.41 5.17
CA ASN A 35 11.54 -4.10 5.83
C ASN A 35 11.01 -4.21 7.26
N ASN A 36 11.35 -5.30 7.93
CA ASN A 36 10.91 -5.51 9.31
C ASN A 36 9.51 -4.94 9.52
N CYS A 37 8.58 -5.30 8.63
CA CYS A 37 7.21 -4.83 8.73
C CYS A 37 6.27 -5.96 9.14
N ASP A 38 5.20 -5.61 9.82
CA ASP A 38 4.22 -6.58 10.28
C ASP A 38 2.93 -6.50 9.46
N TYR A 39 2.36 -7.64 9.12
CA TYR A 39 1.14 -7.69 8.34
C TYR A 39 0.10 -8.61 9.00
N GLU A 40 -1.16 -8.42 8.63
CA GLU A 40 -2.24 -9.24 9.18
C GLU A 40 -3.41 -9.32 8.20
N GLN A 41 -4.11 -10.45 8.22
CA GLN A 41 -5.25 -10.65 7.33
C GLN A 41 -6.53 -10.10 7.96
N ARG A 42 -6.88 -8.87 7.57
CA ARG A 42 -8.08 -8.23 8.09
C ARG A 42 -9.31 -8.62 7.28
N GLU A 43 -9.29 -8.31 5.99
CA GLU A 43 -10.40 -8.64 5.10
C GLU A 43 -9.97 -9.64 4.02
N ARG A 44 -10.91 -10.02 3.17
CA ARG A 44 -10.63 -10.95 2.10
C ARG A 44 -9.22 -10.75 1.54
N PHE A 45 -9.04 -9.66 0.82
CA PHE A 45 -7.73 -9.35 0.23
C PHE A 45 -7.17 -8.06 0.81
N LEU A 46 -7.53 -7.76 2.06
CA LEU A 46 -7.07 -6.56 2.73
C LEU A 46 -6.17 -6.91 3.92
N LEU A 47 -4.95 -6.37 3.90
CA LEU A 47 -3.99 -6.63 4.98
C LEU A 47 -3.67 -5.35 5.72
N PHE A 48 -3.10 -5.49 6.92
CA PHE A 48 -2.73 -4.35 7.74
C PHE A 48 -1.22 -4.30 7.97
N CYS A 49 -0.55 -3.47 7.18
CA CYS A 49 0.91 -3.32 7.28
C CYS A 49 1.28 -2.42 8.46
N VAL A 50 2.50 -2.57 8.94
CA VAL A 50 2.98 -1.77 10.07
C VAL A 50 4.49 -1.62 10.03
N HIS A 51 4.97 -0.40 10.26
CA HIS A 51 6.40 -0.13 10.26
C HIS A 51 6.77 0.87 11.34
N GLY A 52 7.94 0.68 11.95
CA GLY A 52 8.38 1.58 13.00
C GLY A 52 9.65 2.31 12.64
N ASP A 53 9.54 3.27 11.73
CA ASP A 53 10.69 4.06 11.28
C ASP A 53 10.88 5.28 12.18
N GLY A 54 10.54 5.13 13.45
CA GLY A 54 10.69 6.23 14.39
C GLY A 54 10.32 5.84 15.81
N HIS A 55 9.72 6.77 16.54
CA HIS A 55 9.31 6.52 17.92
C HIS A 55 7.86 6.06 17.99
N ALA A 56 7.43 5.63 19.17
CA ALA A 56 6.06 5.16 19.36
C ALA A 56 5.06 6.16 18.79
N GLU A 57 5.16 7.41 19.22
CA GLU A 57 4.25 8.45 18.75
C GLU A 57 4.41 8.67 17.25
N ASN A 58 5.41 8.03 16.67
CA ASN A 58 5.68 8.15 15.24
C ASN A 58 5.46 6.82 14.52
N LEU A 59 4.51 6.04 15.03
CA LEU A 59 4.20 4.74 14.44
C LEU A 59 3.28 4.89 13.24
N VAL A 60 3.73 4.39 12.09
CA VAL A 60 2.96 4.48 10.86
C VAL A 60 2.25 3.16 10.56
N GLN A 61 0.95 3.23 10.31
CA GLN A 61 0.16 2.03 10.02
C GLN A 61 -0.75 2.27 8.82
N TRP A 62 -0.73 1.34 7.87
CA TRP A 62 -1.55 1.45 6.68
C TRP A 62 -1.97 0.07 6.19
N GLU A 63 -3.05 0.02 5.41
CA GLU A 63 -3.56 -1.24 4.87
C GLU A 63 -3.31 -1.32 3.36
N MET A 64 -3.42 -2.53 2.83
CA MET A 64 -3.22 -2.74 1.39
C MET A 64 -4.12 -3.86 0.88
N GLU A 65 -4.52 -3.76 -0.38
CA GLU A 65 -5.38 -4.76 -0.99
C GLU A 65 -5.18 -4.81 -2.51
N VAL A 66 -5.34 -5.99 -3.09
CA VAL A 66 -5.17 -6.16 -4.53
C VAL A 66 -6.53 -6.25 -5.22
N CYS A 67 -6.92 -5.16 -5.88
CA CYS A 67 -8.19 -5.11 -6.59
C CYS A 67 -7.98 -4.71 -8.05
N LYS A 68 -8.85 -5.22 -8.93
CA LYS A 68 -8.75 -4.91 -10.35
C LYS A 68 -9.28 -3.50 -10.63
N LEU A 69 -8.38 -2.63 -11.09
CA LEU A 69 -8.76 -1.26 -11.41
C LEU A 69 -9.82 -1.21 -12.50
N PRO A 70 -10.81 -0.32 -12.33
CA PRO A 70 -11.90 -0.17 -13.30
C PRO A 70 -11.43 0.47 -14.60
N ARG A 71 -10.48 1.38 -14.50
CA ARG A 71 -9.93 2.07 -15.67
C ARG A 71 -9.11 1.10 -16.52
N LEU A 72 -7.95 0.71 -16.01
CA LEU A 72 -7.06 -0.20 -16.72
C LEU A 72 -7.49 -1.65 -16.53
N SER A 73 -7.08 -2.52 -17.43
CA SER A 73 -7.42 -3.93 -17.36
C SER A 73 -6.34 -4.72 -16.64
N LEU A 74 -5.96 -4.25 -15.46
CA LEU A 74 -4.92 -4.91 -14.67
C LEU A 74 -5.22 -4.79 -13.17
N ASN A 75 -4.46 -5.52 -12.36
CA ASN A 75 -4.64 -5.49 -10.91
C ASN A 75 -3.60 -4.57 -10.26
N GLY A 76 -4.07 -3.76 -9.31
CA GLY A 76 -3.17 -2.83 -8.63
C GLY A 76 -3.23 -2.99 -7.12
N VAL A 77 -2.73 -1.99 -6.40
CA VAL A 77 -2.72 -2.02 -4.95
C VAL A 77 -3.20 -0.69 -4.37
N ARG A 78 -4.28 -0.74 -3.60
CA ARG A 78 -4.83 0.47 -2.99
C ARG A 78 -4.18 0.74 -1.63
N PHE A 79 -3.40 1.81 -1.56
CA PHE A 79 -2.72 2.18 -0.33
C PHE A 79 -3.58 3.12 0.51
N LYS A 80 -4.25 2.57 1.51
CA LYS A 80 -5.11 3.36 2.38
C LYS A 80 -4.37 3.75 3.66
N ARG A 81 -4.32 5.06 3.92
CA ARG A 81 -3.64 5.56 5.11
C ARG A 81 -4.53 5.41 6.35
N ILE A 82 -3.99 4.76 7.38
CA ILE A 82 -4.74 4.56 8.61
C ILE A 82 -4.23 5.47 9.72
N SER A 83 -2.99 5.27 10.13
CA SER A 83 -2.39 6.09 11.18
C SER A 83 -1.18 6.85 10.66
N GLY A 84 -0.53 7.60 11.53
CA GLY A 84 0.64 8.37 11.14
C GLY A 84 0.29 9.50 10.19
N THR A 85 0.89 10.67 10.39
CA THR A 85 0.64 11.83 9.55
C THR A 85 0.91 11.51 8.09
N SER A 86 0.45 12.39 7.20
CA SER A 86 0.65 12.20 5.77
C SER A 86 2.13 12.03 5.44
N ILE A 87 2.94 12.98 5.88
CA ILE A 87 4.38 12.94 5.64
C ILE A 87 4.96 11.57 5.99
N ALA A 88 4.85 11.20 7.26
CA ALA A 88 5.37 9.92 7.73
C ALA A 88 4.82 8.77 6.89
N PHE A 89 3.50 8.78 6.67
CA PHE A 89 2.85 7.74 5.89
C PHE A 89 3.54 7.56 4.54
N LYS A 90 3.39 8.55 3.66
CA LYS A 90 4.00 8.50 2.34
C LYS A 90 5.45 8.05 2.43
N ASN A 91 6.11 8.39 3.54
CA ASN A 91 7.50 8.01 3.74
C ASN A 91 7.69 6.51 3.64
N ILE A 92 7.01 5.78 4.51
CA ILE A 92 7.09 4.33 4.52
C ILE A 92 6.44 3.73 3.28
N ALA A 93 5.43 4.42 2.77
CA ALA A 93 4.72 3.95 1.58
C ALA A 93 5.64 3.97 0.35
N SER A 94 6.62 4.85 0.37
CA SER A 94 7.57 4.97 -0.73
C SER A 94 8.50 3.77 -0.77
N LYS A 95 8.76 3.18 0.39
CA LYS A 95 9.64 2.03 0.49
C LYS A 95 9.01 0.80 -0.16
N ILE A 96 7.69 0.71 -0.10
CA ILE A 96 6.96 -0.41 -0.68
C ILE A 96 6.74 -0.19 -2.17
N ALA A 97 6.26 0.99 -2.54
CA ALA A 97 6.00 1.32 -3.94
C ALA A 97 7.21 0.98 -4.80
N ASN A 98 8.41 1.27 -4.29
CA ASN A 98 9.64 0.99 -5.02
C ASN A 98 10.05 -0.47 -4.87
N GLU A 99 10.40 -0.85 -3.65
CA GLU A 99 10.82 -2.22 -3.37
C GLU A 99 9.94 -3.22 -4.12
N LEU A 100 8.63 -3.05 -4.02
CA LEU A 100 7.68 -3.93 -4.69
C LEU A 100 8.21 -4.37 -6.05
N LYS A 101 8.62 -5.63 -6.15
CA LYS A 101 9.15 -6.17 -7.39
C LYS A 101 8.02 -6.47 -8.37
N LEU A 102 7.18 -5.49 -8.62
CA LEU A 102 6.05 -5.65 -9.54
C LEU A 102 6.01 -4.50 -10.56
N GLY A 1 -4.74 14.47 -11.79
CA GLY A 1 -5.30 13.33 -12.49
C GLY A 1 -4.80 13.21 -13.91
N SER A 2 -5.56 12.51 -14.74
CA SER A 2 -5.19 12.33 -16.14
C SER A 2 -5.88 13.35 -17.03
N SER A 3 -5.17 13.81 -18.05
CA SER A 3 -5.72 14.81 -18.98
C SER A 3 -6.47 15.89 -18.22
N GLY A 4 -5.89 16.34 -17.11
CA GLY A 4 -6.52 17.38 -16.31
C GLY A 4 -8.04 17.25 -16.29
N SER A 5 -8.55 16.42 -15.39
CA SER A 5 -9.99 16.21 -15.28
C SER A 5 -10.44 16.33 -13.82
N SER A 6 -11.62 16.92 -13.62
CA SER A 6 -12.17 17.11 -12.29
C SER A 6 -12.19 15.78 -11.52
N GLY A 7 -12.57 15.84 -10.25
CA GLY A 7 -12.63 14.65 -9.43
C GLY A 7 -11.26 14.07 -9.16
N ARG A 8 -11.09 13.50 -7.97
CA ARG A 8 -9.80 12.91 -7.59
C ARG A 8 -10.00 11.47 -7.12
N PHE A 9 -9.34 10.55 -7.81
CA PHE A 9 -9.45 9.13 -7.47
C PHE A 9 -9.30 8.92 -5.98
N THR A 10 -10.16 8.07 -5.42
CA THR A 10 -10.13 7.79 -3.98
C THR A 10 -8.75 7.33 -3.54
N TRP A 11 -8.13 6.45 -4.33
CA TRP A 11 -6.80 5.94 -4.02
C TRP A 11 -5.88 6.08 -5.22
N SER A 12 -4.67 6.57 -4.98
CA SER A 12 -3.68 6.76 -6.04
C SER A 12 -2.95 5.45 -6.34
N MET A 13 -3.35 4.77 -7.40
CA MET A 13 -2.73 3.51 -7.79
C MET A 13 -1.55 3.75 -8.72
N LYS A 14 -0.43 4.17 -8.15
CA LYS A 14 0.78 4.43 -8.93
C LYS A 14 1.49 3.13 -9.30
N THR A 15 1.36 2.13 -8.44
CA THR A 15 1.98 0.83 -8.67
C THR A 15 1.05 -0.09 -9.46
N THR A 16 1.45 -0.43 -10.69
CA THR A 16 0.65 -1.30 -11.53
C THR A 16 1.41 -2.58 -11.88
N SER A 17 0.82 -3.72 -11.55
CA SER A 17 1.45 -5.01 -11.83
C SER A 17 0.97 -5.57 -13.17
N SER A 18 1.45 -6.77 -13.50
CA SER A 18 1.06 -7.42 -14.75
C SER A 18 0.51 -8.81 -14.49
N MET A 19 1.23 -9.59 -13.68
CA MET A 19 0.81 -10.94 -13.34
C MET A 19 -0.51 -10.93 -12.58
N ASP A 20 -1.05 -12.12 -12.32
CA ASP A 20 -2.31 -12.24 -11.60
C ASP A 20 -2.16 -11.78 -10.16
N PRO A 21 -3.30 -11.48 -9.51
CA PRO A 21 -3.32 -11.01 -8.11
C PRO A 21 -2.95 -12.12 -7.13
N SER A 22 -3.12 -13.36 -7.56
CA SER A 22 -2.81 -14.51 -6.72
C SER A 22 -1.35 -14.45 -6.24
N ASP A 23 -0.55 -13.66 -6.93
CA ASP A 23 0.87 -13.51 -6.57
C ASP A 23 1.05 -12.41 -5.54
N MET A 24 0.34 -11.30 -5.71
CA MET A 24 0.42 -10.17 -4.80
C MET A 24 0.32 -10.64 -3.35
N MET A 25 -0.84 -11.22 -3.00
CA MET A 25 -1.06 -11.71 -1.65
C MET A 25 0.21 -12.34 -1.08
N ARG A 26 1.04 -12.87 -1.96
CA ARG A 26 2.28 -13.51 -1.54
C ARG A 26 3.43 -12.49 -1.52
N GLU A 27 3.47 -11.62 -2.53
CA GLU A 27 4.51 -10.61 -2.63
C GLU A 27 4.39 -9.61 -1.47
N ILE A 28 3.20 -9.08 -1.28
CA ILE A 28 2.95 -8.10 -0.21
C ILE A 28 3.63 -8.53 1.08
N ARG A 29 3.40 -9.79 1.47
CA ARG A 29 3.99 -10.32 2.69
C ARG A 29 5.49 -10.49 2.55
N LYS A 30 5.93 -10.88 1.36
CA LYS A 30 7.35 -11.08 1.09
C LYS A 30 8.11 -9.77 1.26
N VAL A 31 7.84 -8.79 0.40
CA VAL A 31 8.51 -7.50 0.46
C VAL A 31 8.56 -6.98 1.90
N LEU A 32 7.38 -6.78 2.49
CA LEU A 32 7.30 -6.28 3.86
C LEU A 32 8.21 -7.08 4.78
N GLY A 33 8.04 -8.39 4.77
CA GLY A 33 8.85 -9.25 5.62
C GLY A 33 10.32 -8.84 5.63
N ALA A 34 10.81 -8.40 4.48
CA ALA A 34 12.20 -7.97 4.37
C ALA A 34 12.42 -6.64 5.07
N ASN A 35 11.47 -5.73 4.93
CA ASN A 35 11.57 -4.41 5.55
C ASN A 35 11.08 -4.46 7.01
N ASN A 36 11.48 -5.52 7.72
CA ASN A 36 11.09 -5.68 9.11
C ASN A 36 9.69 -5.14 9.35
N CYS A 37 8.82 -5.31 8.37
CA CYS A 37 7.44 -4.84 8.47
C CYS A 37 6.51 -5.98 8.88
N ASP A 38 5.42 -5.62 9.55
CA ASP A 38 4.44 -6.61 10.00
C ASP A 38 3.15 -6.51 9.20
N TYR A 39 2.63 -7.65 8.78
CA TYR A 39 1.39 -7.69 7.99
C TYR A 39 0.43 -8.75 8.54
N GLU A 40 -0.79 -8.32 8.82
CA GLU A 40 -1.81 -9.22 9.35
C GLU A 40 -2.98 -9.36 8.38
N GLN A 41 -3.45 -10.59 8.21
CA GLN A 41 -4.57 -10.85 7.31
C GLN A 41 -5.88 -10.31 7.89
N ARG A 42 -6.29 -9.15 7.39
CA ARG A 42 -7.53 -8.52 7.85
C ARG A 42 -8.72 -8.98 7.02
N GLU A 43 -8.67 -8.69 5.72
CA GLU A 43 -9.76 -9.07 4.82
C GLU A 43 -9.30 -10.19 3.88
N ARG A 44 -10.20 -10.60 2.99
CA ARG A 44 -9.90 -11.66 2.04
C ARG A 44 -8.56 -11.40 1.34
N PHE A 45 -8.46 -10.25 0.70
CA PHE A 45 -7.23 -9.88 -0.01
C PHE A 45 -6.64 -8.60 0.56
N LEU A 46 -6.84 -8.38 1.85
CA LEU A 46 -6.33 -7.18 2.52
C LEU A 46 -5.38 -7.55 3.64
N LEU A 47 -4.54 -6.60 4.04
CA LEU A 47 -3.57 -6.83 5.11
C LEU A 47 -3.23 -5.52 5.81
N PHE A 48 -2.77 -5.63 7.06
CA PHE A 48 -2.41 -4.46 7.85
C PHE A 48 -0.90 -4.26 7.85
N CYS A 49 -0.42 -3.36 7.00
CA CYS A 49 1.00 -3.07 6.90
C CYS A 49 1.47 -2.24 8.09
N VAL A 50 2.54 -2.71 8.75
CA VAL A 50 3.08 -2.02 9.91
C VAL A 50 4.59 -1.88 9.80
N HIS A 51 5.10 -0.68 10.10
CA HIS A 51 6.52 -0.42 10.04
C HIS A 51 6.96 0.52 11.17
N GLY A 52 8.19 0.34 11.64
CA GLY A 52 8.69 1.17 12.71
C GLY A 52 10.19 1.42 12.60
N ASP A 53 10.59 2.10 11.54
CA ASP A 53 12.00 2.40 11.32
C ASP A 53 12.42 3.65 12.09
N GLY A 54 12.10 3.68 13.38
CA GLY A 54 12.46 4.82 14.20
C GLY A 54 11.86 4.73 15.60
N HIS A 55 11.16 5.78 16.01
CA HIS A 55 10.53 5.83 17.32
C HIS A 55 9.14 5.21 17.28
N ALA A 56 8.64 4.82 18.45
CA ALA A 56 7.31 4.22 18.54
C ALA A 56 6.22 5.28 18.48
N GLU A 57 6.63 6.54 18.38
CA GLU A 57 5.69 7.65 18.29
C GLU A 57 5.52 8.12 16.85
N ASN A 58 6.32 7.56 15.96
CA ASN A 58 6.27 7.92 14.54
C ASN A 58 5.93 6.71 13.68
N LEU A 59 5.42 5.66 14.32
CA LEU A 59 5.05 4.44 13.62
C LEU A 59 3.96 4.71 12.59
N VAL A 60 3.94 3.92 11.52
CA VAL A 60 2.96 4.07 10.47
C VAL A 60 2.18 2.79 10.24
N GLN A 61 0.86 2.91 10.16
CA GLN A 61 -0.01 1.76 9.95
C GLN A 61 -0.98 2.00 8.80
N TRP A 62 -0.95 1.11 7.81
CA TRP A 62 -1.83 1.23 6.65
C TRP A 62 -2.19 -0.15 6.10
N GLU A 63 -3.20 -0.18 5.22
CA GLU A 63 -3.64 -1.43 4.61
C GLU A 63 -3.28 -1.48 3.14
N MET A 64 -3.10 -2.69 2.62
CA MET A 64 -2.76 -2.88 1.22
C MET A 64 -3.60 -3.99 0.59
N GLU A 65 -4.70 -3.61 -0.04
CA GLU A 65 -5.59 -4.57 -0.67
C GLU A 65 -5.32 -4.65 -2.18
N VAL A 66 -5.56 -5.82 -2.75
CA VAL A 66 -5.34 -6.03 -4.18
C VAL A 66 -6.66 -5.99 -4.95
N CYS A 67 -6.61 -5.44 -6.17
CA CYS A 67 -7.80 -5.35 -7.00
C CYS A 67 -7.44 -4.83 -8.39
N LYS A 68 -8.40 -4.93 -9.31
CA LYS A 68 -8.18 -4.48 -10.68
C LYS A 68 -8.47 -2.98 -10.81
N LEU A 69 -7.86 -2.35 -11.80
CA LEU A 69 -8.06 -0.92 -12.03
C LEU A 69 -9.19 -0.68 -13.02
N PRO A 70 -9.96 0.40 -12.80
CA PRO A 70 -11.09 0.76 -13.65
C PRO A 70 -10.64 1.25 -15.03
N ARG A 71 -9.60 2.09 -15.04
CA ARG A 71 -9.07 2.62 -16.29
C ARG A 71 -8.13 1.62 -16.96
N LEU A 72 -7.29 0.99 -16.17
CA LEU A 72 -6.33 0.01 -16.67
C LEU A 72 -6.79 -1.41 -16.36
N SER A 73 -6.56 -2.32 -17.30
CA SER A 73 -6.95 -3.71 -17.12
C SER A 73 -5.89 -4.49 -16.35
N LEU A 74 -5.38 -3.89 -15.29
CA LEU A 74 -4.36 -4.52 -14.47
C LEU A 74 -4.75 -4.52 -12.99
N ASN A 75 -3.85 -4.99 -12.14
CA ASN A 75 -4.11 -5.05 -10.70
C ASN A 75 -3.06 -4.25 -9.93
N GLY A 76 -3.52 -3.36 -9.05
CA GLY A 76 -2.62 -2.55 -8.27
C GLY A 76 -2.99 -2.53 -6.79
N VAL A 77 -1.99 -2.31 -5.95
CA VAL A 77 -2.20 -2.27 -4.50
C VAL A 77 -2.58 -0.87 -4.04
N ARG A 78 -3.70 -0.76 -3.33
CA ARG A 78 -4.17 0.53 -2.84
C ARG A 78 -3.75 0.73 -1.38
N PHE A 79 -2.94 1.75 -1.14
CA PHE A 79 -2.46 2.05 0.21
C PHE A 79 -3.44 2.97 0.93
N LYS A 80 -4.16 2.42 1.90
CA LYS A 80 -5.13 3.20 2.66
C LYS A 80 -4.50 3.75 3.94
N ARG A 81 -4.54 5.07 4.08
CA ARG A 81 -3.96 5.73 5.26
C ARG A 81 -4.86 5.54 6.48
N ILE A 82 -4.46 4.64 7.37
CA ILE A 82 -5.22 4.36 8.57
C ILE A 82 -4.86 5.34 9.69
N SER A 83 -3.58 5.38 10.04
CA SER A 83 -3.10 6.27 11.09
C SER A 83 -1.86 7.02 10.64
N GLY A 84 -1.30 7.83 11.54
CA GLY A 84 -0.11 8.59 11.21
C GLY A 84 -0.40 9.80 10.35
N THR A 85 0.58 10.68 10.19
CA THR A 85 0.41 11.87 9.37
C THR A 85 0.81 11.62 7.93
N SER A 86 0.34 12.47 7.03
CA SER A 86 0.65 12.34 5.61
C SER A 86 2.15 12.14 5.39
N ILE A 87 2.94 13.12 5.84
CA ILE A 87 4.39 13.05 5.70
C ILE A 87 4.91 11.65 5.99
N ALA A 88 4.66 11.17 7.20
CA ALA A 88 5.10 9.83 7.60
C ALA A 88 4.58 8.78 6.64
N PHE A 89 3.29 8.86 6.30
CA PHE A 89 2.67 7.91 5.39
C PHE A 89 3.44 7.82 4.08
N LYS A 90 3.48 8.92 3.35
CA LYS A 90 4.20 8.98 2.08
C LYS A 90 5.63 8.47 2.23
N ASN A 91 6.25 8.83 3.35
CA ASN A 91 7.62 8.41 3.63
C ASN A 91 7.79 6.91 3.40
N ILE A 92 7.09 6.11 4.18
CA ILE A 92 7.17 4.66 4.05
C ILE A 92 6.55 4.18 2.74
N ALA A 93 5.48 4.87 2.32
CA ALA A 93 4.80 4.52 1.08
C ALA A 93 5.79 4.35 -0.07
N SER A 94 6.86 5.15 -0.05
CA SER A 94 7.88 5.10 -1.08
C SER A 94 8.74 3.86 -0.93
N LYS A 95 8.84 3.36 0.30
CA LYS A 95 9.63 2.17 0.58
C LYS A 95 8.94 0.91 0.03
N ILE A 96 7.62 0.89 0.10
CA ILE A 96 6.85 -0.25 -0.38
C ILE A 96 6.71 -0.21 -1.90
N ALA A 97 6.14 0.89 -2.41
CA ALA A 97 5.95 1.05 -3.84
C ALA A 97 7.23 0.72 -4.61
N ASN A 98 8.36 1.23 -4.12
CA ASN A 98 9.65 0.98 -4.75
C ASN A 98 10.02 -0.49 -4.68
N GLU A 99 10.33 -0.96 -3.47
CA GLU A 99 10.71 -2.36 -3.26
C GLU A 99 9.80 -3.28 -4.07
N LEU A 100 8.49 -3.12 -3.91
CA LEU A 100 7.53 -3.95 -4.62
C LEU A 100 7.97 -4.19 -6.06
N LYS A 101 8.63 -5.32 -6.28
CA LYS A 101 9.11 -5.68 -7.61
C LYS A 101 7.97 -6.24 -8.46
N LEU A 102 7.10 -5.35 -8.94
CA LEU A 102 5.97 -5.76 -9.77
C LEU A 102 6.05 -5.11 -11.16
N GLY A 1 -20.97 15.93 3.36
CA GLY A 1 -21.12 14.55 3.79
C GLY A 1 -20.54 13.56 2.80
N SER A 2 -20.87 12.28 2.98
CA SER A 2 -20.36 11.24 2.09
C SER A 2 -21.03 11.33 0.72
N SER A 3 -20.54 12.23 -0.12
CA SER A 3 -21.09 12.42 -1.46
C SER A 3 -20.15 11.84 -2.52
N GLY A 4 -20.72 11.03 -3.41
CA GLY A 4 -19.92 10.43 -4.47
C GLY A 4 -19.39 9.06 -4.08
N SER A 5 -18.14 9.02 -3.62
CA SER A 5 -17.51 7.76 -3.23
C SER A 5 -17.75 7.49 -1.75
N SER A 6 -17.37 6.29 -1.30
CA SER A 6 -17.55 5.90 0.09
C SER A 6 -16.21 5.55 0.73
N GLY A 7 -15.46 4.66 0.09
CA GLY A 7 -14.17 4.26 0.61
C GLY A 7 -13.03 4.65 -0.31
N ARG A 8 -13.03 5.90 -0.74
CA ARG A 8 -11.99 6.40 -1.64
C ARG A 8 -11.29 7.63 -1.03
N PHE A 9 -9.98 7.55 -0.90
CA PHE A 9 -9.19 8.65 -0.34
C PHE A 9 -8.22 9.21 -1.38
N THR A 10 -8.75 9.55 -2.55
CA THR A 10 -7.94 10.09 -3.63
C THR A 10 -6.56 9.45 -3.66
N TRP A 11 -6.53 8.13 -3.44
CA TRP A 11 -5.27 7.39 -3.44
C TRP A 11 -4.48 7.68 -4.71
N SER A 12 -3.15 7.65 -4.59
CA SER A 12 -2.27 7.92 -5.71
C SER A 12 -1.11 6.94 -5.74
N MET A 13 -0.80 6.43 -6.93
CA MET A 13 0.30 5.47 -7.08
C MET A 13 0.55 5.19 -8.56
N LYS A 14 1.74 4.67 -8.86
CA LYS A 14 2.12 4.35 -10.23
C LYS A 14 2.75 2.96 -10.31
N THR A 15 2.20 2.02 -9.55
CA THR A 15 2.71 0.66 -9.54
C THR A 15 1.63 -0.33 -9.95
N THR A 16 1.76 -0.88 -11.15
CA THR A 16 0.80 -1.85 -11.67
C THR A 16 1.50 -3.04 -12.31
N SER A 17 1.09 -4.24 -11.92
CA SER A 17 1.68 -5.46 -12.45
C SER A 17 0.77 -6.09 -13.50
N SER A 18 1.34 -6.98 -14.31
CA SER A 18 0.57 -7.66 -15.36
C SER A 18 0.41 -9.15 -15.04
N MET A 19 0.03 -9.44 -13.80
CA MET A 19 -0.15 -10.82 -13.37
C MET A 19 -1.39 -10.96 -12.49
N ASP A 20 -1.76 -12.20 -12.18
CA ASP A 20 -2.93 -12.46 -11.35
C ASP A 20 -2.78 -11.82 -9.98
N PRO A 21 -3.91 -11.53 -9.32
CA PRO A 21 -3.92 -10.91 -8.00
C PRO A 21 -3.43 -11.87 -6.90
N SER A 22 -3.92 -13.09 -6.94
CA SER A 22 -3.53 -14.10 -5.96
C SER A 22 -2.02 -14.09 -5.74
N ASP A 23 -1.28 -13.82 -6.80
CA ASP A 23 0.18 -13.78 -6.72
C ASP A 23 0.65 -12.51 -6.00
N MET A 24 0.01 -11.40 -6.32
CA MET A 24 0.36 -10.12 -5.70
C MET A 24 0.51 -10.28 -4.19
N MET A 25 -0.52 -10.80 -3.54
CA MET A 25 -0.50 -11.01 -2.10
C MET A 25 0.84 -11.59 -1.65
N ARG A 26 1.27 -12.66 -2.32
CA ARG A 26 2.53 -13.32 -1.98
C ARG A 26 3.65 -12.29 -1.85
N GLU A 27 3.82 -11.46 -2.87
CA GLU A 27 4.86 -10.44 -2.88
C GLU A 27 4.69 -9.50 -1.69
N ILE A 28 3.55 -8.81 -1.63
CA ILE A 28 3.27 -7.88 -0.55
C ILE A 28 3.82 -8.39 0.77
N ARG A 29 3.35 -9.56 1.20
CA ARG A 29 3.81 -10.16 2.45
C ARG A 29 5.32 -10.36 2.44
N LYS A 30 5.82 -10.99 1.37
CA LYS A 30 7.24 -11.24 1.25
C LYS A 30 8.06 -9.97 1.53
N VAL A 31 7.86 -8.95 0.70
CA VAL A 31 8.57 -7.69 0.86
C VAL A 31 8.49 -7.20 2.30
N LEU A 32 7.27 -7.03 2.80
CA LEU A 32 7.05 -6.56 4.17
C LEU A 32 8.10 -7.13 5.10
N GLY A 33 8.24 -8.45 5.10
CA GLY A 33 9.22 -9.10 5.95
C GLY A 33 10.59 -8.47 5.85
N ALA A 34 11.09 -8.32 4.62
CA ALA A 34 12.40 -7.74 4.40
C ALA A 34 12.56 -6.44 5.19
N ASN A 35 11.53 -5.59 5.15
CA ASN A 35 11.56 -4.33 5.86
C ASN A 35 11.04 -4.48 7.29
N ASN A 36 11.23 -5.68 7.85
CA ASN A 36 10.78 -5.96 9.21
C ASN A 36 9.40 -5.37 9.46
N CYS A 37 8.52 -5.50 8.47
CA CYS A 37 7.16 -4.98 8.59
C CYS A 37 6.22 -6.04 9.15
N ASP A 38 5.16 -5.58 9.81
CA ASP A 38 4.17 -6.49 10.39
C ASP A 38 2.82 -6.36 9.69
N TYR A 39 2.35 -7.48 9.15
CA TYR A 39 1.07 -7.49 8.44
C TYR A 39 0.02 -8.25 9.24
N GLU A 40 -1.24 -8.14 8.82
CA GLU A 40 -2.34 -8.81 9.50
C GLU A 40 -3.44 -9.18 8.51
N GLN A 41 -3.96 -10.40 8.63
CA GLN A 41 -5.02 -10.87 7.75
C GLN A 41 -6.36 -10.21 8.10
N ARG A 42 -6.66 -9.12 7.42
CA ARG A 42 -7.91 -8.39 7.65
C ARG A 42 -9.05 -8.99 6.82
N GLU A 43 -9.03 -8.71 5.52
CA GLU A 43 -10.06 -9.21 4.62
C GLU A 43 -9.51 -10.32 3.72
N ARG A 44 -10.33 -10.78 2.79
CA ARG A 44 -9.93 -11.83 1.86
C ARG A 44 -8.65 -11.45 1.12
N PHE A 45 -8.56 -10.18 0.74
CA PHE A 45 -7.39 -9.69 0.02
C PHE A 45 -6.93 -8.35 0.59
N LEU A 46 -6.97 -8.23 1.91
CA LEU A 46 -6.56 -7.00 2.58
C LEU A 46 -5.65 -7.31 3.78
N LEU A 47 -4.53 -6.59 3.85
CA LEU A 47 -3.58 -6.79 4.95
C LEU A 47 -3.32 -5.49 5.68
N PHE A 48 -2.92 -5.59 6.94
CA PHE A 48 -2.63 -4.42 7.77
C PHE A 48 -1.15 -4.32 8.08
N CYS A 49 -0.44 -3.54 7.27
CA CYS A 49 1.01 -3.37 7.47
C CYS A 49 1.28 -2.46 8.66
N VAL A 50 2.51 -2.53 9.17
CA VAL A 50 2.91 -1.71 10.32
C VAL A 50 4.41 -1.46 10.32
N HIS A 51 4.79 -0.20 10.42
CA HIS A 51 6.20 0.18 10.43
C HIS A 51 6.43 1.40 11.32
N GLY A 52 7.67 1.57 11.78
CA GLY A 52 8.00 2.70 12.62
C GLY A 52 8.73 3.80 11.88
N ASP A 53 9.80 3.44 11.20
CA ASP A 53 10.60 4.39 10.45
C ASP A 53 11.02 5.57 11.33
N GLY A 54 11.33 5.28 12.59
CA GLY A 54 11.73 6.31 13.52
C GLY A 54 11.35 6.00 14.95
N HIS A 55 10.45 6.80 15.50
CA HIS A 55 10.00 6.61 16.88
C HIS A 55 8.71 5.81 16.91
N ALA A 56 8.35 5.30 18.09
CA ALA A 56 7.14 4.53 18.26
C ALA A 56 5.90 5.42 18.20
N GLU A 57 5.93 6.52 18.93
CA GLU A 57 4.81 7.45 18.96
C GLU A 57 4.44 7.90 17.55
N ASN A 58 5.34 7.65 16.60
CA ASN A 58 5.11 8.03 15.21
C ASN A 58 5.07 6.80 14.31
N LEU A 59 4.36 5.77 14.76
CA LEU A 59 4.24 4.53 13.99
C LEU A 59 3.27 4.70 12.82
N VAL A 60 3.62 4.14 11.68
CA VAL A 60 2.78 4.22 10.49
C VAL A 60 2.06 2.90 10.24
N GLN A 61 0.77 3.00 9.91
CA GLN A 61 -0.04 1.82 9.64
C GLN A 61 -0.87 1.99 8.37
N TRP A 62 -0.60 1.19 7.37
CA TRP A 62 -1.32 1.25 6.11
C TRP A 62 -1.75 -0.13 5.64
N GLU A 63 -2.89 -0.19 4.96
CA GLU A 63 -3.41 -1.46 4.47
C GLU A 63 -2.96 -1.71 3.03
N MET A 64 -3.20 -2.92 2.53
CA MET A 64 -2.82 -3.29 1.18
C MET A 64 -3.84 -4.25 0.57
N GLU A 65 -4.54 -3.80 -0.47
CA GLU A 65 -5.53 -4.62 -1.14
C GLU A 65 -5.28 -4.67 -2.64
N VAL A 66 -5.43 -5.85 -3.22
CA VAL A 66 -5.23 -6.04 -4.66
C VAL A 66 -6.56 -6.18 -5.39
N CYS A 67 -6.79 -5.30 -6.36
CA CYS A 67 -8.02 -5.34 -7.14
C CYS A 67 -7.74 -5.09 -8.61
N LYS A 68 -8.74 -5.33 -9.45
CA LYS A 68 -8.60 -5.15 -10.89
C LYS A 68 -9.09 -3.77 -11.31
N LEU A 69 -8.16 -2.89 -11.67
CA LEU A 69 -8.50 -1.54 -12.10
C LEU A 69 -9.52 -1.57 -13.24
N PRO A 70 -10.48 -0.65 -13.18
CA PRO A 70 -11.53 -0.54 -14.21
C PRO A 70 -11.00 -0.03 -15.53
N ARG A 71 -10.26 1.06 -15.50
CA ARG A 71 -9.68 1.64 -16.70
C ARG A 71 -8.32 1.01 -17.01
N LEU A 72 -7.38 1.13 -16.09
CA LEU A 72 -6.05 0.58 -16.26
C LEU A 72 -6.12 -0.92 -16.55
N SER A 73 -7.20 -1.55 -16.12
CA SER A 73 -7.39 -2.99 -16.34
C SER A 73 -6.13 -3.75 -15.97
N LEU A 74 -5.59 -3.47 -14.79
CA LEU A 74 -4.39 -4.15 -14.31
C LEU A 74 -4.44 -4.36 -12.81
N ASN A 75 -3.73 -5.37 -12.32
CA ASN A 75 -3.69 -5.69 -10.90
C ASN A 75 -2.64 -4.84 -10.19
N GLY A 76 -3.11 -3.92 -9.34
CA GLY A 76 -2.20 -3.06 -8.61
C GLY A 76 -2.25 -3.31 -7.12
N VAL A 77 -1.75 -2.35 -6.34
CA VAL A 77 -1.74 -2.46 -4.89
C VAL A 77 -2.38 -1.24 -4.24
N ARG A 78 -3.31 -1.50 -3.31
CA ARG A 78 -4.00 -0.41 -2.61
C ARG A 78 -3.20 0.05 -1.39
N PHE A 79 -3.36 1.31 -1.03
CA PHE A 79 -2.67 1.88 0.12
C PHE A 79 -3.60 2.76 0.95
N LYS A 80 -3.88 2.33 2.17
CA LYS A 80 -4.75 3.08 3.07
C LYS A 80 -3.94 3.76 4.17
N ARG A 81 -4.36 4.96 4.53
CA ARG A 81 -3.67 5.73 5.58
C ARG A 81 -4.42 5.63 6.90
N ILE A 82 -3.92 4.78 7.80
CA ILE A 82 -4.54 4.60 9.11
C ILE A 82 -3.87 5.45 10.17
N SER A 83 -2.58 5.19 10.40
CA SER A 83 -1.82 5.94 11.40
C SER A 83 -0.74 6.78 10.73
N GLY A 84 0.06 7.47 11.54
CA GLY A 84 1.11 8.31 11.01
C GLY A 84 0.58 9.44 10.15
N THR A 85 1.07 10.65 10.41
CA THR A 85 0.63 11.82 9.67
C THR A 85 0.90 11.65 8.18
N SER A 86 0.26 12.49 7.36
CA SER A 86 0.44 12.42 5.91
C SER A 86 1.90 12.20 5.55
N ILE A 87 2.76 13.12 5.97
CA ILE A 87 4.19 13.04 5.69
C ILE A 87 4.70 11.62 5.95
N ALA A 88 4.73 11.23 7.22
CA ALA A 88 5.20 9.91 7.61
C ALA A 88 4.62 8.83 6.69
N PHE A 89 3.30 8.87 6.52
CA PHE A 89 2.62 7.90 5.67
C PHE A 89 3.31 7.77 4.32
N LYS A 90 3.46 8.89 3.62
CA LYS A 90 4.11 8.91 2.32
C LYS A 90 5.55 8.39 2.41
N ASN A 91 6.32 8.98 3.32
CA ASN A 91 7.71 8.60 3.51
C ASN A 91 7.88 7.09 3.30
N ILE A 92 7.36 6.30 4.25
CA ILE A 92 7.46 4.85 4.16
C ILE A 92 6.76 4.32 2.92
N ALA A 93 5.56 4.83 2.65
CA ALA A 93 4.79 4.42 1.48
C ALA A 93 5.70 4.26 0.26
N SER A 94 6.50 5.29 -0.01
CA SER A 94 7.40 5.27 -1.15
C SER A 94 8.31 4.05 -1.10
N LYS A 95 8.77 3.71 0.09
CA LYS A 95 9.65 2.56 0.27
C LYS A 95 9.00 1.28 -0.25
N ILE A 96 7.73 1.09 0.06
CA ILE A 96 7.00 -0.07 -0.38
C ILE A 96 6.75 -0.03 -1.89
N ALA A 97 6.02 0.98 -2.33
CA ALA A 97 5.71 1.14 -3.75
C ALA A 97 6.89 0.71 -4.61
N ASN A 98 8.09 1.13 -4.23
CA ASN A 98 9.30 0.79 -4.97
C ASN A 98 9.77 -0.62 -4.63
N GLU A 99 10.10 -0.83 -3.36
CA GLU A 99 10.57 -2.14 -2.90
C GLU A 99 9.80 -3.27 -3.59
N LEU A 100 8.53 -3.00 -3.89
CA LEU A 100 7.69 -4.00 -4.54
C LEU A 100 8.22 -4.32 -5.94
N LYS A 101 8.75 -5.52 -6.10
CA LYS A 101 9.29 -5.95 -7.39
C LYS A 101 8.31 -6.90 -8.09
N LEU A 102 7.29 -6.32 -8.71
CA LEU A 102 6.29 -7.11 -9.42
C LEU A 102 6.60 -7.16 -10.92
#